data_1Z9F
# 
_entry.id   1Z9F 
# 
_audit_conform.dict_name       mmcif_pdbx.dic 
_audit_conform.dict_version    5.379 
_audit_conform.dict_location   http://mmcif.pdb.org/dictionaries/ascii/mmcif_pdbx.dic 
# 
loop_
_database_2.database_id 
_database_2.database_code 
_database_2.pdbx_database_accession 
_database_2.pdbx_DOI 
PDB   1Z9F         pdb_00001z9f 10.2210/pdb1z9f/pdb 
RCSB  RCSB032464   ?            ?                   
WWPDB D_1000032464 ?            ?                   
# 
_pdbx_database_related.db_name        TargetDB 
_pdbx_database_related.db_id          282477 
_pdbx_database_related.details        . 
_pdbx_database_related.content_type   unspecified 
# 
_pdbx_database_status.entry_id                        1Z9F 
_pdbx_database_status.deposit_site                    RCSB 
_pdbx_database_status.process_site                    RCSB 
_pdbx_database_status.recvd_initial_deposition_date   2005-04-01 
_pdbx_database_status.status_code                     REL 
_pdbx_database_status.status_code_sf                  REL 
_pdbx_database_status.status_code_mr                  ? 
_pdbx_database_status.SG_entry                        Y 
_pdbx_database_status.pdb_format_compatible           Y 
_pdbx_database_status.status_code_cs                  ? 
_pdbx_database_status.status_code_nmr_data            ? 
_pdbx_database_status.methods_development_category    ? 
# 
_audit_author.name           'Joint Center for Structural Genomics (JCSG)' 
_audit_author.pdbx_ordinal   1 
# 
_citation.id                        primary 
_citation.title                     
'Crystal structure of a single-stranded DNA-binding protein (TM0604) from Thermotoga maritima at 2.60 A resolution.' 
_citation.journal_abbrev            Proteins 
_citation.journal_volume            63 
_citation.page_first                256 
_citation.page_last                 260 
_citation.year                      2006 
_citation.journal_id_ASTM           PSFGEY 
_citation.country                   US 
_citation.journal_id_ISSN           0887-3585 
_citation.journal_id_CSD            0867 
_citation.book_publisher            ? 
_citation.pdbx_database_id_PubMed   16435371 
_citation.pdbx_database_id_DOI      10.1002/prot.20841 
# 
loop_
_citation_author.citation_id 
_citation_author.name 
_citation_author.ordinal 
_citation_author.identifier_ORCID 
primary 'DiDonato, M.'        1  ? 
primary 'Krishna, S.S.'       2  ? 
primary 'Schwarzenbacher, R.' 3  ? 
primary 'McMullan, D.'        4  ? 
primary 'Jaroszewski, L.'     5  ? 
primary 'Miller, M.D.'        6  ? 
primary 'Abdubek, P.'         7  ? 
primary 'Agarwalla, S.'       8  ? 
primary 'Ambing, E.'          9  ? 
primary 'Axelrod, H.'         10 ? 
primary 'Biorac, T.'          11 ? 
primary 'Chiu, H.J.'          12 ? 
primary 'Deacon, A.M.'        13 ? 
primary 'Elsliger, M.A.'      14 ? 
primary 'Feuerhelm, J.'       15 ? 
primary 'Godzik, A.'          16 ? 
primary 'Grittini, C.'        17 ? 
primary 'Grzechnik, S.K.'     18 ? 
primary 'Hale, J.'            19 ? 
primary 'Hampton, E.'         20 ? 
primary 'Haugen, J.'          21 ? 
primary 'Hornsby, M.'         22 ? 
primary 'Klock, H.E.'         23 ? 
primary 'Knuth, M.W.'         24 ? 
primary 'Koesema, E.'         25 ? 
primary 'Kreusch, A.'         26 ? 
primary 'Kuhn, P.'            27 ? 
primary 'Lesley, S.A.'        28 ? 
primary 'Moy, K.'             29 ? 
primary 'Nigoghossian, E.'    30 ? 
primary 'Okach, L.'           31 ? 
primary 'Paulsen, J.'         32 ? 
primary 'Quijano, K.'         33 ? 
primary 'Reyes, R.'           34 ? 
primary 'Rife, C.'            35 ? 
primary 'Spraggon, G.'        36 ? 
primary 'Stevens, R.C.'       37 ? 
primary 'van den Bedem, H.'   38 ? 
primary 'Velasquez, J.'       39 ? 
primary 'White, A.'           40 ? 
primary 'Wolf, G.'            41 ? 
primary 'Xu, Q.'              42 ? 
primary 'Hodgson, K.O.'       43 ? 
primary 'Wooley, J.'          44 ? 
primary 'Wilson, I.A.'        45 ? 
# 
_cell.length_a           76.589 
_cell.length_b           83.406 
_cell.length_c           86.431 
_cell.angle_alpha        90.000 
_cell.angle_beta         90.000 
_cell.angle_gamma        90.000 
_cell.entry_id           1Z9F 
_cell.pdbx_unique_axis   ? 
_cell.Z_PDB              16 
# 
_symmetry.Int_Tables_number                22 
_symmetry.space_group_name_H-M             'F 2 2 2' 
_symmetry.entry_id                         1Z9F 
_symmetry.pdbx_full_space_group_name_H-M   ? 
_symmetry.cell_setting                     ? 
_symmetry.space_group_name_Hall            ? 
# 
loop_
_entity.id 
_entity.type 
_entity.src_method 
_entity.pdbx_description 
_entity.formula_weight 
_entity.pdbx_number_of_molecules 
_entity.pdbx_ec 
_entity.pdbx_mutation 
_entity.pdbx_fragment 
_entity.details 
1 polymer man 'Single-strand binding protein' 17780.012 1  ? ? ? ? 
2 water   nat water                           18.015    14 ? ? ? ? 
# 
_entity_name_com.entity_id   1 
_entity_name_com.name        'SSB, Helix-destabilizing protein' 
# 
_entity_poly.entity_id                      1 
_entity_poly.type                           'polypeptide(L)' 
_entity_poly.nstd_linkage                   no 
_entity_poly.nstd_monomer                   no 
_entity_poly.pdbx_seq_one_letter_code       
;MGSDKIHHHHHHMSFFNKIILIGRLVRDPEERYTLSGTPVTTFTIAVDRVPRKNAPDDAQTTDFFRIVTFGRLAEFARTY
LTKGRLVLVEGEMRMRRWETPTGEKRVSPEVVANVVRFMDRKPAETVSETEEELEIPEEDFSSDTFSEDEPPF
;
_entity_poly.pdbx_seq_one_letter_code_can   
;MGSDKIHHHHHHMSFFNKIILIGRLVRDPEERYTLSGTPVTTFTIAVDRVPRKNAPDDAQTTDFFRIVTFGRLAEFARTY
LTKGRLVLVEGEMRMRRWETPTGEKRVSPEVVANVVRFMDRKPAETVSETEEELEIPEEDFSSDTFSEDEPPF
;
_entity_poly.pdbx_strand_id                 A 
_entity_poly.pdbx_target_identifier         282477 
# 
loop_
_entity_poly_seq.entity_id 
_entity_poly_seq.num 
_entity_poly_seq.mon_id 
_entity_poly_seq.hetero 
1 1   MET n 
1 2   GLY n 
1 3   SER n 
1 4   ASP n 
1 5   LYS n 
1 6   ILE n 
1 7   HIS n 
1 8   HIS n 
1 9   HIS n 
1 10  HIS n 
1 11  HIS n 
1 12  HIS n 
1 13  MET n 
1 14  SER n 
1 15  PHE n 
1 16  PHE n 
1 17  ASN n 
1 18  LYS n 
1 19  ILE n 
1 20  ILE n 
1 21  LEU n 
1 22  ILE n 
1 23  GLY n 
1 24  ARG n 
1 25  LEU n 
1 26  VAL n 
1 27  ARG n 
1 28  ASP n 
1 29  PRO n 
1 30  GLU n 
1 31  GLU n 
1 32  ARG n 
1 33  TYR n 
1 34  THR n 
1 35  LEU n 
1 36  SER n 
1 37  GLY n 
1 38  THR n 
1 39  PRO n 
1 40  VAL n 
1 41  THR n 
1 42  THR n 
1 43  PHE n 
1 44  THR n 
1 45  ILE n 
1 46  ALA n 
1 47  VAL n 
1 48  ASP n 
1 49  ARG n 
1 50  VAL n 
1 51  PRO n 
1 52  ARG n 
1 53  LYS n 
1 54  ASN n 
1 55  ALA n 
1 56  PRO n 
1 57  ASP n 
1 58  ASP n 
1 59  ALA n 
1 60  GLN n 
1 61  THR n 
1 62  THR n 
1 63  ASP n 
1 64  PHE n 
1 65  PHE n 
1 66  ARG n 
1 67  ILE n 
1 68  VAL n 
1 69  THR n 
1 70  PHE n 
1 71  GLY n 
1 72  ARG n 
1 73  LEU n 
1 74  ALA n 
1 75  GLU n 
1 76  PHE n 
1 77  ALA n 
1 78  ARG n 
1 79  THR n 
1 80  TYR n 
1 81  LEU n 
1 82  THR n 
1 83  LYS n 
1 84  GLY n 
1 85  ARG n 
1 86  LEU n 
1 87  VAL n 
1 88  LEU n 
1 89  VAL n 
1 90  GLU n 
1 91  GLY n 
1 92  GLU n 
1 93  MET n 
1 94  ARG n 
1 95  MET n 
1 96  ARG n 
1 97  ARG n 
1 98  TRP n 
1 99  GLU n 
1 100 THR n 
1 101 PRO n 
1 102 THR n 
1 103 GLY n 
1 104 GLU n 
1 105 LYS n 
1 106 ARG n 
1 107 VAL n 
1 108 SER n 
1 109 PRO n 
1 110 GLU n 
1 111 VAL n 
1 112 VAL n 
1 113 ALA n 
1 114 ASN n 
1 115 VAL n 
1 116 VAL n 
1 117 ARG n 
1 118 PHE n 
1 119 MET n 
1 120 ASP n 
1 121 ARG n 
1 122 LYS n 
1 123 PRO n 
1 124 ALA n 
1 125 GLU n 
1 126 THR n 
1 127 VAL n 
1 128 SER n 
1 129 GLU n 
1 130 THR n 
1 131 GLU n 
1 132 GLU n 
1 133 GLU n 
1 134 LEU n 
1 135 GLU n 
1 136 ILE n 
1 137 PRO n 
1 138 GLU n 
1 139 GLU n 
1 140 ASP n 
1 141 PHE n 
1 142 SER n 
1 143 SER n 
1 144 ASP n 
1 145 THR n 
1 146 PHE n 
1 147 SER n 
1 148 GLU n 
1 149 ASP n 
1 150 GLU n 
1 151 PRO n 
1 152 PRO n 
1 153 PHE n 
# 
_entity_src_gen.entity_id                          1 
_entity_src_gen.pdbx_src_id                        1 
_entity_src_gen.pdbx_alt_source_flag               sample 
_entity_src_gen.pdbx_seq_type                      ? 
_entity_src_gen.pdbx_beg_seq_num                   ? 
_entity_src_gen.pdbx_end_seq_num                   ? 
_entity_src_gen.gene_src_common_name               ? 
_entity_src_gen.gene_src_genus                     Thermotoga 
_entity_src_gen.pdbx_gene_src_gene                 ssb 
_entity_src_gen.gene_src_species                   ? 
_entity_src_gen.gene_src_strain                    ? 
_entity_src_gen.gene_src_tissue                    ? 
_entity_src_gen.gene_src_tissue_fraction           ? 
_entity_src_gen.gene_src_details                   ? 
_entity_src_gen.pdbx_gene_src_fragment             ? 
_entity_src_gen.pdbx_gene_src_scientific_name      'Thermotoga maritima' 
_entity_src_gen.pdbx_gene_src_ncbi_taxonomy_id     2336 
_entity_src_gen.pdbx_gene_src_variant              ? 
_entity_src_gen.pdbx_gene_src_cell_line            ? 
_entity_src_gen.pdbx_gene_src_atcc                 ? 
_entity_src_gen.pdbx_gene_src_organ                ? 
_entity_src_gen.pdbx_gene_src_organelle            ? 
_entity_src_gen.pdbx_gene_src_cell                 ? 
_entity_src_gen.pdbx_gene_src_cellular_location    ? 
_entity_src_gen.host_org_common_name               ? 
_entity_src_gen.pdbx_host_org_scientific_name      'Escherichia coli' 
_entity_src_gen.pdbx_host_org_ncbi_taxonomy_id     562 
_entity_src_gen.host_org_genus                     Escherichia 
_entity_src_gen.pdbx_host_org_gene                 ? 
_entity_src_gen.pdbx_host_org_organ                ? 
_entity_src_gen.host_org_species                   ? 
_entity_src_gen.pdbx_host_org_tissue               ? 
_entity_src_gen.pdbx_host_org_tissue_fraction      ? 
_entity_src_gen.pdbx_host_org_strain               ? 
_entity_src_gen.pdbx_host_org_variant              ? 
_entity_src_gen.pdbx_host_org_cell_line            ? 
_entity_src_gen.pdbx_host_org_atcc                 ? 
_entity_src_gen.pdbx_host_org_culture_collection   ? 
_entity_src_gen.pdbx_host_org_cell                 ? 
_entity_src_gen.pdbx_host_org_organelle            ? 
_entity_src_gen.pdbx_host_org_cellular_location    ? 
_entity_src_gen.pdbx_host_org_vector_type          Plasmid 
_entity_src_gen.pdbx_host_org_vector               ? 
_entity_src_gen.host_org_details                   ? 
_entity_src_gen.expression_system_id               ? 
_entity_src_gen.plasmid_name                       ? 
_entity_src_gen.plasmid_details                    ? 
_entity_src_gen.pdbx_description                   ? 
# 
_struct_ref.id                         1 
_struct_ref.db_name                    UNP 
_struct_ref.db_code                    SSB_THEMA 
_struct_ref.pdbx_db_accession          Q9WZ73 
_struct_ref.entity_id                  1 
_struct_ref.pdbx_seq_one_letter_code   
;MSFFNKIILIGRLVRDPEERYTLSGTPVTTFTIAVDRVPRKNAPDDAQTTDFFRIVTFGRLAEFARTYLTKGRLVLVEGE
MRMRRWETPTGEKRVSPEVVANVVRFMDRKPAETVSETEEELEIPEEDFSSDTFSEDEPPF
;
_struct_ref.pdbx_align_begin           1 
_struct_ref.pdbx_db_isoform            ? 
# 
_struct_ref_seq.align_id                      1 
_struct_ref_seq.ref_id                        1 
_struct_ref_seq.pdbx_PDB_id_code              1Z9F 
_struct_ref_seq.pdbx_strand_id                A 
_struct_ref_seq.seq_align_beg                 13 
_struct_ref_seq.pdbx_seq_align_beg_ins_code   ? 
_struct_ref_seq.seq_align_end                 153 
_struct_ref_seq.pdbx_seq_align_end_ins_code   ? 
_struct_ref_seq.pdbx_db_accession             Q9WZ73 
_struct_ref_seq.db_align_beg                  1 
_struct_ref_seq.pdbx_db_align_beg_ins_code    ? 
_struct_ref_seq.db_align_end                  141 
_struct_ref_seq.pdbx_db_align_end_ins_code    ? 
_struct_ref_seq.pdbx_auth_seq_align_beg       1 
_struct_ref_seq.pdbx_auth_seq_align_end       141 
# 
loop_
_struct_ref_seq_dif.align_id 
_struct_ref_seq_dif.pdbx_pdb_id_code 
_struct_ref_seq_dif.mon_id 
_struct_ref_seq_dif.pdbx_pdb_strand_id 
_struct_ref_seq_dif.seq_num 
_struct_ref_seq_dif.pdbx_pdb_ins_code 
_struct_ref_seq_dif.pdbx_seq_db_name 
_struct_ref_seq_dif.pdbx_seq_db_accession_code 
_struct_ref_seq_dif.db_mon_id 
_struct_ref_seq_dif.pdbx_seq_db_seq_num 
_struct_ref_seq_dif.details 
_struct_ref_seq_dif.pdbx_auth_seq_num 
_struct_ref_seq_dif.pdbx_ordinal 
1 1Z9F MET A 1  ? UNP Q9WZ73 ? ? 'expression tag' -11 1  
1 1Z9F GLY A 2  ? UNP Q9WZ73 ? ? 'expression tag' -10 2  
1 1Z9F SER A 3  ? UNP Q9WZ73 ? ? 'expression tag' -9  3  
1 1Z9F ASP A 4  ? UNP Q9WZ73 ? ? 'expression tag' -8  4  
1 1Z9F LYS A 5  ? UNP Q9WZ73 ? ? 'expression tag' -7  5  
1 1Z9F ILE A 6  ? UNP Q9WZ73 ? ? 'expression tag' -6  6  
1 1Z9F HIS A 7  ? UNP Q9WZ73 ? ? 'expression tag' -5  7  
1 1Z9F HIS A 8  ? UNP Q9WZ73 ? ? 'expression tag' -4  8  
1 1Z9F HIS A 9  ? UNP Q9WZ73 ? ? 'expression tag' -3  9  
1 1Z9F HIS A 10 ? UNP Q9WZ73 ? ? 'expression tag' -2  10 
1 1Z9F HIS A 11 ? UNP Q9WZ73 ? ? 'expression tag' -1  11 
1 1Z9F HIS A 12 ? UNP Q9WZ73 ? ? 'expression tag' 0   12 
# 
loop_
_chem_comp.id 
_chem_comp.type 
_chem_comp.mon_nstd_flag 
_chem_comp.name 
_chem_comp.pdbx_synonyms 
_chem_comp.formula 
_chem_comp.formula_weight 
ALA 'L-peptide linking' y ALANINE         ? 'C3 H7 N O2'     89.093  
ARG 'L-peptide linking' y ARGININE        ? 'C6 H15 N4 O2 1' 175.209 
ASN 'L-peptide linking' y ASPARAGINE      ? 'C4 H8 N2 O3'    132.118 
ASP 'L-peptide linking' y 'ASPARTIC ACID' ? 'C4 H7 N O4'     133.103 
GLN 'L-peptide linking' y GLUTAMINE       ? 'C5 H10 N2 O3'   146.144 
GLU 'L-peptide linking' y 'GLUTAMIC ACID' ? 'C5 H9 N O4'     147.129 
GLY 'peptide linking'   y GLYCINE         ? 'C2 H5 N O2'     75.067  
HIS 'L-peptide linking' y HISTIDINE       ? 'C6 H10 N3 O2 1' 156.162 
HOH non-polymer         . WATER           ? 'H2 O'           18.015  
ILE 'L-peptide linking' y ISOLEUCINE      ? 'C6 H13 N O2'    131.173 
LEU 'L-peptide linking' y LEUCINE         ? 'C6 H13 N O2'    131.173 
LYS 'L-peptide linking' y LYSINE          ? 'C6 H15 N2 O2 1' 147.195 
MET 'L-peptide linking' y METHIONINE      ? 'C5 H11 N O2 S'  149.211 
PHE 'L-peptide linking' y PHENYLALANINE   ? 'C9 H11 N O2'    165.189 
PRO 'L-peptide linking' y PROLINE         ? 'C5 H9 N O2'     115.130 
SER 'L-peptide linking' y SERINE          ? 'C3 H7 N O3'     105.093 
THR 'L-peptide linking' y THREONINE       ? 'C4 H9 N O3'     119.119 
TRP 'L-peptide linking' y TRYPTOPHAN      ? 'C11 H12 N2 O2'  204.225 
TYR 'L-peptide linking' y TYROSINE        ? 'C9 H11 N O3'    181.189 
VAL 'L-peptide linking' y VALINE          ? 'C5 H11 N O2'    117.146 
# 
_exptl.crystals_number   1 
_exptl.method            'X-RAY DIFFRACTION' 
_exptl.entry_id          1Z9F 
# 
_exptl_crystal.id                    1 
_exptl_crystal.density_percent_sol   62.23 
_exptl_crystal.density_Matthews      3.28 
_exptl_crystal.description           ? 
_exptl_crystal.density_meas          ? 
_exptl_crystal.F_000                 ? 
_exptl_crystal.preparation           ? 
# 
_exptl_crystal_grow.crystal_id      1 
_exptl_crystal_grow.method          'VAPOR DIFFUSION,SITTING DROP,NANODROP' 
_exptl_crystal_grow.pH              8.0 
_exptl_crystal_grow.temp            293 
_exptl_crystal_grow.pdbx_details    '25.0% MPD, 0.1M TRIS pH 8.0, VAPOR DIFFUSION,SITTING DROP,NANODROP, temperature 293K' 
_exptl_crystal_grow.temp_details    ? 
_exptl_crystal_grow.pdbx_pH_range   . 
# 
_diffrn.id                     1 
_diffrn.ambient_temp           100 
_diffrn.ambient_temp_details   ? 
_diffrn.crystal_id             1 
# 
_diffrn_detector.diffrn_id              1 
_diffrn_detector.detector               CCD 
_diffrn_detector.type                   'ADSC QUANTUM 4' 
_diffrn_detector.details                ? 
_diffrn_detector.pdbx_collection_date   2003-10-08 
# 
_diffrn_radiation.diffrn_id                        1 
_diffrn_radiation.pdbx_monochromatic_or_laue_m_l   M 
_diffrn_radiation.monochromator                    'Single crystal, cylindrically bent, Si(220)' 
_diffrn_radiation.pdbx_diffrn_protocol             'SINGLE WAVELENGTH' 
_diffrn_radiation.wavelength_id                    1 
_diffrn_radiation.pdbx_scattering_type             x-ray 
# 
_diffrn_radiation_wavelength.id           1 
_diffrn_radiation_wavelength.wavelength   1.0000 
_diffrn_radiation_wavelength.wt           1.0 
# 
_diffrn_source.diffrn_id                   1 
_diffrn_source.source                      SYNCHROTRON 
_diffrn_source.pdbx_synchrotron_beamline   5.0.3 
_diffrn_source.type                        'ALS BEAMLINE 5.0.3' 
_diffrn_source.pdbx_wavelength             1.0000 
_diffrn_source.pdbx_wavelength_list        ? 
_diffrn_source.pdbx_synchrotron_site       ALS 
# 
_reflns.entry_id                     1Z9F 
_reflns.d_resolution_low             47.22 
_reflns.d_resolution_high            2.30 
_reflns.number_obs                   4323 
_reflns.percent_possible_obs         68.000 
_reflns.pdbx_Rmerge_I_obs            ? 
_reflns.pdbx_chi_squared             ? 
_reflns.pdbx_redundancy              4.300 
_reflns.pdbx_scaling_rejects         ? 
_reflns.pdbx_netI_over_sigmaI        7.500 
_reflns.pdbx_Rsym_value              0.062 
_reflns.number_all                   ? 
_reflns.observed_criterion_sigma_F   ? 
_reflns.observed_criterion_sigma_I   ? 
_reflns.B_iso_Wilson_estimate        ? 
_reflns.R_free_details               ? 
_reflns.limit_h_max                  ? 
_reflns.limit_h_min                  ? 
_reflns.limit_k_max                  ? 
_reflns.limit_k_min                  ? 
_reflns.limit_l_max                  ? 
_reflns.limit_l_min                  ? 
_reflns.observed_criterion_F_max     ? 
_reflns.observed_criterion_F_min     ? 
_reflns.pdbx_ordinal                 1 
_reflns.pdbx_diffrn_id               1 
# 
loop_
_reflns_shell.d_res_low 
_reflns_shell.d_res_high 
_reflns_shell.number_measured_obs 
_reflns_shell.percent_possible_obs 
_reflns_shell.Rmerge_I_obs 
_reflns_shell.pdbx_chi_squared 
_reflns_shell.pdbx_redundancy 
_reflns_shell.number_unique_obs 
_reflns_shell.meanI_over_sigI_obs 
_reflns_shell.pdbx_Rsym_value 
_reflns_shell.percent_possible_all 
_reflns_shell.number_unique_all 
_reflns_shell.number_measured_all 
_reflns_shell.pdbx_ordinal 
_reflns_shell.pdbx_diffrn_id 
2.36  2.30  130 28.600  ? ? 2.300 ? 2.300  0.324 ? ? ? 1  1 
2.42  2.36  150 32.700  ? ? 2.400 ? 2.900  0.265 ? ? ? 2  1 
2.49  2.42  168 37.700  ? ? 2.600 ? 2.400  0.311 ? ? ? 3  1 
2.57  2.49  203 48.500  ? ? 2.700 ? 3.100  0.238 ? ? ? 4  1 
2.66  2.57  252 61.900  ? ? 2.800 ? 5.500  0.136 ? ? ? 5  1 
2.75  2.66  268 65.900  ? ? 2.700 ? 6.900  0.104 ? ? ? 6  1 
2.85  2.75  260 67.800  ? ? 2.800 ? 8.400  0.084 ? ? ? 7  1 
2.97  2.85  263 71.400  ? ? 2.700 ? 7.300  0.088 ? ? ? 8  1 
3.10  2.97  239 69.000  ? ? 2.900 ? 9.700  0.066 ? ? ? 9  1 
3.25  3.10  238 69.500  ? ? 2.900 ? 8.600  0.061 ? ? ? 10 1 
3.43  3.25  218 68.400  ? ? 2.900 ? 13.100 0.043 ? ? ? 11 1 
3.64  3.43  279 87.700  ? ? 4.700 ? 6.100  0.099 ? ? ? 12 1 
3.89  3.64  286 100.000 ? ? 6.600 ? 6.000  0.104 ? ? ? 13 1 
4.20  3.89  271 100.000 ? ? 6.600 ? 7.800  0.09  ? ? ? 14 1 
4.60  4.20  257 100.000 ? ? 6.600 ? 9.500  0.064 ? ? ? 15 1 
5.14  4.60  232 100.000 ? ? 6.600 ? 10.200 0.055 ? ? ? 16 1 
5.94  5.14  205 100.000 ? ? 6.400 ? 11.100 0.049 ? ? ? 17 1 
7.27  5.94  178 100.000 ? ? 6.300 ? 11.400 0.052 ? ? ? 18 1 
10.29 7.27  139 100.000 ? ? 5.900 ? 11.200 0.043 ? ? ? 19 1 
47.22 10.29 87  99.400  ? ? 4.700 ? 13.100 0.041 ? ? ? 20 1 
# 
_refine.ls_d_res_high                            2.300 
_refine.ls_d_res_low                             47.220 
_refine.ls_percent_reflns_obs                    68.410 
_refine.ls_number_reflns_obs                     3902 
_refine.pdbx_ls_cross_valid_method               THROUGHOUT 
_refine.pdbx_R_Free_selection_details            RANDOM 
_refine.ls_R_factor_all                          0.231 
_refine.ls_R_factor_R_work                       0.223 
_refine.ls_R_factor_R_free                       0.3 
_refine.ls_percent_reflns_R_free                 9.700 
_refine.ls_number_reflns_R_free                  420 
_refine.B_iso_mean                               77.965 
_refine.aniso_B[1][1]                            -1.100 
_refine.aniso_B[2][2]                            1.840 
_refine.aniso_B[3][3]                            -0.740 
_refine.aniso_B[1][2]                            0.000 
_refine.aniso_B[1][3]                            0.000 
_refine.aniso_B[2][3]                            0.000 
_refine.correlation_coeff_Fo_to_Fc               0.934 
_refine.correlation_coeff_Fo_to_Fc_free          0.922 
_refine.pdbx_overall_ESU_R                       0.552 
_refine.pdbx_overall_ESU_R_Free                  0.356 
_refine.overall_SU_ML                            0.229 
_refine.overall_SU_B                             19.393 
_refine.solvent_model_details                    MASK 
_refine.pdbx_solvent_vdw_probe_radii             1.200 
_refine.pdbx_solvent_ion_probe_radii             0.800 
_refine.pdbx_solvent_shrinkage_radii             0.800 
_refine.pdbx_stereochemistry_target_values       'MAXIMUM LIKELIHOOD' 
_refine.pdbx_method_to_determine_struct          'MOLECULAR REPLACEMENT' 
_refine.entry_id                                 1Z9F 
_refine.pdbx_ls_sigma_F                          ? 
_refine.pdbx_ls_sigma_I                          ? 
_refine.ls_number_reflns_all                     ? 
_refine.ls_R_factor_obs                          0.23054 
_refine.ls_redundancy_reflns_obs                 ? 
_refine.pdbx_data_cutoff_high_absF               ? 
_refine.pdbx_data_cutoff_low_absF                ? 
_refine.ls_number_parameters                     ? 
_refine.ls_number_restraints                     ? 
_refine.ls_R_factor_R_free_error                 ? 
_refine.ls_R_factor_R_free_error_details         ? 
_refine.pdbx_starting_model                      1sru 
_refine.pdbx_stereochem_target_val_spec_case     ? 
_refine.solvent_model_param_bsol                 ? 
_refine.solvent_model_param_ksol                 ? 
_refine.occupancy_max                            ? 
_refine.occupancy_min                            ? 
_refine.pdbx_isotropic_thermal_model             ? 
_refine.details                                  
;HYDROGENS HAVE BEEN ADDED IN THE RIDING POSITIONS.  THE NOMINAL RESOLUTION IS 2.6 A WITH 739 OBSERVED
REFLECTIONS BETWEEN 2.6-2.3 (39 % COMPLETE FOR THIS
SHELL) INCLUDED IN THE REFINEMENT.
;
_refine.B_iso_min                                ? 
_refine.B_iso_max                                ? 
_refine.overall_SU_R_Cruickshank_DPI             ? 
_refine.overall_SU_R_free                        ? 
_refine.pdbx_data_cutoff_high_rms_absF           ? 
_refine.ls_wR_factor_R_free                      ? 
_refine.ls_wR_factor_R_work                      ? 
_refine.overall_FOM_free_R_set                   ? 
_refine.overall_FOM_work_R_set                   ? 
_refine.pdbx_refine_id                           'X-RAY DIFFRACTION' 
_refine.pdbx_TLS_residual_ADP_flag               'LIKELY RESIDUAL' 
_refine.pdbx_diffrn_id                           1 
_refine.pdbx_overall_phase_error                 ? 
_refine.pdbx_overall_SU_R_free_Cruickshank_DPI   ? 
_refine.pdbx_overall_SU_R_Blow_DPI               ? 
_refine.pdbx_overall_SU_R_free_Blow_DPI          ? 
# 
_refine_hist.pdbx_refine_id                   'X-RAY DIFFRACTION' 
_refine_hist.cycle_id                         LAST 
_refine_hist.pdbx_number_atoms_protein        724 
_refine_hist.pdbx_number_atoms_nucleic_acid   0 
_refine_hist.pdbx_number_atoms_ligand         0 
_refine_hist.number_atoms_solvent             14 
_refine_hist.number_atoms_total               738 
_refine_hist.d_res_high                       2.300 
_refine_hist.d_res_low                        47.220 
# 
loop_
_refine_ls_restr.type 
_refine_ls_restr.number 
_refine_ls_restr.dev_ideal 
_refine_ls_restr.dev_ideal_target 
_refine_ls_restr.weight 
_refine_ls_restr.pdbx_refine_id 
_refine_ls_restr.pdbx_restraint_function 
r_bond_refined_d         748  0.014  0.022  ? 'X-RAY DIFFRACTION' ? 
r_bond_other_d           738  0.002  0.020  ? 'X-RAY DIFFRACTION' ? 
r_angle_refined_deg      1005 1.492  1.962  ? 'X-RAY DIFFRACTION' ? 
r_angle_other_deg        1679 0.827  3.000  ? 'X-RAY DIFFRACTION' ? 
r_dihedral_angle_1_deg   87   8.732  5.000  ? 'X-RAY DIFFRACTION' ? 
r_dihedral_angle_2_deg   35   27.089 20.000 ? 'X-RAY DIFFRACTION' ? 
r_dihedral_angle_3_deg   136  17.262 15.000 ? 'X-RAY DIFFRACTION' ? 
r_dihedral_angle_4_deg   12   18.607 15.000 ? 'X-RAY DIFFRACTION' ? 
r_chiral_restr           119  0.085  0.200  ? 'X-RAY DIFFRACTION' ? 
r_gen_planes_refined     798  0.004  0.020  ? 'X-RAY DIFFRACTION' ? 
r_gen_planes_other       182  0.001  0.020  ? 'X-RAY DIFFRACTION' ? 
r_nbd_refined            141  0.199  0.200  ? 'X-RAY DIFFRACTION' ? 
r_nbd_other              779  0.192  0.200  ? 'X-RAY DIFFRACTION' ? 
r_nbtor_refined          355  0.180  0.200  ? 'X-RAY DIFFRACTION' ? 
r_nbtor_other            525  0.084  0.200  ? 'X-RAY DIFFRACTION' ? 
r_xyhbond_nbd_refined    26   0.205  0.200  ? 'X-RAY DIFFRACTION' ? 
r_xyhbond_nbd_other      2    0.019  0.200  ? 'X-RAY DIFFRACTION' ? 
r_symmetry_vdw_refined   25   0.215  0.200  ? 'X-RAY DIFFRACTION' ? 
r_symmetry_vdw_other     84   0.185  0.200  ? 'X-RAY DIFFRACTION' ? 
r_symmetry_hbond_refined 4    0.143  0.200  ? 'X-RAY DIFFRACTION' ? 
r_mcbond_it              477  0.514  1.500  ? 'X-RAY DIFFRACTION' ? 
r_mcbond_other           183  0.099  1.500  ? 'X-RAY DIFFRACTION' ? 
r_mcangle_it             728  0.838  2.000  ? 'X-RAY DIFFRACTION' ? 
r_scbond_it              317  1.361  3.000  ? 'X-RAY DIFFRACTION' ? 
r_scangle_it             277  2.125  4.500  ? 'X-RAY DIFFRACTION' ? 
# 
_refine_ls_shell.d_res_high                       2.300 
_refine_ls_shell.d_res_low                        2.359 
_refine_ls_shell.pdbx_total_number_of_bins_used   20 
_refine_ls_shell.percent_reflns_obs               28.510 
_refine_ls_shell.number_reflns_R_work             119 
_refine_ls_shell.R_factor_R_work                  0.201 
_refine_ls_shell.R_factor_R_free                  0.178 
_refine_ls_shell.percent_reflns_R_free            ? 
_refine_ls_shell.number_reflns_R_free             9 
_refine_ls_shell.R_factor_R_free_error            ? 
_refine_ls_shell.number_reflns_obs                ? 
_refine_ls_shell.redundancy_reflns_obs            ? 
_refine_ls_shell.number_reflns_all                ? 
_refine_ls_shell.pdbx_refine_id                   'X-RAY DIFFRACTION' 
_refine_ls_shell.R_factor_all                     ? 
# 
_struct.entry_id                  1Z9F 
_struct.title                     
'Crystal structure of single stranded DNA-binding protein (TM0604) from Thermotoga maritima at 2.60 A resolution' 
_struct.pdbx_model_details        ? 
_struct.pdbx_CASP_flag            ? 
_struct.pdbx_model_type_details   ? 
# 
_struct_keywords.text            
;TM0604, single stranded DNA-binding protein, Structural Genomics, Joint Center for Structural Genomics, JCSG, Protein Structure Initiative, PSI, DNA BINDING PROTEIN
;
_struct_keywords.pdbx_keywords   'DNA BINDING PROTEIN' 
_struct_keywords.entry_id        1Z9F 
# 
loop_
_struct_asym.id 
_struct_asym.pdbx_blank_PDB_chainid_flag 
_struct_asym.pdbx_modified 
_struct_asym.entity_id 
_struct_asym.details 
A N N 1 ? 
B N N 2 ? 
# 
_struct_biol.id                    1 
_struct_biol.pdbx_parent_biol_id   ? 
_struct_biol.details               ? 
# 
_struct_conf.conf_type_id            HELX_P 
_struct_conf.id                      HELX_P1 
_struct_conf.pdbx_PDB_helix_id       1 
_struct_conf.beg_label_comp_id       GLY 
_struct_conf.beg_label_asym_id       A 
_struct_conf.beg_label_seq_id        71 
_struct_conf.pdbx_beg_PDB_ins_code   ? 
_struct_conf.end_label_comp_id       LEU 
_struct_conf.end_label_asym_id       A 
_struct_conf.end_label_seq_id        81 
_struct_conf.pdbx_end_PDB_ins_code   ? 
_struct_conf.beg_auth_comp_id        GLY 
_struct_conf.beg_auth_asym_id        A 
_struct_conf.beg_auth_seq_id         59 
_struct_conf.end_auth_comp_id        LEU 
_struct_conf.end_auth_asym_id        A 
_struct_conf.end_auth_seq_id         69 
_struct_conf.pdbx_PDB_helix_class    1 
_struct_conf.details                 ? 
_struct_conf.pdbx_PDB_helix_length   11 
# 
_struct_conf_type.id          HELX_P 
_struct_conf_type.criteria    ? 
_struct_conf_type.reference   ? 
# 
_struct_sheet.id               A 
_struct_sheet.type             ? 
_struct_sheet.number_strands   7 
_struct_sheet.details          ? 
# 
loop_
_struct_sheet_order.sheet_id 
_struct_sheet_order.range_id_1 
_struct_sheet_order.range_id_2 
_struct_sheet_order.offset 
_struct_sheet_order.sense 
A 1 2 ? anti-parallel 
A 2 3 ? anti-parallel 
A 3 4 ? parallel      
A 4 5 ? anti-parallel 
A 5 6 ? anti-parallel 
A 6 7 ? anti-parallel 
# 
loop_
_struct_sheet_range.sheet_id 
_struct_sheet_range.id 
_struct_sheet_range.beg_label_comp_id 
_struct_sheet_range.beg_label_asym_id 
_struct_sheet_range.beg_label_seq_id 
_struct_sheet_range.pdbx_beg_PDB_ins_code 
_struct_sheet_range.end_label_comp_id 
_struct_sheet_range.end_label_asym_id 
_struct_sheet_range.end_label_seq_id 
_struct_sheet_range.pdbx_end_PDB_ins_code 
_struct_sheet_range.beg_auth_comp_id 
_struct_sheet_range.beg_auth_asym_id 
_struct_sheet_range.beg_auth_seq_id 
_struct_sheet_range.end_auth_comp_id 
_struct_sheet_range.end_auth_asym_id 
_struct_sheet_range.end_auth_seq_id 
A 1 GLU A 30  ? TYR A 33  ? GLU A 18 TYR A 21  
A 2 PRO A 39  ? VAL A 47  ? PRO A 27 VAL A 35  
A 3 ASP A 63  ? PHE A 70  ? ASP A 51 PHE A 58  
A 4 SER A 108 ? PHE A 118 ? SER A 96 PHE A 106 
A 5 LEU A 86  ? ARG A 96  ? LEU A 74 ARG A 84  
A 6 ILE A 19  ? LEU A 25  ? ILE A 7  LEU A 13  
A 7 PRO A 39  ? VAL A 47  ? PRO A 27 VAL A 35  
# 
loop_
_pdbx_struct_sheet_hbond.sheet_id 
_pdbx_struct_sheet_hbond.range_id_1 
_pdbx_struct_sheet_hbond.range_id_2 
_pdbx_struct_sheet_hbond.range_1_label_atom_id 
_pdbx_struct_sheet_hbond.range_1_label_comp_id 
_pdbx_struct_sheet_hbond.range_1_label_asym_id 
_pdbx_struct_sheet_hbond.range_1_label_seq_id 
_pdbx_struct_sheet_hbond.range_1_PDB_ins_code 
_pdbx_struct_sheet_hbond.range_1_auth_atom_id 
_pdbx_struct_sheet_hbond.range_1_auth_comp_id 
_pdbx_struct_sheet_hbond.range_1_auth_asym_id 
_pdbx_struct_sheet_hbond.range_1_auth_seq_id 
_pdbx_struct_sheet_hbond.range_2_label_atom_id 
_pdbx_struct_sheet_hbond.range_2_label_comp_id 
_pdbx_struct_sheet_hbond.range_2_label_asym_id 
_pdbx_struct_sheet_hbond.range_2_label_seq_id 
_pdbx_struct_sheet_hbond.range_2_PDB_ins_code 
_pdbx_struct_sheet_hbond.range_2_auth_atom_id 
_pdbx_struct_sheet_hbond.range_2_auth_comp_id 
_pdbx_struct_sheet_hbond.range_2_auth_asym_id 
_pdbx_struct_sheet_hbond.range_2_auth_seq_id 
A 1 2 N GLU A 30  ? N GLU A 18 O THR A 42  ? O THR A 30 
A 2 3 N PHE A 43  ? N PHE A 31 O ILE A 67  ? O ILE A 55 
A 3 4 N VAL A 68  ? N VAL A 56 O VAL A 111 ? O VAL A 99 
A 4 5 O SER A 108 ? O SER A 96 N ARG A 96  ? N ARG A 84 
A 5 6 O VAL A 89  ? O VAL A 77 N LEU A 21  ? N LEU A 9  
A 6 7 N ARG A 24  ? N ARG A 12 O ALA A 46  ? O ALA A 34 
# 
_atom_sites.entry_id                    1Z9F 
_atom_sites.fract_transf_matrix[1][1]   0.01186637 
_atom_sites.fract_transf_matrix[1][2]   -0.00017866 
_atom_sites.fract_transf_matrix[1][3]   -0.00545170 
_atom_sites.fract_transf_matrix[2][1]   0.00429093 
_atom_sites.fract_transf_matrix[2][2]   -0.00587235 
_atom_sites.fract_transf_matrix[2][3]   0.00953224 
_atom_sites.fract_transf_matrix[3][1]   -0.00249129 
_atom_sites.fract_transf_matrix[3][2]   -0.01008608 
_atom_sites.fract_transf_matrix[3][3]   -0.00509209 
_atom_sites.fract_transf_vector[1]      -0.101918 
_atom_sites.fract_transf_vector[2]      -0.092483 
_atom_sites.fract_transf_vector[3]      -0.368117 
# 
loop_
_atom_type.symbol 
C 
N 
O 
S 
# 
loop_
_atom_site.group_PDB 
_atom_site.id 
_atom_site.type_symbol 
_atom_site.label_atom_id 
_atom_site.label_alt_id 
_atom_site.label_comp_id 
_atom_site.label_asym_id 
_atom_site.label_entity_id 
_atom_site.label_seq_id 
_atom_site.pdbx_PDB_ins_code 
_atom_site.Cartn_x 
_atom_site.Cartn_y 
_atom_site.Cartn_z 
_atom_site.occupancy 
_atom_site.B_iso_or_equiv 
_atom_site.pdbx_formal_charge 
_atom_site.auth_seq_id 
_atom_site.auth_comp_id 
_atom_site.auth_asym_id 
_atom_site.auth_atom_id 
_atom_site.pdbx_PDB_model_num 
ATOM   1   N N   . HIS A 1 12  ? 6.464   -0.040  24.024  1.00 90.48 ? 0   HIS A N   1 
ATOM   2   C CA  . HIS A 1 12  ? 7.566   -1.042  24.225  1.00 90.62 ? 0   HIS A CA  1 
ATOM   3   C C   . HIS A 1 12  ? 7.380   -2.248  23.307  1.00 89.79 ? 0   HIS A C   1 
ATOM   4   O O   . HIS A 1 12  ? 6.258   -2.500  22.827  1.00 90.23 ? 0   HIS A O   1 
ATOM   5   C CB  . HIS A 1 12  ? 7.612   -1.534  25.685  1.00 91.27 ? 0   HIS A CB  1 
ATOM   6   C CG  . HIS A 1 12  ? 6.670   -2.671  25.976  1.00 93.03 ? 0   HIS A CG  1 
ATOM   7   N ND1 . HIS A 1 12  ? 5.415   -2.487  26.522  1.00 94.71 ? 0   HIS A ND1 1 
ATOM   8   C CD2 . HIS A 1 12  ? 6.799   -4.009  25.776  1.00 94.21 ? 0   HIS A CD2 1 
ATOM   9   C CE1 . HIS A 1 12  ? 4.813   -3.660  26.644  1.00 95.10 ? 0   HIS A CE1 1 
ATOM   10  N NE2 . HIS A 1 12  ? 5.631   -4.599  26.198  1.00 94.83 ? 0   HIS A NE2 1 
ATOM   11  N N   . MET A 1 13  ? 8.468   -3.002  23.110  1.00 88.55 ? 1   MET A N   1 
ATOM   12  C CA  . MET A 1 13  ? 8.459   -4.280  22.375  1.00 87.59 ? 1   MET A CA  1 
ATOM   13  C C   . MET A 1 13  ? 9.889   -4.816  22.154  1.00 86.71 ? 1   MET A C   1 
ATOM   14  O O   . MET A 1 13  ? 10.193  -5.936  22.575  1.00 86.79 ? 1   MET A O   1 
ATOM   15  C CB  . MET A 1 13  ? 7.747   -4.143  21.021  1.00 88.02 ? 1   MET A CB  1 
ATOM   16  C CG  . MET A 1 13  ? 7.398   -5.452  20.326  1.00 88.69 ? 1   MET A CG  1 
ATOM   17  S SD  . MET A 1 13  ? 6.393   -5.150  18.840  1.00 89.76 ? 1   MET A SD  1 
ATOM   18  C CE  . MET A 1 13  ? 4.750   -5.486  19.513  1.00 90.31 ? 1   MET A CE  1 
ATOM   19  N N   . SER A 1 14  ? 10.732  -4.006  21.494  1.00 85.18 ? 2   SER A N   1 
ATOM   20  C CA  . SER A 1 14  ? 12.167  -4.293  21.188  1.00 84.24 ? 2   SER A CA  1 
ATOM   21  C C   . SER A 1 14  ? 12.401  -4.673  19.715  1.00 82.60 ? 2   SER A C   1 
ATOM   22  O O   . SER A 1 14  ? 13.420  -5.266  19.360  1.00 82.43 ? 2   SER A O   1 
ATOM   23  C CB  . SER A 1 14  ? 12.764  -5.362  22.109  1.00 83.93 ? 2   SER A CB  1 
ATOM   24  O OG  . SER A 1 14  ? 14.173  -5.377  22.019  1.00 83.74 ? 2   SER A OG  1 
ATOM   25  N N   . PHE A 1 15  ? 11.448  -4.306  18.868  1.00 80.95 ? 3   PHE A N   1 
ATOM   26  C CA  . PHE A 1 15  ? 11.437  -4.655  17.464  1.00 79.60 ? 3   PHE A CA  1 
ATOM   27  C C   . PHE A 1 15  ? 10.886  -3.459  16.700  1.00 78.29 ? 3   PHE A C   1 
ATOM   28  O O   . PHE A 1 15  ? 10.348  -2.544  17.313  1.00 78.52 ? 3   PHE A O   1 
ATOM   29  C CB  . PHE A 1 15  ? 10.566  -5.889  17.243  1.00 79.86 ? 3   PHE A CB  1 
ATOM   30  C CG  . PHE A 1 15  ? 11.108  -7.132  17.899  1.00 80.42 ? 3   PHE A CG  1 
ATOM   31  C CD1 . PHE A 1 15  ? 12.045  -7.927  17.243  1.00 80.94 ? 3   PHE A CD1 1 
ATOM   32  C CD2 . PHE A 1 15  ? 10.701  -7.501  19.182  1.00 81.19 ? 3   PHE A CD2 1 
ATOM   33  C CE1 . PHE A 1 15  ? 12.567  -9.078  17.847  1.00 80.71 ? 3   PHE A CE1 1 
ATOM   34  C CE2 . PHE A 1 15  ? 11.216  -8.658  19.801  1.00 81.18 ? 3   PHE A CE2 1 
ATOM   35  C CZ  . PHE A 1 15  ? 12.152  -9.445  19.126  1.00 80.82 ? 3   PHE A CZ  1 
ATOM   36  N N   . PHE A 1 16  ? 11.025  -3.446  15.378  1.00 76.48 ? 4   PHE A N   1 
ATOM   37  C CA  . PHE A 1 16  ? 10.643  -2.291  14.596  1.00 75.32 ? 4   PHE A CA  1 
ATOM   38  C C   . PHE A 1 16  ? 10.515  -2.673  13.152  1.00 75.02 ? 4   PHE A C   1 
ATOM   39  O O   . PHE A 1 16  ? 11.271  -3.459  12.651  1.00 74.44 ? 4   PHE A O   1 
ATOM   40  C CB  . PHE A 1 16  ? 11.675  -1.171  14.757  1.00 75.49 ? 4   PHE A CB  1 
ATOM   41  C CG  . PHE A 1 16  ? 11.271  0.134   14.118  1.00 75.23 ? 4   PHE A CG  1 
ATOM   42  C CD1 . PHE A 1 16  ? 10.196  0.847   14.612  1.00 76.33 ? 4   PHE A CD1 1 
ATOM   43  C CD2 . PHE A 1 16  ? 11.960  0.650   13.037  1.00 75.58 ? 4   PHE A CD2 1 
ATOM   44  C CE1 . PHE A 1 16  ? 9.810   2.045   14.064  1.00 75.82 ? 4   PHE A CE1 1 
ATOM   45  C CE2 . PHE A 1 16  ? 11.581  1.854   12.469  1.00 76.20 ? 4   PHE A CE2 1 
ATOM   46  C CZ  . PHE A 1 16  ? 10.477  2.553   12.999  1.00 77.04 ? 4   PHE A CZ  1 
ATOM   47  N N   . ASN A 1 17  ? 9.536   -2.118  12.471  1.00 75.71 ? 5   ASN A N   1 
ATOM   48  C CA  . ASN A 1 17  ? 9.293   -2.494  11.090  1.00 76.28 ? 5   ASN A CA  1 
ATOM   49  C C   . ASN A 1 17  ? 8.687   -1.298  10.401  1.00 76.96 ? 5   ASN A C   1 
ATOM   50  O O   . ASN A 1 17  ? 7.578   -0.960  10.671  1.00 77.06 ? 5   ASN A O   1 
ATOM   51  C CB  . ASN A 1 17  ? 8.355   -3.698  11.058  1.00 75.46 ? 5   ASN A CB  1 
ATOM   52  C CG  . ASN A 1 17  ? 7.945   -4.100  9.670   1.00 75.60 ? 5   ASN A CG  1 
ATOM   53  O OD1 . ASN A 1 17  ? 7.897   -3.286  8.753   1.00 75.77 ? 5   ASN A OD1 1 
ATOM   54  N ND2 . ASN A 1 17  ? 7.599   -5.385  9.515   1.00 74.70 ? 5   ASN A ND2 1 
ATOM   55  N N   . LYS A 1 18  ? 9.445   -0.643  9.530   1.00 77.42 ? 6   LYS A N   1 
ATOM   56  C CA  . LYS A 1 18  ? 8.974   0.548   8.895   1.00 77.48 ? 6   LYS A CA  1 
ATOM   57  C C   . LYS A 1 18  ? 9.368   0.551   7.457   1.00 78.25 ? 6   LYS A C   1 
ATOM   58  O O   . LYS A 1 18  ? 10.556  0.377   7.130   1.00 77.90 ? 6   LYS A O   1 
ATOM   59  C CB  . LYS A 1 18  ? 9.634   1.715   9.595   1.00 78.60 ? 6   LYS A CB  1 
ATOM   60  C CG  . LYS A 1 18  ? 9.115   3.062   9.259   1.00 79.79 ? 6   LYS A CG  1 
ATOM   61  C CD  . LYS A 1 18  ? 7.722   3.045   9.288   1.00 82.62 ? 6   LYS A CD  1 
ATOM   62  C CE  A LYS A 1 18  ? 7.087   4.349   9.459   0.65 85.40 ? 6   LYS A CE  1 
ATOM   63  C CE  B LYS A 1 18  ? 7.252   4.448   9.406   0.35 84.13 ? 6   LYS A CE  1 
ATOM   64  N NZ  A LYS A 1 18  ? 5.601   4.071   9.647   0.65 84.16 ? 6   LYS A NZ  1 
ATOM   65  N NZ  B LYS A 1 18  ? 8.111   5.271   10.297  0.35 84.41 ? 6   LYS A NZ  1 
ATOM   66  N N   . ILE A 1 19  ? 8.391   0.769   6.581   1.00 78.33 ? 7   ILE A N   1 
ATOM   67  C CA  . ILE A 1 19  ? 8.722   0.924   5.170   1.00 78.13 ? 7   ILE A CA  1 
ATOM   68  C C   . ILE A 1 19  ? 8.110   2.226   4.615   1.00 77.94 ? 7   ILE A C   1 
ATOM   69  O O   . ILE A 1 19  ? 6.999   2.559   4.910   1.00 77.56 ? 7   ILE A O   1 
ATOM   70  C CB  . ILE A 1 19  ? 8.383   -0.351  4.314   1.00 78.59 ? 7   ILE A CB  1 
ATOM   71  C CG1 . ILE A 1 19  ? 9.012   -0.209  2.919   1.00 79.19 ? 7   ILE A CG1 1 
ATOM   72  C CG2 . ILE A 1 19  ? 6.889   -0.592  4.201   1.00 76.60 ? 7   ILE A CG2 1 
ATOM   73  C CD1 . ILE A 1 19  ? 9.046   -1.440  2.154   1.00 78.03 ? 7   ILE A CD1 1 
ATOM   74  N N   . ILE A 1 20  ? 8.907   2.959   3.841   1.00 78.43 ? 8   ILE A N   1 
ATOM   75  C CA  . ILE A 1 20  ? 8.495   4.180   3.183   1.00 78.28 ? 8   ILE A CA  1 
ATOM   76  C C   . ILE A 1 20  ? 8.872   4.052   1.723   1.00 78.56 ? 8   ILE A C   1 
ATOM   77  O O   . ILE A 1 20  ? 10.043  3.865   1.392   1.00 78.63 ? 8   ILE A O   1 
ATOM   78  C CB  . ILE A 1 20  ? 9.187   5.401   3.761   1.00 77.86 ? 8   ILE A CB  1 
ATOM   79  C CG1 . ILE A 1 20  ? 8.935   5.458   5.262   1.00 78.93 ? 8   ILE A CG1 1 
ATOM   80  C CG2 . ILE A 1 20  ? 8.741   6.655   3.024   1.00 76.84 ? 8   ILE A CG2 1 
ATOM   81  C CD1 . ILE A 1 20  ? 9.762   6.466   5.986   1.00 81.29 ? 8   ILE A CD1 1 
ATOM   82  N N   . LEU A 1 21  ? 7.860   4.161   0.870   1.00 79.14 ? 9   LEU A N   1 
ATOM   83  C CA  . LEU A 1 21  ? 8.000   3.957   -0.574  1.00 79.13 ? 9   LEU A CA  1 
ATOM   84  C C   . LEU A 1 21  ? 7.377   5.156   -1.229  1.00 79.55 ? 9   LEU A C   1 
ATOM   85  O O   . LEU A 1 21  ? 6.428   5.709   -0.688  1.00 80.33 ? 9   LEU A O   1 
ATOM   86  C CB  . LEU A 1 21  ? 7.244   2.700   -1.020  1.00 79.08 ? 9   LEU A CB  1 
ATOM   87  C CG  . LEU A 1 21  ? 7.661   1.409   -0.306  1.00 78.06 ? 9   LEU A CG  1 
ATOM   88  C CD1 . LEU A 1 21  ? 6.690   0.324   -0.533  1.00 78.13 ? 9   LEU A CD1 1 
ATOM   89  C CD2 . LEU A 1 21  ? 9.060   0.993   -0.715  1.00 77.12 ? 9   LEU A CD2 1 
ATOM   90  N N   . ILE A 1 22  ? 7.954   5.599   -2.341  1.00 79.30 ? 10  ILE A N   1 
ATOM   91  C CA  . ILE A 1 22  ? 7.314   6.558   -3.241  1.00 78.90 ? 10  ILE A CA  1 
ATOM   92  C C   . ILE A 1 22  ? 7.302   5.940   -4.644  1.00 79.12 ? 10  ILE A C   1 
ATOM   93  O O   . ILE A 1 22  ? 8.363   5.668   -5.213  1.00 78.40 ? 10  ILE A O   1 
ATOM   94  C CB  . ILE A 1 22  ? 8.028   7.905   -3.283  1.00 78.70 ? 10  ILE A CB  1 
ATOM   95  C CG1 . ILE A 1 22  ? 7.899   8.615   -1.942  1.00 78.61 ? 10  ILE A CG1 1 
ATOM   96  C CG2 . ILE A 1 22  ? 7.426   8.782   -4.357  1.00 78.41 ? 10  ILE A CG2 1 
ATOM   97  C CD1 . ILE A 1 22  ? 8.687   9.893   -1.853  1.00 78.35 ? 10  ILE A CD1 1 
ATOM   98  N N   . GLY A 1 23  ? 6.101   5.698   -5.174  1.00 79.05 ? 11  GLY A N   1 
ATOM   99  C CA  . GLY A 1 23  ? 5.950   5.102   -6.484  1.00 79.32 ? 11  GLY A CA  1 
ATOM   100 C C   . GLY A 1 23  ? 4.630   5.436   -7.138  1.00 79.64 ? 11  GLY A C   1 
ATOM   101 O O   . GLY A 1 23  ? 3.755   6.039   -6.522  1.00 79.79 ? 11  GLY A O   1 
ATOM   102 N N   A ARG A 1 24  ? 4.500   5.052   -8.410  0.50 79.82 ? 12  ARG A N   1 
ATOM   103 N N   B ARG A 1 24  ? 4.477   5.024   -8.386  0.50 79.89 ? 12  ARG A N   1 
ATOM   104 C CA  A ARG A 1 24  ? 3.264   5.260   -9.168  0.50 79.79 ? 12  ARG A CA  1 
ATOM   105 C CA  B ARG A 1 24  ? 3.247   5.278   -9.118  0.50 79.91 ? 12  ARG A CA  1 
ATOM   106 C C   A ARG A 1 24  ? 2.329   4.091   -8.865  0.50 80.05 ? 12  ARG A C   1 
ATOM   107 C C   B ARG A 1 24  ? 2.327   4.075   -8.972  0.50 80.15 ? 12  ARG A C   1 
ATOM   108 O O   A ARG A 1 24  ? 2.798   2.994   -8.567  0.50 79.95 ? 12  ARG A O   1 
ATOM   109 O O   B ARG A 1 24  ? 2.801   2.941   -8.872  0.50 80.15 ? 12  ARG A O   1 
ATOM   110 C CB  A ARG A 1 24  ? 3.494   5.318   -10.696 0.50 79.73 ? 12  ARG A CB  1 
ATOM   111 C CB  B ARG A 1 24  ? 3.523   5.615   -10.594 0.50 79.93 ? 12  ARG A CB  1 
ATOM   112 C CG  A ARG A 1 24  ? 4.845   5.828   -11.239 0.50 79.32 ? 12  ARG A CG  1 
ATOM   113 C CG  B ARG A 1 24  ? 4.609   4.789   -11.287 0.50 79.82 ? 12  ARG A CG  1 
ATOM   114 C CD  A ARG A 1 24  ? 5.193   7.295   -10.937 0.50 78.47 ? 12  ARG A CD  1 
ATOM   115 C CD  B ARG A 1 24  ? 4.886   5.315   -12.685 0.50 79.71 ? 12  ARG A CD  1 
ATOM   116 N NE  A ARG A 1 24  ? 4.108   8.247   -11.198 0.50 77.98 ? 12  ARG A NE  1 
ATOM   117 N NE  B ARG A 1 24  ? 3.699   5.224   -13.531 0.50 79.63 ? 12  ARG A NE  1 
ATOM   118 C CZ  A ARG A 1 24  ? 4.272   9.497   -11.643 0.50 77.29 ? 12  ARG A CZ  1 
ATOM   119 C CZ  B ARG A 1 24  ? 3.258   4.106   -14.105 0.50 79.68 ? 12  ARG A CZ  1 
ATOM   120 N NH1 A ARG A 1 24  ? 3.207   10.266  -11.833 0.50 77.41 ? 12  ARG A NH1 1 
ATOM   121 N NH1 B ARG A 1 24  ? 3.902   2.955   -13.940 0.50 79.68 ? 12  ARG A NH1 1 
ATOM   122 N NH2 A ARG A 1 24  ? 5.479   9.996   -11.897 0.50 76.56 ? 12  ARG A NH2 1 
ATOM   123 N NH2 B ARG A 1 24  ? 2.160   4.139   -14.855 0.50 79.55 ? 12  ARG A NH2 1 
ATOM   124 N N   . LEU A 1 25  ? 1.018   4.325   -8.936  1.00 80.28 ? 13  LEU A N   1 
ATOM   125 C CA  . LEU A 1 25  ? 0.036   3.234   -8.934  1.00 80.74 ? 13  LEU A CA  1 
ATOM   126 C C   . LEU A 1 25  ? 0.020   2.684   -10.346 1.00 81.22 ? 13  LEU A C   1 
ATOM   127 O O   . LEU A 1 25  ? -0.219  3.436   -11.288 1.00 81.48 ? 13  LEU A O   1 
ATOM   128 C CB  . LEU A 1 25  ? -1.375  3.711   -8.583  1.00 80.63 ? 13  LEU A CB  1 
ATOM   129 C CG  . LEU A 1 25  ? -1.853  3.547   -7.143  1.00 80.38 ? 13  LEU A CG  1 
ATOM   130 C CD1 . LEU A 1 25  ? -1.342  4.694   -6.284  1.00 79.78 ? 13  LEU A CD1 1 
ATOM   131 C CD2 . LEU A 1 25  ? -3.389  3.464   -7.090  1.00 80.79 ? 13  LEU A CD2 1 
ATOM   132 N N   . VAL A 1 26  ? 0.281   1.388   -10.504 1.00 81.70 ? 14  VAL A N   1 
ATOM   133 C CA  . VAL A 1 26  ? 0.344   0.780   -11.844 1.00 81.84 ? 14  VAL A CA  1 
ATOM   134 C C   . VAL A 1 26  ? -0.986  0.190   -12.267 1.00 81.95 ? 14  VAL A C   1 
ATOM   135 O O   . VAL A 1 26  ? -1.164  -0.140  -13.430 1.00 82.08 ? 14  VAL A O   1 
ATOM   136 C CB  . VAL A 1 26  ? 1.449   -0.292  -11.972 1.00 81.95 ? 14  VAL A CB  1 
ATOM   137 C CG1 . VAL A 1 26  ? 2.799   0.381   -12.110 1.00 81.85 ? 14  VAL A CG1 1 
ATOM   138 C CG2 . VAL A 1 26  ? 1.429   -1.263  -10.792 1.00 82.29 ? 14  VAL A CG2 1 
ATOM   139 N N   . ARG A 1 27  ? -1.903  0.037   -11.317 1.00 82.12 ? 15  ARG A N   1 
ATOM   140 C CA  . ARG A 1 27  ? -3.320  -0.107  -11.635 1.00 82.25 ? 15  ARG A CA  1 
ATOM   141 C C   . ARG A 1 27  ? -4.210  0.403   -10.503 1.00 81.92 ? 15  ARG A C   1 
ATOM   142 O O   . ARG A 1 27  ? -3.752  0.639   -9.375  1.00 81.33 ? 15  ARG A O   1 
ATOM   143 C CB  . ARG A 1 27  ? -3.695  -1.546  -12.041 1.00 82.35 ? 15  ARG A CB  1 
ATOM   144 C CG  . ARG A 1 27  ? -2.933  -2.679  -11.353 1.00 82.91 ? 15  ARG A CG  1 
ATOM   145 C CD  . ARG A 1 27  ? -3.104  -3.984  -12.145 1.00 83.37 ? 15  ARG A CD  1 
ATOM   146 N NE  . ARG A 1 27  ? -1.941  -4.866  -12.040 1.00 83.81 ? 15  ARG A NE  1 
ATOM   147 C CZ  . ARG A 1 27  ? -1.744  -5.956  -12.784 1.00 84.99 ? 15  ARG A CZ  1 
ATOM   148 N NH1 . ARG A 1 27  ? -2.621  -6.335  -13.721 1.00 83.76 ? 15  ARG A NH1 1 
ATOM   149 N NH2 . ARG A 1 27  ? -0.643  -6.679  -12.596 1.00 85.95 ? 15  ARG A NH2 1 
ATOM   150 N N   . ASP A 1 28  ? -5.487  0.564   -10.845 1.00 81.69 ? 16  ASP A N   1 
ATOM   151 C CA  . ASP A 1 28  ? -6.484  1.160   -9.969  1.00 81.52 ? 16  ASP A CA  1 
ATOM   152 C C   . ASP A 1 28  ? -6.700  0.314   -8.721  1.00 81.51 ? 16  ASP A C   1 
ATOM   153 O O   . ASP A 1 28  ? -6.538  -0.908  -8.754  1.00 80.82 ? 16  ASP A O   1 
ATOM   154 C CB  . ASP A 1 28  ? -7.810  1.348   -10.721 1.00 81.64 ? 16  ASP A CB  1 
ATOM   155 C CG  . ASP A 1 28  ? -7.676  2.284   -11.914 1.00 81.59 ? 16  ASP A CG  1 
ATOM   156 O OD1 . ASP A 1 28  ? -6.895  3.259   -11.819 1.00 81.77 ? 16  ASP A OD1 1 
ATOM   157 O OD2 . ASP A 1 28  ? -8.338  2.044   -12.945 1.00 80.28 ? 16  ASP A OD2 1 
ATOM   158 N N   . PRO A 1 29  ? -7.027  0.973   -7.600  1.00 81.90 ? 17  PRO A N   1 
ATOM   159 C CA  . PRO A 1 29  ? -7.220  0.257   -6.351  1.00 82.42 ? 17  PRO A CA  1 
ATOM   160 C C   . PRO A 1 29  ? -8.450  -0.654  -6.353  1.00 83.25 ? 17  PRO A C   1 
ATOM   161 O O   . PRO A 1 29  ? -9.436  -0.379  -7.044  1.00 83.40 ? 17  PRO A O   1 
ATOM   162 C CB  . PRO A 1 29  ? -7.361  1.377   -5.323  1.00 82.37 ? 17  PRO A CB  1 
ATOM   163 C CG  . PRO A 1 29  ? -7.761  2.564   -6.087  1.00 82.07 ? 17  PRO A CG  1 
ATOM   164 C CD  . PRO A 1 29  ? -7.198  2.428   -7.443  1.00 81.70 ? 17  PRO A CD  1 
ATOM   165 N N   . GLU A 1 30  ? -8.367  -1.743  -5.596  1.00 84.21 ? 18  GLU A N   1 
ATOM   166 C CA  . GLU A 1 30  ? -9.475  -2.674  -5.444  1.00 85.14 ? 18  GLU A CA  1 
ATOM   167 C C   . GLU A 1 30  ? -10.088 -2.490  -4.065  1.00 86.23 ? 18  GLU A C   1 
ATOM   168 O O   . GLU A 1 30  ? -9.426  -2.766  -3.062  1.00 86.33 ? 18  GLU A O   1 
ATOM   169 C CB  . GLU A 1 30  ? -8.991  -4.115  -5.601  1.00 84.98 ? 18  GLU A CB  1 
ATOM   170 C CG  . GLU A 1 30  ? -8.619  -4.484  -7.023  1.00 84.89 ? 18  GLU A CG  1 
ATOM   171 C CD  . GLU A 1 30  ? -8.208  -5.937  -7.161  1.00 84.99 ? 18  GLU A CD  1 
ATOM   172 O OE1 . GLU A 1 30  ? -7.374  -6.410  -6.355  1.00 84.23 ? 18  GLU A OE1 1 
ATOM   173 O OE2 . GLU A 1 30  ? -8.727  -6.611  -8.076  1.00 86.30 ? 18  GLU A OE2 1 
ATOM   174 N N   . GLU A 1 31  ? -11.330 -1.998  -4.020  1.00 87.23 ? 19  GLU A N   1 
ATOM   175 C CA  . GLU A 1 31  ? -12.103 -1.944  -2.773  1.00 88.02 ? 19  GLU A CA  1 
ATOM   176 C C   . GLU A 1 31  ? -12.744 -3.298  -2.539  1.00 88.61 ? 19  GLU A C   1 
ATOM   177 O O   . GLU A 1 31  ? -13.277 -3.929  -3.451  1.00 88.88 ? 19  GLU A O   1 
ATOM   178 C CB  . GLU A 1 31  ? -13.189 -0.864  -2.802  1.00 88.04 ? 19  GLU A CB  1 
ATOM   179 C CG  . GLU A 1 31  ? -14.033 -0.706  -1.510  1.00 87.86 ? 19  GLU A CG  1 
ATOM   180 C CD  . GLU A 1 31  ? -13.309 0.014   -0.365  1.00 87.53 ? 19  GLU A CD  1 
ATOM   181 O OE1 . GLU A 1 31  ? -12.223 -0.436  0.049   1.00 87.99 ? 19  GLU A OE1 1 
ATOM   182 O OE2 . GLU A 1 31  ? -13.847 1.023   0.143   1.00 87.66 ? 19  GLU A OE2 1 
ATOM   183 N N   . ARG A 1 32  ? -12.738 -3.688  -1.277  1.00 89.32 ? 20  ARG A N   1 
ATOM   184 C CA  . ARG A 1 32  ? -12.738 -5.073  -0.891  1.00 89.84 ? 20  ARG A CA  1 
ATOM   185 C C   . ARG A 1 32  ? -13.075 -5.009  0.604   1.00 90.11 ? 20  ARG A C   1 
ATOM   186 O O   . ARG A 1 32  ? -12.205 -4.939  1.456   1.00 90.69 ? 20  ARG A O   1 
ATOM   187 C CB  . ARG A 1 32  ? -11.348 -5.656  -1.289  1.00 89.91 ? 20  ARG A CB  1 
ATOM   188 C CG  . ARG A 1 32  ? -10.618 -6.637  -0.373  1.00 90.74 ? 20  ARG A CG  1 
ATOM   189 C CD  . ARG A 1 32  ? -10.964 -8.086  -0.659  1.00 92.10 ? 20  ARG A CD  1 
ATOM   190 N NE  . ARG A 1 32  ? -10.528 -8.931  0.455   1.00 93.16 ? 20  ARG A NE  1 
ATOM   191 C CZ  . ARG A 1 32  ? -10.943 -10.171 0.703   1.00 92.58 ? 20  ARG A CZ  1 
ATOM   192 N NH1 . ARG A 1 32  ? -11.828 -10.761 -0.078  1.00 93.18 ? 20  ARG A NH1 1 
ATOM   193 N NH2 . ARG A 1 32  ? -10.475 -10.819 1.762   1.00 92.98 ? 20  ARG A NH2 1 
ATOM   194 N N   . TYR A 1 33  ? -14.367 -4.958  0.900   1.00 90.72 ? 21  TYR A N   1 
ATOM   195 C CA  . TYR A 1 33  ? -14.853 -4.787  2.269   1.00 90.91 ? 21  TYR A CA  1 
ATOM   196 C C   . TYR A 1 33  ? -14.811 -6.092  3.054   1.00 90.82 ? 21  TYR A C   1 
ATOM   197 O O   . TYR A 1 33  ? -15.421 -7.076  2.627   1.00 90.56 ? 21  TYR A O   1 
ATOM   198 C CB  . TYR A 1 33  ? -16.314 -4.328  2.258   1.00 91.35 ? 21  TYR A CB  1 
ATOM   199 C CG  . TYR A 1 33  ? -16.595 -3.027  1.548   1.00 91.85 ? 21  TYR A CG  1 
ATOM   200 C CD1 . TYR A 1 33  ? -16.190 -1.816  2.092   1.00 92.34 ? 21  TYR A CD1 1 
ATOM   201 C CD2 . TYR A 1 33  ? -17.313 -3.004  0.355   1.00 92.78 ? 21  TYR A CD2 1 
ATOM   202 C CE1 . TYR A 1 33  ? -16.458 -0.619  1.453   1.00 92.61 ? 21  TYR A CE1 1 
ATOM   203 C CE2 . TYR A 1 33  ? -17.595 -1.814  -0.290  1.00 92.93 ? 21  TYR A CE2 1 
ATOM   204 C CZ  . TYR A 1 33  ? -17.161 -0.625  0.262   1.00 92.81 ? 21  TYR A CZ  1 
ATOM   205 O OH  . TYR A 1 33  ? -17.435 0.560   -0.373  1.00 92.98 ? 21  TYR A OH  1 
ATOM   206 N N   . THR A 1 34  ? -14.142 -6.106  4.211   1.00 90.56 ? 22  THR A N   1 
ATOM   207 C CA  . THR A 1 34  ? -14.233 -7.274  5.106   1.00 90.66 ? 22  THR A CA  1 
ATOM   208 C C   . THR A 1 34  ? -15.555 -7.316  5.873   1.00 90.89 ? 22  THR A C   1 
ATOM   209 O O   . THR A 1 34  ? -16.540 -6.662  5.512   1.00 90.84 ? 22  THR A O   1 
ATOM   210 C CB  . THR A 1 34  ? -13.136 -7.318  6.206   1.00 90.48 ? 22  THR A CB  1 
ATOM   211 O OG1 . THR A 1 34  ? -13.540 -6.501  7.316   1.00 90.38 ? 22  THR A OG1 1 
ATOM   212 C CG2 . THR A 1 34  ? -11.794 -6.903  5.701   1.00 89.78 ? 22  THR A CG2 1 
ATOM   213 N N   . LEU A 1 35  ? -15.556 -8.184  6.885   1.00 91.20 ? 23  LEU A N   1 
ATOM   214 C CA  . LEU A 1 35  ? -16.280 -8.023  8.160   1.00 91.21 ? 23  LEU A CA  1 
ATOM   215 C C   . LEU A 1 35  ? -16.920 -6.648  8.400   1.00 91.04 ? 23  LEU A C   1 
ATOM   216 O O   . LEU A 1 35  ? -17.809 -6.188  7.635   1.00 90.93 ? 23  LEU A O   1 
ATOM   217 C CB  . LEU A 1 35  ? -15.280 -8.265  9.315   1.00 91.49 ? 23  LEU A CB  1 
ATOM   218 C CG  . LEU A 1 35  ? -14.131 -9.284  9.176   1.00 91.37 ? 23  LEU A CG  1 
ATOM   219 C CD1 . LEU A 1 35  ? -13.193 -9.192  10.364  1.00 91.12 ? 23  LEU A CD1 1 
ATOM   220 C CD2 . LEU A 1 35  ? -14.667 -10.705 9.025   1.00 92.15 ? 23  LEU A CD2 1 
ATOM   221 N N   . THR A 1 38  ? -13.835 -2.540  8.329   1.00 84.27 ? 26  THR A N   1 
ATOM   222 C CA  . THR A 1 38  ? -14.548 -3.119  7.191   1.00 84.06 ? 26  THR A CA  1 
ATOM   223 C C   . THR A 1 38  ? -13.788 -2.855  5.880   1.00 83.69 ? 26  THR A C   1 
ATOM   224 O O   . THR A 1 38  ? -13.361 -3.800  5.221   1.00 83.99 ? 26  THR A O   1 
ATOM   225 C CB  . THR A 1 38  ? -16.024 -2.609  7.099   1.00 84.11 ? 26  THR A CB  1 
ATOM   226 O OG1 . THR A 1 38  ? -16.802 -3.165  8.169   1.00 85.02 ? 26  THR A OG1 1 
ATOM   227 C CG2 . THR A 1 38  ? -16.677 -2.994  5.766   1.00 84.23 ? 26  THR A CG2 1 
ATOM   228 N N   . PRO A 1 39  ? -13.600 -1.575  5.503   1.00 83.02 ? 27  PRO A N   1 
ATOM   229 C CA  . PRO A 1 39  ? -13.125 -1.330  4.146   1.00 82.50 ? 27  PRO A CA  1 
ATOM   230 C C   . PRO A 1 39  ? -11.640 -1.639  3.953   1.00 82.02 ? 27  PRO A C   1 
ATOM   231 O O   . PRO A 1 39  ? -10.797 -1.196  4.733   1.00 82.38 ? 27  PRO A O   1 
ATOM   232 C CB  . PRO A 1 39  ? -13.424 0.165   3.930   1.00 82.44 ? 27  PRO A CB  1 
ATOM   233 C CG  . PRO A 1 39  ? -14.251 0.595   5.136   1.00 82.79 ? 27  PRO A CG  1 
ATOM   234 C CD  . PRO A 1 39  ? -13.800 -0.309  6.223   1.00 83.09 ? 27  PRO A CD  1 
ATOM   235 N N   . VAL A 1 40  ? -11.337 -2.415  2.917   1.00 81.29 ? 28  VAL A N   1 
ATOM   236 C CA  . VAL A 1 40  ? -9.964  -2.748  2.560   1.00 80.50 ? 28  VAL A CA  1 
ATOM   237 C C   . VAL A 1 40  ? -9.767  -2.427  1.097   1.00 79.73 ? 28  VAL A C   1 
ATOM   238 O O   . VAL A 1 40  ? -10.540 -2.847  0.247   1.00 79.84 ? 28  VAL A O   1 
ATOM   239 C CB  . VAL A 1 40  ? -9.651  -4.241  2.782   1.00 80.57 ? 28  VAL A CB  1 
ATOM   240 C CG1 . VAL A 1 40  ? -8.175  -4.469  2.865   1.00 80.04 ? 28  VAL A CG1 1 
ATOM   241 C CG2 . VAL A 1 40  ? -10.325 -4.732  4.039   1.00 80.99 ? 28  VAL A CG2 1 
ATOM   242 N N   . THR A 1 41  ? -8.727  -1.665  0.820   1.00 79.03 ? 29  THR A N   1 
ATOM   243 C CA  . THR A 1 41  ? -8.374  -1.285  -0.521  1.00 78.47 ? 29  THR A CA  1 
ATOM   244 C C   . THR A 1 41  ? -6.908  -1.683  -0.717  1.00 78.36 ? 29  THR A C   1 
ATOM   245 O O   . THR A 1 41  ? -6.070  -1.463  0.142   1.00 77.53 ? 29  THR A O   1 
ATOM   246 C CB  . THR A 1 41  ? -8.605  0.218   -0.741  1.00 78.39 ? 29  THR A CB  1 
ATOM   247 O OG1 . THR A 1 41  ? -9.974  0.534   -0.435  1.00 78.92 ? 29  THR A OG1 1 
ATOM   248 C CG2 . THR A 1 41  ? -8.309  0.610   -2.169  1.00 77.84 ? 29  THR A CG2 1 
ATOM   249 N N   . THR A 1 42  ? -6.642  -2.351  -1.828  1.00 78.22 ? 30  THR A N   1 
ATOM   250 C CA  . THR A 1 42  ? -5.326  -2.767  -2.164  1.00 78.15 ? 30  THR A CA  1 
ATOM   251 C C   . THR A 1 42  ? -4.970  -2.122  -3.484  1.00 78.32 ? 30  THR A C   1 
ATOM   252 O O   . THR A 1 42  ? -5.847  -1.763  -4.275  1.00 77.47 ? 30  THR A O   1 
ATOM   253 C CB  . THR A 1 42  ? -5.194  -4.301  -2.258  1.00 78.22 ? 30  THR A CB  1 
ATOM   254 O OG1 . THR A 1 42  ? -5.999  -4.810  -3.337  1.00 78.30 ? 30  THR A OG1 1 
ATOM   255 C CG2 . THR A 1 42  ? -5.601  -4.948  -0.942  1.00 78.47 ? 30  THR A CG2 1 
ATOM   256 N N   . PHE A 1 43  ? -3.666  -1.936  -3.669  1.00 78.55 ? 31  PHE A N   1 
ATOM   257 C CA  . PHE A 1 43  ? -3.098  -1.477  -4.920  1.00 78.79 ? 31  PHE A CA  1 
ATOM   258 C C   . PHE A 1 43  ? -1.604  -1.743  -4.877  1.00 78.79 ? 31  PHE A C   1 
ATOM   259 O O   . PHE A 1 43  ? -1.027  -1.914  -3.818  1.00 78.62 ? 31  PHE A O   1 
ATOM   260 C CB  . PHE A 1 43  ? -3.389  0.005   -5.175  1.00 78.89 ? 31  PHE A CB  1 
ATOM   261 C CG  . PHE A 1 43  ? -2.944  0.921   -4.083  1.00 78.43 ? 31  PHE A CG  1 
ATOM   262 C CD1 . PHE A 1 43  ? -3.744  1.136   -2.973  1.00 78.87 ? 31  PHE A CD1 1 
ATOM   263 C CD2 . PHE A 1 43  ? -1.748  1.615   -4.186  1.00 79.36 ? 31  PHE A CD2 1 
ATOM   264 C CE1 . PHE A 1 43  ? -3.352  2.014   -1.961  1.00 79.26 ? 31  PHE A CE1 1 
ATOM   265 C CE2 . PHE A 1 43  ? -1.333  2.497   -3.175  1.00 79.13 ? 31  PHE A CE2 1 
ATOM   266 C CZ  . PHE A 1 43  ? -2.142  2.694   -2.060  1.00 79.07 ? 31  PHE A CZ  1 
ATOM   267 N N   . THR A 1 44  ? -1.002  -1.829  -6.049  1.00 79.41 ? 32  THR A N   1 
ATOM   268 C CA  . THR A 1 44  ? 0.396   -2.134  -6.170  1.00 79.62 ? 32  THR A CA  1 
ATOM   269 C C   . THR A 1 44  ? 1.012   -0.924  -6.820  1.00 80.26 ? 32  THR A C   1 
ATOM   270 O O   . THR A 1 44  ? 0.436   -0.339  -7.747  1.00 79.30 ? 32  THR A O   1 
ATOM   271 C CB  . THR A 1 44  ? 0.677   -3.420  -7.005  1.00 80.14 ? 32  THR A CB  1 
ATOM   272 O OG1 . THR A 1 44  ? 0.864   -3.087  -8.387  1.00 80.80 ? 32  THR A OG1 1 
ATOM   273 C CG2 . THR A 1 44  ? -0.469  -4.463  -6.853  1.00 78.89 ? 32  THR A CG2 1 
ATOM   274 N N   . ILE A 1 45  ? 2.170   -0.533  -6.292  1.00 81.33 ? 33  ILE A N   1 
ATOM   275 C CA  . ILE A 1 45  ? 2.900   0.608   -6.809  1.00 81.98 ? 33  ILE A CA  1 
ATOM   276 C C   . ILE A 1 45  ? 4.176   0.144   -7.505  1.00 82.39 ? 33  ILE A C   1 
ATOM   277 O O   . ILE A 1 45  ? 4.722   -0.925  -7.196  1.00 82.57 ? 33  ILE A O   1 
ATOM   278 C CB  . ILE A 1 45  ? 3.198   1.653   -5.705  1.00 82.15 ? 33  ILE A CB  1 
ATOM   279 C CG1 . ILE A 1 45  ? 3.901   1.009   -4.503  1.00 81.76 ? 33  ILE A CG1 1 
ATOM   280 C CG2 . ILE A 1 45  ? 1.888   2.338   -5.279  1.00 82.79 ? 33  ILE A CG2 1 
ATOM   281 C CD1 . ILE A 1 45  ? 4.375   2.005   -3.477  1.00 82.51 ? 33  ILE A CD1 1 
ATOM   282 N N   . ALA A 1 46  ? 4.622   0.935   -8.475  1.00 82.61 ? 34  ALA A N   1 
ATOM   283 C CA  . ALA A 1 46  ? 5.875   0.679   -9.155  1.00 82.69 ? 34  ALA A CA  1 
ATOM   284 C C   . ALA A 1 46  ? 6.868   1.622   -8.536  1.00 82.85 ? 34  ALA A C   1 
ATOM   285 O O   . ALA A 1 46  ? 6.688   2.834   -8.626  1.00 83.04 ? 34  ALA A O   1 
ATOM   286 C CB  . ALA A 1 46  ? 5.752   0.943   -10.643 1.00 82.76 ? 34  ALA A CB  1 
ATOM   287 N N   . VAL A 1 47  ? 7.893   1.065   -7.889  1.00 82.91 ? 35  VAL A N   1 
ATOM   288 C CA  . VAL A 1 47  ? 8.957   1.848   -7.260  1.00 82.90 ? 35  VAL A CA  1 
ATOM   289 C C   . VAL A 1 47  ? 10.259  1.529   -7.970  1.00 83.07 ? 35  VAL A C   1 
ATOM   290 O O   . VAL A 1 47  ? 10.990  0.606   -7.582  1.00 82.76 ? 35  VAL A O   1 
ATOM   291 C CB  . VAL A 1 47  ? 9.103   1.501   -5.753  1.00 82.99 ? 35  VAL A CB  1 
ATOM   292 C CG1 . VAL A 1 47  ? 10.285  2.274   -5.108  1.00 82.08 ? 35  VAL A CG1 1 
ATOM   293 C CG2 . VAL A 1 47  ? 7.779   1.753   -4.995  1.00 82.99 ? 35  VAL A CG2 1 
ATOM   294 N N   . ASP A 1 48  ? 10.560  2.266   -9.030  1.00 83.43 ? 36  ASP A N   1 
ATOM   295 C CA  . ASP A 1 48  ? 11.751  1.905   -9.786  1.00 84.06 ? 36  ASP A CA  1 
ATOM   296 C C   . ASP A 1 48  ? 13.026  2.439   -9.131  1.00 84.15 ? 36  ASP A C   1 
ATOM   297 O O   . ASP A 1 48  ? 13.015  3.444   -8.426  1.00 83.53 ? 36  ASP A O   1 
ATOM   298 C CB  . ASP A 1 48  ? 11.646  2.178   -11.324 1.00 84.37 ? 36  ASP A CB  1 
ATOM   299 C CG  . ASP A 1 48  ? 11.286  3.620   -11.676 1.00 84.81 ? 36  ASP A CG  1 
ATOM   300 O OD1 . ASP A 1 48  ? 11.408  4.506   -10.795 1.00 84.84 ? 36  ASP A OD1 1 
ATOM   301 O OD2 . ASP A 1 48  ? 10.889  3.847   -12.852 1.00 82.74 ? 36  ASP A OD2 1 
ATOM   302 N N   . ARG A 1 49  ? 14.111  1.701   -9.358  1.00 84.70 ? 37  ARG A N   1 
ATOM   303 C CA  . ARG A 1 49  ? 15.393  1.948   -8.723  1.00 85.14 ? 37  ARG A CA  1 
ATOM   304 C C   . ARG A 1 49  ? 16.122  3.049   -9.491  1.00 85.04 ? 37  ARG A C   1 
ATOM   305 O O   . ARG A 1 49  ? 17.027  2.785   -10.283 1.00 85.22 ? 37  ARG A O   1 
ATOM   306 C CB  . ARG A 1 49  ? 16.220  0.653   -8.681  1.00 85.13 ? 37  ARG A CB  1 
ATOM   307 C CG  . ARG A 1 49  ? 15.477  -0.558  -8.095  1.00 85.44 ? 37  ARG A CG  1 
ATOM   308 C CD  . ARG A 1 49  ? 16.252  -1.840  -8.334  1.00 86.15 ? 37  ARG A CD  1 
ATOM   309 N NE  . ARG A 1 49  ? 15.555  -3.035  -7.856  1.00 86.95 ? 37  ARG A NE  1 
ATOM   310 C CZ  . ARG A 1 49  ? 16.064  -4.266  -7.910  1.00 87.52 ? 37  ARG A CZ  1 
ATOM   311 N NH1 . ARG A 1 49  ? 17.257  -4.491  -8.450  1.00 88.65 ? 37  ARG A NH1 1 
ATOM   312 N NH2 . ARG A 1 49  ? 15.368  -5.293  -7.445  1.00 88.08 ? 37  ARG A NH2 1 
ATOM   313 N N   . THR A 1 61  ? 15.702  -1.417  -13.206 1.00 80.40 ? 49  THR A N   1 
ATOM   314 C CA  . THR A 1 61  ? 14.610  -2.352  -12.974 1.00 80.02 ? 49  THR A CA  1 
ATOM   315 C C   . THR A 1 61  ? 13.735  -1.840  -11.820 1.00 79.95 ? 49  THR A C   1 
ATOM   316 O O   . THR A 1 61  ? 14.194  -1.070  -10.973 1.00 80.20 ? 49  THR A O   1 
ATOM   317 C CB  . THR A 1 61  ? 15.143  -3.795  -12.704 1.00 80.08 ? 49  THR A CB  1 
ATOM   318 O OG1 . THR A 1 61  ? 14.045  -4.704  -12.546 1.00 79.48 ? 49  THR A OG1 1 
ATOM   319 C CG2 . THR A 1 61  ? 16.044  -3.835  -11.458 1.00 79.72 ? 49  THR A CG2 1 
ATOM   320 N N   . THR A 1 62  ? 12.471  -2.263  -11.820 1.00 79.39 ? 50  THR A N   1 
ATOM   321 C CA  . THR A 1 62  ? 11.473  -1.793  -10.875 1.00 78.86 ? 50  THR A CA  1 
ATOM   322 C C   . THR A 1 62  ? 11.217  -2.840  -9.813  1.00 78.37 ? 50  THR A C   1 
ATOM   323 O O   . THR A 1 62  ? 11.425  -4.037  -10.030 1.00 78.21 ? 50  THR A O   1 
ATOM   324 C CB  . THR A 1 62  ? 10.126  -1.466  -11.573 1.00 78.78 ? 50  THR A CB  1 
ATOM   325 O OG1 . THR A 1 62  ? 10.353  -0.565  -12.657 1.00 79.54 ? 50  THR A OG1 1 
ATOM   326 C CG2 . THR A 1 62  ? 9.154   -0.807  -10.624 1.00 79.29 ? 50  THR A CG2 1 
ATOM   327 N N   . ASP A 1 63  ? 10.789  -2.356  -8.650  1.00 78.13 ? 51  ASP A N   1 
ATOM   328 C CA  . ASP A 1 63  ? 10.247  -3.179  -7.588  1.00 77.96 ? 51  ASP A CA  1 
ATOM   329 C C   . ASP A 1 63  ? 8.770   -2.882  -7.453  1.00 77.96 ? 51  ASP A C   1 
ATOM   330 O O   . ASP A 1 63  ? 8.369   -1.718  -7.336  1.00 78.05 ? 51  ASP A O   1 
ATOM   331 C CB  . ASP A 1 63  ? 10.936  -2.863  -6.272  1.00 78.07 ? 51  ASP A CB  1 
ATOM   332 C CG  . ASP A 1 63  ? 12.319  -3.408  -6.212  1.00 77.49 ? 51  ASP A CG  1 
ATOM   333 O OD1 . ASP A 1 63  ? 12.457  -4.638  -6.338  1.00 75.89 ? 51  ASP A OD1 1 
ATOM   334 O OD2 . ASP A 1 63  ? 13.264  -2.617  -6.037  1.00 77.21 ? 51  ASP A OD2 1 
ATOM   335 N N   . PHE A 1 64  ? 7.965   -3.939  -7.461  1.00 77.98 ? 52  PHE A N   1 
ATOM   336 C CA  . PHE A 1 64  ? 6.521   -3.819  -7.304  1.00 77.91 ? 52  PHE A CA  1 
ATOM   337 C C   . PHE A 1 64  ? 6.107   -4.241  -5.902  1.00 77.77 ? 52  PHE A C   1 
ATOM   338 O O   . PHE A 1 64  ? 6.592   -5.244  -5.370  1.00 76.72 ? 52  PHE A O   1 
ATOM   339 C CB  . PHE A 1 64  ? 5.803   -4.653  -8.363  1.00 78.15 ? 52  PHE A CB  1 
ATOM   340 C CG  . PHE A 1 64  ? 5.947   -4.102  -9.750  1.00 78.49 ? 52  PHE A CG  1 
ATOM   341 C CD1 . PHE A 1 64  ? 5.047   -3.157  -10.227 1.00 79.00 ? 52  PHE A CD1 1 
ATOM   342 C CD2 . PHE A 1 64  ? 6.990   -4.501  -10.569 1.00 77.88 ? 52  PHE A CD2 1 
ATOM   343 C CE1 . PHE A 1 64  ? 5.179   -2.630  -11.502 1.00 78.93 ? 52  PHE A CE1 1 
ATOM   344 C CE2 . PHE A 1 64  ? 7.125   -3.973  -11.854 1.00 78.34 ? 52  PHE A CE2 1 
ATOM   345 C CZ  . PHE A 1 64  ? 6.220   -3.040  -12.320 1.00 78.38 ? 52  PHE A CZ  1 
ATOM   346 N N   . PHE A 1 65  ? 5.214   -3.456  -5.312  1.00 77.96 ? 53  PHE A N   1 
ATOM   347 C CA  . PHE A 1 65  ? 4.755   -3.683  -3.953  1.00 79.08 ? 53  PHE A CA  1 
ATOM   348 C C   . PHE A 1 65  ? 3.229   -3.688  -3.871  1.00 79.11 ? 53  PHE A C   1 
ATOM   349 O O   . PHE A 1 65  ? 2.587   -2.719  -4.263  1.00 79.25 ? 53  PHE A O   1 
ATOM   350 C CB  . PHE A 1 65  ? 5.296   -2.569  -3.035  1.00 79.59 ? 53  PHE A CB  1 
ATOM   351 C CG  . PHE A 1 65  ? 6.807   -2.517  -2.968  1.00 80.57 ? 53  PHE A CG  1 
ATOM   352 C CD1 . PHE A 1 65  ? 7.523   -1.742  -3.851  1.00 80.38 ? 53  PHE A CD1 1 
ATOM   353 C CD2 . PHE A 1 65  ? 7.494   -3.233  -2.005  1.00 81.22 ? 53  PHE A CD2 1 
ATOM   354 C CE1 . PHE A 1 65  ? 8.876   -1.701  -3.795  1.00 82.41 ? 53  PHE A CE1 1 
ATOM   355 C CE2 . PHE A 1 65  ? 8.850   -3.182  -1.935  1.00 81.66 ? 53  PHE A CE2 1 
ATOM   356 C CZ  . PHE A 1 65  ? 9.549   -2.429  -2.837  1.00 82.12 ? 53  PHE A CZ  1 
ATOM   357 N N   . ARG A 1 66  ? 2.658   -4.763  -3.344  1.00 79.29 ? 54  ARG A N   1 
ATOM   358 C CA  . ARG A 1 66  ? 1.234   -4.773  -2.970  1.00 79.11 ? 54  ARG A CA  1 
ATOM   359 C C   . ARG A 1 66  ? 1.012   -3.896  -1.731  1.00 79.05 ? 54  ARG A C   1 
ATOM   360 O O   . ARG A 1 66  ? 1.549   -4.211  -0.673  1.00 79.17 ? 54  ARG A O   1 
ATOM   361 C CB  . ARG A 1 66  ? 0.775   -6.209  -2.674  1.00 78.99 ? 54  ARG A CB  1 
ATOM   362 C CG  . ARG A 1 66  ? -0.716  -6.334  -2.338  1.00 79.44 ? 54  ARG A CG  1 
ATOM   363 C CD  . ARG A 1 66  ? -1.212  -7.764  -2.470  1.00 79.22 ? 54  ARG A CD  1 
ATOM   364 N N   . ILE A 1 67  ? 0.263   -2.792  -1.875  1.00 79.07 ? 55  ILE A N   1 
ATOM   365 C CA  . ILE A 1 67  ? -0.151  -1.934  -0.743  1.00 78.74 ? 55  ILE A CA  1 
ATOM   366 C C   . ILE A 1 67  ? -1.573  -2.300  -0.244  1.00 78.53 ? 55  ILE A C   1 
ATOM   367 O O   . ILE A 1 67  ? -2.516  -2.390  -1.026  1.00 77.74 ? 55  ILE A O   1 
ATOM   368 C CB  . ILE A 1 67  ? -0.163  -0.409  -1.120  1.00 79.19 ? 55  ILE A CB  1 
ATOM   369 C CG1 . ILE A 1 67  ? 1.102   0.041   -1.882  1.00 78.71 ? 55  ILE A CG1 1 
ATOM   370 C CG2 . ILE A 1 67  ? -0.372  0.465   0.116   1.00 78.89 ? 55  ILE A CG2 1 
ATOM   371 C CD1 . ILE A 1 67  ? 2.383   -0.340  -1.244  1.00 78.31 ? 55  ILE A CD1 1 
ATOM   372 N N   . VAL A 1 68  ? -1.705  -2.491  1.068   1.00 78.13 ? 56  VAL A N   1 
ATOM   373 C CA  . VAL A 1 68  ? -2.981  -2.712  1.724   1.00 77.64 ? 56  VAL A CA  1 
ATOM   374 C C   . VAL A 1 68  ? -3.325  -1.522  2.627   1.00 77.34 ? 56  VAL A C   1 
ATOM   375 O O   . VAL A 1 68  ? -2.481  -1.062  3.379   1.00 77.37 ? 56  VAL A O   1 
ATOM   376 C CB  . VAL A 1 68  ? -2.962  -3.988  2.604   1.00 77.44 ? 56  VAL A CB  1 
ATOM   377 C CG1 . VAL A 1 68  ? -4.387  -4.451  2.905   1.00 78.05 ? 56  VAL A CG1 1 
ATOM   378 C CG2 . VAL A 1 68  ? -2.217  -5.086  1.917   1.00 78.11 ? 56  VAL A CG2 1 
ATOM   379 N N   . THR A 1 69  ? -4.575  -1.058  2.554   1.00 77.04 ? 57  THR A N   1 
ATOM   380 C CA  . THR A 1 69  ? -5.118  -0.014  3.420   1.00 77.03 ? 57  THR A CA  1 
ATOM   381 C C   . THR A 1 69  ? -6.421  -0.496  4.093   1.00 77.02 ? 57  THR A C   1 
ATOM   382 O O   . THR A 1 69  ? -7.143  -1.312  3.540   1.00 76.06 ? 57  THR A O   1 
ATOM   383 C CB  . THR A 1 69  ? -5.419  1.248   2.609   1.00 76.84 ? 57  THR A CB  1 
ATOM   384 O OG1 . THR A 1 69  ? -6.278  0.910   1.524   1.00 77.80 ? 57  THR A OG1 1 
ATOM   385 C CG2 . THR A 1 69  ? -4.151  1.837   2.042   1.00 77.77 ? 57  THR A CG2 1 
ATOM   386 N N   . PHE A 1 70  ? -6.696  0.017   5.293   1.00 77.26 ? 58  PHE A N   1 
ATOM   387 C CA  . PHE A 1 70  ? -7.875  -0.354  6.087   1.00 77.22 ? 58  PHE A CA  1 
ATOM   388 C C   . PHE A 1 70  ? -8.602  0.889   6.588   1.00 77.42 ? 58  PHE A C   1 
ATOM   389 O O   . PHE A 1 70  ? -7.988  1.942   6.762   1.00 77.78 ? 58  PHE A O   1 
ATOM   390 C CB  . PHE A 1 70  ? -7.460  -1.212  7.280   1.00 77.03 ? 58  PHE A CB  1 
ATOM   391 C CG  . PHE A 1 70  ? -6.910  -2.541  6.889   1.00 77.43 ? 58  PHE A CG  1 
ATOM   392 C CD1 . PHE A 1 70  ? -5.577  -2.689  6.563   1.00 77.43 ? 58  PHE A CD1 1 
ATOM   393 C CD2 . PHE A 1 70  ? -7.739  -3.659  6.824   1.00 78.82 ? 58  PHE A CD2 1 
ATOM   394 C CE1 . PHE A 1 70  ? -5.072  -3.922  6.186   1.00 77.56 ? 58  PHE A CE1 1 
ATOM   395 C CE2 . PHE A 1 70  ? -7.231  -4.899  6.450   1.00 79.03 ? 58  PHE A CE2 1 
ATOM   396 C CZ  . PHE A 1 70  ? -5.888  -5.026  6.127   1.00 76.67 ? 58  PHE A CZ  1 
ATOM   397 N N   . GLY A 1 71  ? -9.908  0.769   6.812   1.00 77.70 ? 59  GLY A N   1 
ATOM   398 C CA  . GLY A 1 71  ? -10.705 1.864   7.375   1.00 77.86 ? 59  GLY A CA  1 
ATOM   399 C C   . GLY A 1 71  ? -10.738 3.088   6.478   1.00 78.15 ? 59  GLY A C   1 
ATOM   400 O O   . GLY A 1 71  ? -10.807 2.961   5.255   1.00 78.22 ? 59  GLY A O   1 
ATOM   401 N N   . ARG A 1 72  ? -10.667 4.272   7.082   1.00 78.42 ? 60  ARG A N   1 
ATOM   402 C CA  . ARG A 1 72  ? -10.768 5.541   6.342   1.00 78.66 ? 60  ARG A CA  1 
ATOM   403 C C   . ARG A 1 72  ? -9.705  5.694   5.256   1.00 78.82 ? 60  ARG A C   1 
ATOM   404 O O   . ARG A 1 72  ? -9.930  6.359   4.243   1.00 79.08 ? 60  ARG A O   1 
ATOM   405 C CB  . ARG A 1 72  ? -10.678 6.730   7.299   1.00 78.67 ? 60  ARG A CB  1 
ATOM   406 N N   . LEU A 1 73  ? -8.545  5.089   5.481   1.00 78.88 ? 61  LEU A N   1 
ATOM   407 C CA  . LEU A 1 73  ? -7.458  5.110   4.512   1.00 78.60 ? 61  LEU A CA  1 
ATOM   408 C C   . LEU A 1 73  ? -7.781  4.257   3.287   1.00 78.95 ? 61  LEU A C   1 
ATOM   409 O O   . LEU A 1 73  ? -7.515  4.672   2.157   1.00 78.81 ? 61  LEU A O   1 
ATOM   410 C CB  . LEU A 1 73  ? -6.180  4.612   5.169   1.00 78.65 ? 61  LEU A CB  1 
ATOM   411 C CG  . LEU A 1 73  ? -4.881  4.980   4.468   1.00 78.10 ? 61  LEU A CG  1 
ATOM   412 C CD1 . LEU A 1 73  ? -4.729  6.487   4.383   1.00 77.36 ? 61  LEU A CD1 1 
ATOM   413 C CD2 . LEU A 1 73  ? -3.745  4.352   5.223   1.00 78.11 ? 61  LEU A CD2 1 
ATOM   414 N N   . ALA A 1 74  ? -8.338  3.063   3.523   1.00 79.16 ? 62  ALA A N   1 
ATOM   415 C CA  . ALA A 1 74  ? -8.960  2.254   2.456   1.00 79.36 ? 62  ALA A CA  1 
ATOM   416 C C   . ALA A 1 74  ? -9.991  3.083   1.725   1.00 79.78 ? 62  ALA A C   1 
ATOM   417 O O   . ALA A 1 74  ? -9.982  3.138   0.503   1.00 79.90 ? 62  ALA A O   1 
ATOM   418 C CB  . ALA A 1 74  ? -9.608  0.997   3.019   1.00 78.91 ? 62  ALA A CB  1 
ATOM   419 N N   . GLU A 1 75  ? -10.862 3.743   2.488   1.00 80.39 ? 63  GLU A N   1 
ATOM   420 C CA  . GLU A 1 75  ? -11.893 4.606   1.915   1.00 81.02 ? 63  GLU A CA  1 
ATOM   421 C C   . GLU A 1 75  ? -11.260 5.729   1.100   1.00 81.00 ? 63  GLU A C   1 
ATOM   422 O O   . GLU A 1 75  ? -11.646 5.958   -0.049  1.00 81.29 ? 63  GLU A O   1 
ATOM   423 C CB  . GLU A 1 75  ? -12.795 5.209   3.002   1.00 81.07 ? 63  GLU A CB  1 
ATOM   424 C CG  . GLU A 1 75  ? -13.610 4.198   3.787   1.00 81.71 ? 63  GLU A CG  1 
ATOM   425 C CD  . GLU A 1 75  ? -14.455 4.847   4.862   1.00 81.83 ? 63  GLU A CD  1 
ATOM   426 O OE1 . GLU A 1 75  ? -15.343 5.656   4.506   1.00 83.26 ? 63  GLU A OE1 1 
ATOM   427 O OE2 . GLU A 1 75  ? -14.240 4.542   6.058   1.00 83.24 ? 63  GLU A OE2 1 
ATOM   428 N N   . PHE A 1 76  ? -10.296 6.428   1.697   1.00 80.88 ? 64  PHE A N   1 
ATOM   429 C CA  . PHE A 1 76  ? -9.561  7.474   0.984   1.00 80.81 ? 64  PHE A CA  1 
ATOM   430 C C   . PHE A 1 76  ? -8.907  6.907   -0.273  1.00 80.46 ? 64  PHE A C   1 
ATOM   431 O O   . PHE A 1 76  ? -8.944  7.532   -1.332  1.00 80.08 ? 64  PHE A O   1 
ATOM   432 C CB  . PHE A 1 76  ? -8.498  8.129   1.878   1.00 80.90 ? 64  PHE A CB  1 
ATOM   433 C CG  . PHE A 1 76  ? -7.372  8.772   1.103   1.00 81.30 ? 64  PHE A CG  1 
ATOM   434 C CD1 . PHE A 1 76  ? -6.216  8.059   0.813   1.00 81.03 ? 64  PHE A CD1 1 
ATOM   435 C CD2 . PHE A 1 76  ? -7.484  10.074  0.637   1.00 81.81 ? 64  PHE A CD2 1 
ATOM   436 C CE1 . PHE A 1 76  ? -5.198  8.631   0.073   1.00 81.62 ? 64  PHE A CE1 1 
ATOM   437 C CE2 . PHE A 1 76  ? -6.457  10.661  -0.093  1.00 81.05 ? 64  PHE A CE2 1 
ATOM   438 C CZ  . PHE A 1 76  ? -5.316  9.940   -0.376  1.00 81.51 ? 64  PHE A CZ  1 
ATOM   439 N N   . ALA A 1 77  ? -8.318  5.719   -0.150  1.00 80.44 ? 65  ALA A N   1 
ATOM   440 C CA  . ALA A 1 77  ? -7.557  5.126   -1.249  1.00 80.47 ? 65  ALA A CA  1 
ATOM   441 C C   . ALA A 1 77  ? -8.449  4.926   -2.452  1.00 79.85 ? 65  ALA A C   1 
ATOM   442 O O   . ALA A 1 77  ? -8.239  5.528   -3.499  1.00 79.46 ? 65  ALA A O   1 
ATOM   443 C CB  . ALA A 1 77  ? -6.915  3.798   -0.835  1.00 80.79 ? 65  ALA A CB  1 
ATOM   444 N N   . ARG A 1 78  ? -9.466  4.101   -2.272  1.00 79.85 ? 66  ARG A N   1 
ATOM   445 C CA  . ARG A 1 78  ? -10.437 3.805   -3.333  1.00 79.73 ? 66  ARG A CA  1 
ATOM   446 C C   . ARG A 1 78  ? -11.111 5.032   -3.969  1.00 78.96 ? 66  ARG A C   1 
ATOM   447 O O   . ARG A 1 78  ? -11.187 5.113   -5.194  1.00 78.27 ? 66  ARG A O   1 
ATOM   448 C CB  . ARG A 1 78  ? -11.490 2.849   -2.812  1.00 79.57 ? 66  ARG A CB  1 
ATOM   449 C CG  . ARG A 1 78  ? -12.578 2.573   -3.811  1.00 82.12 ? 66  ARG A CG  1 
ATOM   450 C CD  . ARG A 1 78  ? -12.073 1.763   -5.027  1.00 83.95 ? 66  ARG A CD  1 
ATOM   451 N NE  . ARG A 1 78  ? -13.005 1.790   -6.161  1.00 83.11 ? 66  ARG A NE  1 
ATOM   452 C CZ  . ARG A 1 78  ? -14.257 1.350   -6.138  1.00 84.16 ? 66  ARG A CZ  1 
ATOM   453 N NH1 . ARG A 1 78  ? -14.796 0.853   -5.031  1.00 85.06 ? 66  ARG A NH1 1 
ATOM   454 N NH2 . ARG A 1 78  ? -14.994 1.417   -7.239  1.00 84.84 ? 66  ARG A NH2 1 
ATOM   455 N N   . THR A 1 79  ? -11.568 5.989   -3.166  1.00 78.81 ? 67  THR A N   1 
ATOM   456 C CA  . THR A 1 79  ? -12.288 7.145   -3.728  1.00 79.21 ? 67  THR A CA  1 
ATOM   457 C C   . THR A 1 79  ? -11.375 8.246   -4.294  1.00 79.35 ? 67  THR A C   1 
ATOM   458 O O   . THR A 1 79  ? -11.867 9.173   -4.937  1.00 79.59 ? 67  THR A O   1 
ATOM   459 C CB  . THR A 1 79  ? -13.358 7.773   -2.748  1.00 78.98 ? 67  THR A CB  1 
ATOM   460 O OG1 . THR A 1 79  ? -12.750 8.663   -1.809  1.00 78.46 ? 67  THR A OG1 1 
ATOM   461 C CG2 . THR A 1 79  ? -14.140 6.701   -1.998  1.00 79.42 ? 67  THR A CG2 1 
ATOM   462 N N   . TYR A 1 80  ? -10.064 8.153   -4.070  1.00 79.71 ? 68  TYR A N   1 
ATOM   463 C CA  . TYR A 1 80  ? -9.128  9.168   -4.585  1.00 79.80 ? 68  TYR A CA  1 
ATOM   464 C C   . TYR A 1 80  ? -7.971  8.645   -5.447  1.00 79.85 ? 68  TYR A C   1 
ATOM   465 O O   . TYR A 1 80  ? -7.551  9.343   -6.364  1.00 79.85 ? 68  TYR A O   1 
ATOM   466 C CB  . TYR A 1 80  ? -8.600  10.044  -3.443  1.00 79.80 ? 68  TYR A CB  1 
ATOM   467 C CG  . TYR A 1 80  ? -9.680  10.889  -2.805  1.00 79.82 ? 68  TYR A CG  1 
ATOM   468 C CD1 . TYR A 1 80  ? -10.082 12.085  -3.381  1.00 79.78 ? 68  TYR A CD1 1 
ATOM   469 C CD2 . TYR A 1 80  ? -10.311 10.480  -1.636  1.00 79.82 ? 68  TYR A CD2 1 
ATOM   470 C CE1 . TYR A 1 80  ? -11.074 12.858  -2.806  1.00 79.68 ? 68  TYR A CE1 1 
ATOM   471 C CE2 . TYR A 1 80  ? -11.306 11.242  -1.054  1.00 79.70 ? 68  TYR A CE2 1 
ATOM   472 C CZ  . TYR A 1 80  ? -11.688 12.429  -1.640  1.00 80.07 ? 68  TYR A CZ  1 
ATOM   473 O OH  . TYR A 1 80  ? -12.692 13.182  -1.054  1.00 79.95 ? 68  TYR A OH  1 
ATOM   474 N N   . LEU A 1 81  ? -7.465  7.439   -5.178  1.00 80.19 ? 69  LEU A N   1 
ATOM   475 C CA  . LEU A 1 81  ? -6.294  6.911   -5.914  1.00 80.39 ? 69  LEU A CA  1 
ATOM   476 C C   . LEU A 1 81  ? -6.664  6.289   -7.267  1.00 80.58 ? 69  LEU A C   1 
ATOM   477 O O   . LEU A 1 81  ? -7.620  5.520   -7.359  1.00 80.57 ? 69  LEU A O   1 
ATOM   478 C CB  . LEU A 1 81  ? -5.543  5.857   -5.089  1.00 80.46 ? 69  LEU A CB  1 
ATOM   479 C CG  . LEU A 1 81  ? -5.100  6.191   -3.665  1.00 80.59 ? 69  LEU A CG  1 
ATOM   480 C CD1 . LEU A 1 81  ? -4.166  5.102   -3.136  1.00 80.41 ? 69  LEU A CD1 1 
ATOM   481 C CD2 . LEU A 1 81  ? -4.428  7.538   -3.595  1.00 81.03 ? 69  LEU A CD2 1 
ATOM   482 N N   . THR A 1 82  ? -5.892  6.616   -8.307  1.00 80.73 ? 70  THR A N   1 
ATOM   483 C CA  . THR A 1 82  ? -6.054  6.001   -9.637  1.00 80.71 ? 70  THR A CA  1 
ATOM   484 C C   . THR A 1 82  ? -4.687  5.670   -10.248 1.00 80.88 ? 70  THR A C   1 
ATOM   485 O O   . THR A 1 82  ? -3.671  6.200   -9.818  1.00 81.11 ? 70  THR A O   1 
ATOM   486 C CB  . THR A 1 82  ? -6.856  6.909   -10.609 1.00 80.61 ? 70  THR A CB  1 
ATOM   487 O OG1 . THR A 1 82  ? -6.126  8.113   -10.875 1.00 80.45 ? 70  THR A OG1 1 
ATOM   488 C CG2 . THR A 1 82  ? -8.212  7.261   -10.026 1.00 80.18 ? 70  THR A CG2 1 
ATOM   489 N N   . LYS A 1 83  ? -4.671  4.795   -11.252 1.00 81.08 ? 71  LYS A N   1 
ATOM   490 C CA  . LYS A 1 83  ? -3.431  4.368   -11.910 1.00 81.08 ? 71  LYS A CA  1 
ATOM   491 C C   . LYS A 1 83  ? -2.579  5.547   -12.387 1.00 81.20 ? 71  LYS A C   1 
ATOM   492 O O   . LYS A 1 83  ? -3.099  6.614   -12.717 1.00 81.09 ? 71  LYS A O   1 
ATOM   493 C CB  . LYS A 1 83  ? -3.741  3.449   -13.099 1.00 81.01 ? 71  LYS A CB  1 
ATOM   494 N N   . GLY A 1 84  ? -1.264  5.343   -12.404 1.00 81.53 ? 72  GLY A N   1 
ATOM   495 C CA  . GLY A 1 84  ? -0.302  6.369   -12.821 1.00 81.71 ? 72  GLY A CA  1 
ATOM   496 C C   . GLY A 1 84  ? 0.090   7.329   -11.711 1.00 81.85 ? 72  GLY A C   1 
ATOM   497 O O   . GLY A 1 84  ? 1.255   7.708   -11.592 1.00 82.00 ? 72  GLY A O   1 
ATOM   498 N N   . ARG A 1 85  ? -0.899  7.730   -10.916 1.00 81.94 ? 73  ARG A N   1 
ATOM   499 C CA  . ARG A 1 85  ? -0.729  8.655   -9.796  1.00 81.97 ? 73  ARG A CA  1 
ATOM   500 C C   . ARG A 1 85  ? 0.450   8.258   -8.880  1.00 81.85 ? 73  ARG A C   1 
ATOM   501 O O   . ARG A 1 85  ? 0.608   7.084   -8.554  1.00 81.93 ? 73  ARG A O   1 
ATOM   502 C CB  . ARG A 1 85  ? -2.050  8.692   -9.008  1.00 82.04 ? 73  ARG A CB  1 
ATOM   503 C CG  . ARG A 1 85  ? -2.102  9.663   -7.853  1.00 82.39 ? 73  ARG A CG  1 
ATOM   504 C CD  . ARG A 1 85  ? -2.413  11.068  -8.295  1.00 82.58 ? 73  ARG A CD  1 
ATOM   505 N NE  . ARG A 1 85  ? -3.832  11.256  -8.574  1.00 82.75 ? 73  ARG A NE  1 
ATOM   506 C CZ  . ARG A 1 85  ? -4.433  12.442  -8.648  1.00 83.31 ? 73  ARG A CZ  1 
ATOM   507 N NH1 . ARG A 1 85  ? -3.745  13.567  -8.465  1.00 83.46 ? 73  ARG A NH1 1 
ATOM   508 N NH2 . ARG A 1 85  ? -5.738  12.508  -8.907  1.00 83.61 ? 73  ARG A NH2 1 
ATOM   509 N N   . LEU A 1 86  ? 1.259   9.246   -8.483  1.00 81.73 ? 74  LEU A N   1 
ATOM   510 C CA  . LEU A 1 86  ? 2.466   9.034   -7.659  1.00 81.63 ? 74  LEU A CA  1 
ATOM   511 C C   . LEU A 1 86  ? 2.164   9.232   -6.183  1.00 81.55 ? 74  LEU A C   1 
ATOM   512 O O   . LEU A 1 86  ? 1.778   10.325  -5.766  1.00 81.62 ? 74  LEU A O   1 
ATOM   513 C CB  . LEU A 1 86  ? 3.567   10.023  -8.062  1.00 81.62 ? 74  LEU A CB  1 
ATOM   514 C CG  . LEU A 1 86  ? 4.903   9.996   -7.300  1.00 81.64 ? 74  LEU A CG  1 
ATOM   515 C CD1 . LEU A 1 86  ? 5.697   8.750   -7.616  1.00 81.43 ? 74  LEU A CD1 1 
ATOM   516 C CD2 . LEU A 1 86  ? 5.730   11.223  -7.630  1.00 81.46 ? 74  LEU A CD2 1 
ATOM   517 N N   . VAL A 1 87  ? 2.366   8.189   -5.384  1.00 81.49 ? 75  VAL A N   1 
ATOM   518 C CA  . VAL A 1 87  ? 2.050   8.262   -3.957  1.00 81.25 ? 75  VAL A CA  1 
ATOM   519 C C   . VAL A 1 87  ? 3.243   7.943   -3.040  1.00 81.07 ? 75  VAL A C   1 
ATOM   520 O O   . VAL A 1 87  ? 4.167   7.210   -3.406  1.00 81.12 ? 75  VAL A O   1 
ATOM   521 C CB  . VAL A 1 87  ? 0.843   7.370   -3.590  1.00 81.36 ? 75  VAL A CB  1 
ATOM   522 C CG1 . VAL A 1 87  ? -0.418  7.891   -4.273  1.00 81.77 ? 75  VAL A CG1 1 
ATOM   523 C CG2 . VAL A 1 87  ? 1.081   5.902   -3.952  1.00 81.48 ? 75  VAL A CG2 1 
ATOM   524 N N   . LEU A 1 88  ? 3.219   8.550   -1.858  1.00 80.37 ? 76  LEU A N   1 
ATOM   525 C CA  . LEU A 1 88  ? 4.071   8.145   -0.770  1.00 79.62 ? 76  LEU A CA  1 
ATOM   526 C C   . LEU A 1 88  ? 3.288   7.113   -0.012  1.00 79.50 ? 76  LEU A C   1 
ATOM   527 O O   . LEU A 1 88  ? 2.099   7.294   0.228   1.00 79.82 ? 76  LEU A O   1 
ATOM   528 C CB  . LEU A 1 88  ? 4.393   9.317   0.156   1.00 79.62 ? 76  LEU A CB  1 
ATOM   529 C CG  . LEU A 1 88  ? 5.347   8.904   1.285   1.00 79.43 ? 76  LEU A CG  1 
ATOM   530 C CD1 . LEU A 1 88  ? 6.393   9.946   1.444   1.00 80.01 ? 76  LEU A CD1 1 
ATOM   531 C CD2 . LEU A 1 88  ? 4.660   8.588   2.631   1.00 78.46 ? 76  LEU A CD2 1 
ATOM   532 N N   . VAL A 1 89  ? 3.937   6.020   0.351   1.00 79.21 ? 77  VAL A N   1 
ATOM   533 C CA  . VAL A 1 89  ? 3.334   5.048   1.230   1.00 79.18 ? 77  VAL A CA  1 
ATOM   534 C C   . VAL A 1 89  ? 4.228   4.811   2.432   1.00 78.52 ? 77  VAL A C   1 
ATOM   535 O O   . VAL A 1 89  ? 5.394   4.490   2.299   1.00 78.11 ? 77  VAL A O   1 
ATOM   536 C CB  . VAL A 1 89  ? 3.037   3.725   0.489   1.00 79.68 ? 77  VAL A CB  1 
ATOM   537 C CG1 . VAL A 1 89  ? 2.699   2.612   1.468   1.00 80.60 ? 77  VAL A CG1 1 
ATOM   538 C CG2 . VAL A 1 89  ? 1.885   3.932   -0.512  1.00 79.85 ? 77  VAL A CG2 1 
ATOM   539 N N   . GLU A 1 90  ? 3.646   4.961   3.606   1.00 78.34 ? 78  GLU A N   1 
ATOM   540 C CA  . GLU A 1 90  ? 4.305   4.631   4.832   1.00 78.58 ? 78  GLU A CA  1 
ATOM   541 C C   . GLU A 1 90  ? 3.570   3.486   5.508   1.00 78.98 ? 78  GLU A C   1 
ATOM   542 O O   . GLU A 1 90  ? 2.360   3.510   5.661   1.00 78.50 ? 78  GLU A O   1 
ATOM   543 C CB  . GLU A 1 90  ? 4.297   5.830   5.752   1.00 79.25 ? 78  GLU A CB  1 
ATOM   544 C CG  . GLU A 1 90  ? 5.240   5.640   6.862   1.00 80.69 ? 78  GLU A CG  1 
ATOM   545 C CD  . GLU A 1 90  ? 5.087   6.632   7.878   1.00 83.60 ? 78  GLU A CD  1 
ATOM   546 O OE1 . GLU A 1 90  ? 4.804   7.781   7.513   1.00 90.25 ? 78  GLU A OE1 1 
ATOM   547 O OE2 . GLU A 1 90  ? 5.264   6.295   9.058   1.00 87.79 ? 78  GLU A OE2 1 
ATOM   548 N N   . GLY A 1 91  ? 4.296   2.467   5.923   1.00 79.56 ? 79  GLY A N   1 
ATOM   549 C CA  . GLY A 1 91  ? 3.659   1.446   6.701   1.00 79.40 ? 79  GLY A CA  1 
ATOM   550 C C   . GLY A 1 91  ? 4.593   0.361   7.140   1.00 79.71 ? 79  GLY A C   1 
ATOM   551 O O   . GLY A 1 91  ? 5.750   0.623   7.451   1.00 78.37 ? 79  GLY A O   1 
ATOM   552 N N   . GLU A 1 92  ? 4.065   -0.868  7.186   1.00 80.21 ? 80  GLU A N   1 
ATOM   553 C CA  . GLU A 1 92  ? 4.855   -1.997  7.626   1.00 80.92 ? 80  GLU A CA  1 
ATOM   554 C C   . GLU A 1 92  ? 5.001   -3.007  6.551   1.00 80.75 ? 80  GLU A C   1 
ATOM   555 O O   . GLU A 1 92  ? 4.123   -3.185  5.723   1.00 81.61 ? 80  GLU A O   1 
ATOM   556 C CB  . GLU A 1 92  ? 4.252   -2.614  8.857   1.00 81.27 ? 80  GLU A CB  1 
ATOM   557 C CG  . GLU A 1 92  ? 4.547   -1.838  10.079  1.00 83.29 ? 80  GLU A CG  1 
ATOM   558 C CD  . GLU A 1 92  ? 3.908   -2.449  11.296  1.00 89.19 ? 80  GLU A CD  1 
ATOM   559 O OE1 . GLU A 1 92  ? 3.196   -3.464  11.102  1.00 90.82 ? 80  GLU A OE1 1 
ATOM   560 O OE2 . GLU A 1 92  ? 4.092   -1.909  12.429  1.00 91.52 ? 80  GLU A OE2 1 
ATOM   561 N N   . MET A 1 93  ? 6.151   -3.649  6.526   1.00 81.79 ? 81  MET A N   1 
ATOM   562 C CA  . MET A 1 93  ? 6.388   -4.678  5.531   1.00 81.45 ? 81  MET A CA  1 
ATOM   563 C C   . MET A 1 93  ? 5.966   -5.983  6.180   1.00 81.07 ? 81  MET A C   1 
ATOM   564 O O   . MET A 1 93  ? 6.607   -6.465  7.111   1.00 79.42 ? 81  MET A O   1 
ATOM   565 C CB  . MET A 1 93  ? 7.848   -4.670  5.084   1.00 81.68 ? 81  MET A CB  1 
ATOM   566 C CG  . MET A 1 93  ? 8.158   -5.578  3.870   1.00 82.92 ? 81  MET A CG  1 
ATOM   567 S SD  . MET A 1 93  ? 7.188   -5.211  2.388   1.00 86.62 ? 81  MET A SD  1 
ATOM   568 C CE  . MET A 1 93  ? 6.121   -6.571  2.310   1.00 86.00 ? 81  MET A CE  1 
ATOM   569 N N   . ARG A 1 94  ? 4.826   -6.502  5.726   1.00 82.04 ? 82  ARG A N   1 
ATOM   570 C CA  . ARG A 1 94  ? 4.355   -7.828  6.150   1.00 82.81 ? 82  ARG A CA  1 
ATOM   571 C C   . ARG A 1 94  ? 4.860   -8.947  5.247   1.00 82.04 ? 82  ARG A C   1 
ATOM   572 O O   . ARG A 1 94  ? 4.769   -8.882  4.023   1.00 81.31 ? 82  ARG A O   1 
ATOM   573 C CB  . ARG A 1 94  ? 2.827   -7.897  6.240   1.00 83.87 ? 82  ARG A CB  1 
ATOM   574 C CG  . ARG A 1 94  ? 2.184   -7.040  7.335   1.00 86.29 ? 82  ARG A CG  1 
ATOM   575 C CD  . ARG A 1 94  ? 3.037   -6.908  8.601   1.00 89.90 ? 82  ARG A CD  1 
ATOM   576 N NE  . ARG A 1 94  ? 2.249   -6.398  9.741   1.00 91.48 ? 82  ARG A NE  1 
ATOM   577 C CZ  . ARG A 1 94  ? 2.766   -5.883  10.866  1.00 93.12 ? 82  ARG A CZ  1 
ATOM   578 N NH1 . ARG A 1 94  ? 4.090   -5.768  11.033  1.00 94.03 ? 82  ARG A NH1 1 
ATOM   579 N NH2 . ARG A 1 94  ? 1.952   -5.460  11.832  1.00 93.52 ? 82  ARG A NH2 1 
ATOM   580 N N   . MET A 1 95  ? 5.370   -9.981  5.898   1.00 81.82 ? 83  MET A N   1 
ATOM   581 C CA  . MET A 1 95  ? 5.923   -11.159 5.253   1.00 82.00 ? 83  MET A CA  1 
ATOM   582 C C   . MET A 1 95  ? 4.995   -12.334 5.537   1.00 81.39 ? 83  MET A C   1 
ATOM   583 O O   . MET A 1 95  ? 5.320   -13.229 6.316   1.00 80.33 ? 83  MET A O   1 
ATOM   584 C CB  . MET A 1 95  ? 7.317   -11.419 5.827   1.00 82.35 ? 83  MET A CB  1 
ATOM   585 C CG  . MET A 1 95  ? 8.318   -10.354 5.461   1.00 83.21 ? 83  MET A CG  1 
ATOM   586 S SD  . MET A 1 95  ? 8.822   -10.588 3.739   1.00 87.36 ? 83  MET A SD  1 
ATOM   587 C CE  . MET A 1 95  ? 7.943   -9.233  3.009   1.00 85.63 ? 83  MET A CE  1 
ATOM   588 N N   . ARG A 1 96  ? 3.824   -12.299 4.916   1.00 81.33 ? 84  ARG A N   1 
ATOM   589 C CA  . ARG A 1 96  ? 2.727   -13.136 5.367   1.00 82.00 ? 84  ARG A CA  1 
ATOM   590 C C   . ARG A 1 96  ? 2.813   -14.506 4.708   1.00 81.40 ? 84  ARG A C   1 
ATOM   591 O O   . ARG A 1 96  ? 2.853   -14.629 3.484   1.00 80.90 ? 84  ARG A O   1 
ATOM   592 C CB  . ARG A 1 96  ? 1.361   -12.458 5.154   1.00 82.15 ? 84  ARG A CB  1 
ATOM   593 C CG  . ARG A 1 96  ? 0.456   -13.120 4.142   1.00 83.31 ? 84  ARG A CG  1 
ATOM   594 C CD  . ARG A 1 96  ? -1.001  -12.693 4.278   1.00 83.78 ? 84  ARG A CD  1 
ATOM   595 N NE  . ARG A 1 96  ? -1.639  -12.689 2.967   1.00 84.86 ? 84  ARG A NE  1 
ATOM   596 C CZ  . ARG A 1 96  ? -1.904  -13.774 2.250   1.00 87.57 ? 84  ARG A CZ  1 
ATOM   597 N NH1 . ARG A 1 96  ? -1.644  -15.002 2.711   1.00 89.17 ? 84  ARG A NH1 1 
ATOM   598 N NH2 . ARG A 1 96  ? -2.477  -13.637 1.060   1.00 89.05 ? 84  ARG A NH2 1 
ATOM   599 N N   . ARG A 1 97  ? 2.855   -15.528 5.550   1.00 81.24 ? 85  ARG A N   1 
ATOM   600 C CA  . ARG A 1 97  ? 2.987   -16.906 5.105   1.00 81.14 ? 85  ARG A CA  1 
ATOM   601 C C   . ARG A 1 97  ? 1.594   -17.511 5.011   1.00 80.96 ? 85  ARG A C   1 
ATOM   602 O O   . ARG A 1 97  ? 0.742   -17.265 5.868   1.00 80.57 ? 85  ARG A O   1 
ATOM   603 C CB  . ARG A 1 97  ? 3.864   -17.698 6.082   1.00 81.16 ? 85  ARG A CB  1 
ATOM   604 C CG  . ARG A 1 97  ? 4.953   -16.876 6.770   1.00 81.03 ? 85  ARG A CG  1 
ATOM   605 C CD  . ARG A 1 97  ? 5.795   -17.726 7.701   1.00 81.17 ? 85  ARG A CD  1 
ATOM   606 N NE  . ARG A 1 97  ? 6.248   -16.940 8.843   1.00 81.64 ? 85  ARG A NE  1 
ATOM   607 C CZ  . ARG A 1 97  ? 5.556   -16.740 9.965   1.00 81.77 ? 85  ARG A CZ  1 
ATOM   608 N NH1 . ARG A 1 97  ? 4.357   -17.284 10.142  1.00 82.12 ? 85  ARG A NH1 1 
ATOM   609 N NH2 . ARG A 1 97  ? 6.075   -15.989 10.927  1.00 81.81 ? 85  ARG A NH2 1 
ATOM   610 N N   . LYS A 1 105 ? 0.971   -21.901 4.002   1.00 85.47 ? 93  LYS A N   1 
ATOM   611 C CA  . LYS A 1 105 ? 1.823   -20.728 4.197   1.00 85.37 ? 93  LYS A CA  1 
ATOM   612 C C   . LYS A 1 105 ? 2.916   -20.652 3.124   1.00 85.42 ? 93  LYS A C   1 
ATOM   613 O O   . LYS A 1 105 ? 3.791   -21.522 3.054   1.00 85.24 ? 93  LYS A O   1 
ATOM   614 C CB  . LYS A 1 105 ? 2.447   -20.766 5.597   1.00 85.29 ? 93  LYS A CB  1 
ATOM   615 C CG  . LYS A 1 105 ? 1.476   -20.420 6.732   1.00 85.07 ? 93  LYS A CG  1 
ATOM   616 C CD  . LYS A 1 105 ? 1.750   -21.240 7.989   1.00 84.88 ? 93  LYS A CD  1 
ATOM   617 C CE  . LYS A 1 105 ? 1.171   -22.648 7.877   1.00 84.38 ? 93  LYS A CE  1 
ATOM   618 N NZ  . LYS A 1 105 ? 1.702   -23.539 8.938   1.00 84.34 ? 93  LYS A NZ  1 
ATOM   619 N N   . ARG A 1 106 ? 2.854   -19.616 2.286   1.00 85.42 ? 94  ARG A N   1 
ATOM   620 C CA  . ARG A 1 106 ? 3.829   -19.429 1.210   1.00 85.35 ? 94  ARG A CA  1 
ATOM   621 C C   . ARG A 1 106 ? 4.066   -17.934 1.088   1.00 84.98 ? 94  ARG A C   1 
ATOM   622 O O   . ARG A 1 106 ? 3.218   -17.209 0.579   1.00 85.61 ? 94  ARG A O   1 
ATOM   623 C CB  . ARG A 1 106 ? 3.314   -20.053 -0.104  1.00 85.51 ? 94  ARG A CB  1 
ATOM   624 C CG  . ARG A 1 106 ? 4.333   -20.120 -1.251  1.00 85.54 ? 94  ARG A CG  1 
ATOM   625 C CD  . ARG A 1 106 ? 5.601   -20.837 -0.839  1.00 85.88 ? 94  ARG A CD  1 
ATOM   626 N NE  . ARG A 1 106 ? 5.291   -22.154 -0.283  1.00 87.60 ? 94  ARG A NE  1 
ATOM   627 C CZ  . ARG A 1 106 ? 6.102   -22.873 0.494   1.00 87.65 ? 94  ARG A CZ  1 
ATOM   628 N NH1 . ARG A 1 106 ? 7.304   -22.413 0.843   1.00 88.50 ? 94  ARG A NH1 1 
ATOM   629 N NH2 . ARG A 1 106 ? 5.697   -24.058 0.941   1.00 85.96 ? 94  ARG A NH2 1 
ATOM   630 N N   . VAL A 1 107 ? 5.227   -17.480 1.561   1.00 84.48 ? 95  VAL A N   1 
ATOM   631 C CA  . VAL A 1 107 ? 5.418   -16.066 2.023   1.00 83.86 ? 95  VAL A CA  1 
ATOM   632 C C   . VAL A 1 107 ? 5.067   -14.938 1.024   1.00 83.61 ? 95  VAL A C   1 
ATOM   633 O O   . VAL A 1 107 ? 5.768   -14.736 -0.009  1.00 83.61 ? 95  VAL A O   1 
ATOM   634 C CB  . VAL A 1 107 ? 6.866   -15.816 2.550   1.00 83.90 ? 95  VAL A CB  1 
ATOM   635 C CG1 . VAL A 1 107 ? 7.006   -14.402 3.121   1.00 83.52 ? 95  VAL A CG1 1 
ATOM   636 C CG2 . VAL A 1 107 ? 7.252   -16.858 3.607   1.00 84.05 ? 95  VAL A CG2 1 
ATOM   637 N N   . SER A 1 108 ? 4.017   -14.170 1.372   1.00 83.05 ? 96  SER A N   1 
ATOM   638 C CA  . SER A 1 108 ? 3.506   -13.099 0.511   1.00 82.94 ? 96  SER A CA  1 
ATOM   639 C C   . SER A 1 108 ? 3.730   -11.695 1.103   1.00 82.46 ? 96  SER A C   1 
ATOM   640 O O   . SER A 1 108 ? 3.167   -11.380 2.159   1.00 81.54 ? 96  SER A O   1 
ATOM   641 C CB  . SER A 1 108 ? 2.015   -13.284 0.270   1.00 83.17 ? 96  SER A CB  1 
ATOM   642 O OG  . SER A 1 108 ? 1.467   -12.101 -0.292  1.00 85.11 ? 96  SER A OG  1 
ATOM   643 N N   . PRO A 1 109 ? 4.513   -10.842 0.401   1.00 82.06 ? 97  PRO A N   1 
ATOM   644 C CA  . PRO A 1 109 ? 4.936   -9.521  0.892   1.00 82.11 ? 97  PRO A CA  1 
ATOM   645 C C   . PRO A 1 109 ? 3.914   -8.435  0.611   1.00 81.58 ? 97  PRO A C   1 
ATOM   646 O O   . PRO A 1 109 ? 3.678   -8.122  -0.551  1.00 82.56 ? 97  PRO A O   1 
ATOM   647 C CB  . PRO A 1 109 ? 6.224   -9.239  0.081   1.00 81.84 ? 97  PRO A CB  1 
ATOM   648 C CG  . PRO A 1 109 ? 6.322   -10.369 -0.936  1.00 81.93 ? 97  PRO A CG  1 
ATOM   649 C CD  . PRO A 1 109 ? 5.035   -11.076 -0.954  1.00 81.76 ? 97  PRO A CD  1 
ATOM   650 N N   . GLU A 1 110 ? 3.310   -7.871  1.652   1.00 80.80 ? 98  GLU A N   1 
ATOM   651 C CA  . GLU A 1 110 ? 2.417   -6.716  1.485   1.00 80.40 ? 98  GLU A CA  1 
ATOM   652 C C   . GLU A 1 110 ? 2.831   -5.590  2.407   1.00 79.89 ? 98  GLU A C   1 
ATOM   653 O O   . GLU A 1 110 ? 3.293   -5.854  3.515   1.00 80.28 ? 98  GLU A O   1 
ATOM   654 C CB  . GLU A 1 110 ? 0.987   -7.034  1.898   1.00 80.24 ? 98  GLU A CB  1 
ATOM   655 C CG  . GLU A 1 110 ? 0.376   -8.267  1.339   1.00 80.66 ? 98  GLU A CG  1 
ATOM   656 C CD  . GLU A 1 110 ? -0.696  -8.798  2.256   1.00 80.08 ? 98  GLU A CD  1 
ATOM   657 O OE1 . GLU A 1 110 ? -1.066  -8.029  3.199   1.00 79.06 ? 98  GLU A OE1 1 
ATOM   658 O OE2 . GLU A 1 110 ? -1.133  -9.955  2.044   1.00 72.56 ? 98  GLU A OE2 1 
ATOM   659 N N   . VAL A 1 111 ? 2.599   -4.349  1.974   1.00 79.02 ? 99  VAL A N   1 
ATOM   660 C CA  . VAL A 1 111 ? 2.752   -3.189  2.838   1.00 78.54 ? 99  VAL A CA  1 
ATOM   661 C C   . VAL A 1 111 ? 1.403   -2.826  3.437   1.00 78.43 ? 99  VAL A C   1 
ATOM   662 O O   . VAL A 1 111 ? 0.481   -2.410  2.715   1.00 78.64 ? 99  VAL A O   1 
ATOM   663 C CB  . VAL A 1 111 ? 3.310   -1.978  2.052   1.00 78.85 ? 99  VAL A CB  1 
ATOM   664 C CG1 . VAL A 1 111 ? 3.565   -0.831  2.952   1.00 79.55 ? 99  VAL A CG1 1 
ATOM   665 C CG2 . VAL A 1 111 ? 4.608   -2.343  1.315   1.00 77.89 ? 99  VAL A CG2 1 
ATOM   666 N N   . VAL A 1 112 ? 1.268   -2.993  4.752   1.00 77.49 ? 100 VAL A N   1 
ATOM   667 C CA  . VAL A 1 112 ? 0.111   -2.457  5.457   1.00 76.29 ? 100 VAL A CA  1 
ATOM   668 C C   . VAL A 1 112 ? 0.453   -0.991  5.710   1.00 77.38 ? 100 VAL A C   1 
ATOM   669 O O   . VAL A 1 112 ? 1.313   -0.659  6.548   1.00 77.31 ? 100 VAL A O   1 
ATOM   670 C CB  . VAL A 1 112 ? -0.184  -3.225  6.765   1.00 75.82 ? 100 VAL A CB  1 
ATOM   671 C CG1 . VAL A 1 112 ? -1.381  -2.637  7.465   1.00 74.44 ? 100 VAL A CG1 1 
ATOM   672 C CG2 . VAL A 1 112 ? -0.416  -4.750  6.467   1.00 74.07 ? 100 VAL A CG2 1 
ATOM   673 N N   . ALA A 1 113 ? -0.202  -0.119  4.946   1.00 77.58 ? 101 ALA A N   1 
ATOM   674 C CA  . ALA A 1 113 ? 0.079   1.282   4.971   1.00 77.44 ? 101 ALA A CA  1 
ATOM   675 C C   . ALA A 1 113 ? -0.617  1.919   6.141   1.00 78.59 ? 101 ALA A C   1 
ATOM   676 O O   . ALA A 1 113 ? -1.794  1.627   6.440   1.00 78.96 ? 101 ALA A O   1 
ATOM   677 C CB  . ALA A 1 113 ? -0.327  1.943   3.674   1.00 77.02 ? 101 ALA A CB  1 
ATOM   678 N N   . ASN A 1 114 ? 0.109   2.799   6.826   1.00 79.31 ? 102 ASN A N   1 
ATOM   679 C CA  . ASN A 1 114 ? -0.538  3.670   7.786   1.00 80.05 ? 102 ASN A CA  1 
ATOM   680 C C   . ASN A 1 114 ? -0.750  5.050   7.187   1.00 79.53 ? 102 ASN A C   1 
ATOM   681 O O   . ASN A 1 114 ? -1.534  5.791   7.685   1.00 79.91 ? 102 ASN A O   1 
ATOM   682 C CB  . ASN A 1 114 ? 0.213   3.692   9.127   1.00 80.61 ? 102 ASN A CB  1 
ATOM   683 C CG  . ASN A 1 114 ? 1.653   4.131   9.015   1.00 84.35 ? 102 ASN A CG  1 
ATOM   684 O OD1 . ASN A 1 114 ? 2.558   3.313   8.753   1.00 91.25 ? 102 ASN A OD1 1 
ATOM   685 N ND2 . ASN A 1 114 ? 1.909   5.418   9.300   1.00 89.05 ? 102 ASN A ND2 1 
ATOM   686 N N   . VAL A 1 115 ? -0.053  5.381   6.103   1.00 79.84 ? 103 VAL A N   1 
ATOM   687 C CA  . VAL A 1 115 ? -0.147  6.698   5.465   1.00 79.11 ? 103 VAL A CA  1 
ATOM   688 C C   . VAL A 1 115 ? -0.073  6.529   3.947   1.00 79.11 ? 103 VAL A C   1 
ATOM   689 O O   . VAL A 1 115 ? 0.736   5.762   3.457   1.00 78.24 ? 103 VAL A O   1 
ATOM   690 C CB  . VAL A 1 115 ? 1.011   7.615   5.948   1.00 79.23 ? 103 VAL A CB  1 
ATOM   691 C CG1 . VAL A 1 115 ? 1.179   8.854   5.059   1.00 80.01 ? 103 VAL A CG1 1 
ATOM   692 C CG2 . VAL A 1 115 ? 0.787   8.040   7.370   1.00 78.28 ? 103 VAL A CG2 1 
ATOM   693 N N   . VAL A 1 116 ? -0.945  7.216   3.217   1.00 79.40 ? 104 VAL A N   1 
ATOM   694 C CA  . VAL A 1 116 ? -0.804  7.367   1.765   1.00 79.56 ? 104 VAL A CA  1 
ATOM   695 C C   . VAL A 1 116 ? -1.099  8.810   1.358   1.00 79.75 ? 104 VAL A C   1 
ATOM   696 O O   . VAL A 1 116 ? -2.236  9.280   1.495   1.00 79.76 ? 104 VAL A O   1 
ATOM   697 C CB  . VAL A 1 116 ? -1.742  6.446   0.959   1.00 79.88 ? 104 VAL A CB  1 
ATOM   698 C CG1 . VAL A 1 116 ? -1.495  6.632   -0.546  1.00 79.66 ? 104 VAL A CG1 1 
ATOM   699 C CG2 . VAL A 1 116 ? -1.560  4.991   1.356   1.00 80.01 ? 104 VAL A CG2 1 
ATOM   700 N N   . ARG A 1 117 ? -0.069  9.503   0.878   1.00 80.01 ? 105 ARG A N   1 
ATOM   701 C CA  . ARG A 1 117 ? -0.205  10.834  0.298   1.00 80.21 ? 105 ARG A CA  1 
ATOM   702 C C   . ARG A 1 117 ? 0.075   10.853  -1.196  1.00 80.91 ? 105 ARG A C   1 
ATOM   703 O O   . ARG A 1 117 ? 1.029   10.223  -1.675  1.00 80.69 ? 105 ARG A O   1 
ATOM   704 C CB  . ARG A 1 117 ? 0.773   11.809  0.928   1.00 79.95 ? 105 ARG A CB  1 
ATOM   705 C CG  . ARG A 1 117 ? 0.773   11.796  2.406   1.00 79.56 ? 105 ARG A CG  1 
ATOM   706 C CD  . ARG A 1 117 ? 1.138   13.134  2.968   1.00 79.95 ? 105 ARG A CD  1 
ATOM   707 N NE  . ARG A 1 117 ? 0.814   13.093  4.379   1.00 81.31 ? 105 ARG A NE  1 
ATOM   708 C CZ  . ARG A 1 117 ? 1.582   12.560  5.318   1.00 82.33 ? 105 ARG A CZ  1 
ATOM   709 N NH1 . ARG A 1 117 ? 2.764   12.077  5.009   1.00 85.30 ? 105 ARG A NH1 1 
ATOM   710 N NH2 . ARG A 1 117 ? 1.181   12.531  6.583   1.00 81.72 ? 105 ARG A NH2 1 
ATOM   711 N N   . PHE A 1 118 ? -0.741  11.615  -1.922  1.00 81.56 ? 106 PHE A N   1 
ATOM   712 C CA  . PHE A 1 118 ? -0.390  12.020  -3.272  1.00 82.01 ? 106 PHE A CA  1 
ATOM   713 C C   . PHE A 1 118 ? 0.899   12.815  -3.206  1.00 82.24 ? 106 PHE A C   1 
ATOM   714 O O   . PHE A 1 118 ? 1.099   13.599  -2.279  1.00 82.13 ? 106 PHE A O   1 
ATOM   715 C CB  . PHE A 1 118 ? -1.470  12.903  -3.890  1.00 82.00 ? 106 PHE A CB  1 
ATOM   716 C CG  . PHE A 1 118 ? -2.770  12.210  -4.090  1.00 82.27 ? 106 PHE A CG  1 
ATOM   717 C CD1 . PHE A 1 118 ? -2.837  11.040  -4.830  1.00 82.52 ? 106 PHE A CD1 1 
ATOM   718 C CD2 . PHE A 1 118 ? -3.935  12.727  -3.546  1.00 82.50 ? 106 PHE A CD2 1 
ATOM   719 C CE1 . PHE A 1 118 ? -4.040  10.400  -5.021  1.00 82.55 ? 106 PHE A CE1 1 
ATOM   720 C CE2 . PHE A 1 118 ? -5.147  12.089  -3.736  1.00 82.53 ? 106 PHE A CE2 1 
ATOM   721 C CZ  . PHE A 1 118 ? -5.197  10.924  -4.472  1.00 82.45 ? 106 PHE A CZ  1 
ATOM   722 N N   . MET A 1 119 ? 1.770   12.593  -4.185  1.00 82.74 ? 107 MET A N   1 
ATOM   723 C CA  . MET A 1 119 ? 2.957   13.417  -4.371  1.00 83.01 ? 107 MET A CA  1 
ATOM   724 C C   . MET A 1 119 ? 2.756   14.428  -5.509  1.00 83.11 ? 107 MET A C   1 
ATOM   725 O O   . MET A 1 119 ? 3.116   15.597  -5.369  1.00 83.25 ? 107 MET A O   1 
ATOM   726 C CB  . MET A 1 119 ? 4.181   12.534  -4.629  1.00 83.28 ? 107 MET A CB  1 
ATOM   727 C CG  . MET A 1 119 ? 4.748   11.865  -3.373  1.00 83.76 ? 107 MET A CG  1 
ATOM   728 S SD  . MET A 1 119 ? 5.095   13.007  -2.004  1.00 86.10 ? 107 MET A SD  1 
ATOM   729 C CE  . MET A 1 119 ? 5.842   14.408  -2.831  1.00 85.45 ? 107 MET A CE  1 
ATOM   730 N N   . ASP A 1 120 ? 2.162   13.983  -6.615  1.00 83.20 ? 108 ASP A N   1 
ATOM   731 C CA  . ASP A 1 120 ? 1.943   14.847  -7.786  1.00 83.32 ? 108 ASP A CA  1 
ATOM   732 C C   . ASP A 1 120 ? 0.810   15.863  -7.585  1.00 83.27 ? 108 ASP A C   1 
ATOM   733 O O   . ASP A 1 120 ? -0.309  15.511  -7.213  1.00 83.15 ? 108 ASP A O   1 
ATOM   734 C CB  . ASP A 1 120 ? 1.699   14.008  -9.053  1.00 83.39 ? 108 ASP A CB  1 
ATOM   735 C CG  . ASP A 1 120 ? 0.719   12.867  -8.829  1.00 83.80 ? 108 ASP A CG  1 
ATOM   736 O OD1 . ASP A 1 120 ? -0.002  12.887  -7.810  1.00 84.83 ? 108 ASP A OD1 1 
ATOM   737 O OD2 . ASP A 1 120 ? 0.680   11.940  -9.669  1.00 84.12 ? 108 ASP A OD2 1 
HETATM 738 O O   . HOH B 2 .   ? 1.211   0.146   9.299   1.00 70.02 ? 142 HOH A O   1 
HETATM 739 O O   . HOH B 2 .   ? 19.428  3.691   -9.903  1.00 66.96 ? 143 HOH A O   1 
HETATM 740 O O   . HOH B 2 .   ? 7.405   -14.191 7.815   1.00 73.87 ? 144 HOH A O   1 
HETATM 741 O O   . HOH B 2 .   ? 4.125   13.363  7.229   1.00 56.99 ? 145 HOH A O   1 
HETATM 742 O O   . HOH B 2 .   ? -4.561  1.079   6.569   1.00 71.52 ? 146 HOH A O   1 
HETATM 743 O O   . HOH B 2 .   ? 11.492  -3.206  -14.207 1.00 81.45 ? 147 HOH A O   1 
HETATM 744 O O   . HOH B 2 .   ? 2.977   -14.165 8.529   1.00 72.87 ? 148 HOH A O   1 
HETATM 745 O O   . HOH B 2 .   ? 0.918   -17.700 -1.034  1.00 81.22 ? 149 HOH A O   1 
HETATM 746 O O   . HOH B 2 .   ? -1.814  16.342  -9.474  1.00 89.43 ? 150 HOH A O   1 
HETATM 747 O O   . HOH B 2 .   ? -0.423  -23.016 2.561   1.00 77.35 ? 151 HOH A O   1 
HETATM 748 O O   . HOH B 2 .   ? 3.324   6.188   12.016  0.50 79.25 ? 152 HOH A O   1 
HETATM 749 O O   . HOH B 2 .   ? -1.579  11.523  6.310   1.00 71.87 ? 153 HOH A O   1 
HETATM 750 O O   . HOH B 2 .   ? -3.866  13.852  7.211   1.00 84.24 ? 154 HOH A O   1 
HETATM 751 O O   . HOH B 2 .   ? -1.569  0.937   20.870  1.00 85.07 ? 155 HOH A O   1 
# 
loop_
_pdbx_poly_seq_scheme.asym_id 
_pdbx_poly_seq_scheme.entity_id 
_pdbx_poly_seq_scheme.seq_id 
_pdbx_poly_seq_scheme.mon_id 
_pdbx_poly_seq_scheme.ndb_seq_num 
_pdbx_poly_seq_scheme.pdb_seq_num 
_pdbx_poly_seq_scheme.auth_seq_num 
_pdbx_poly_seq_scheme.pdb_mon_id 
_pdbx_poly_seq_scheme.auth_mon_id 
_pdbx_poly_seq_scheme.pdb_strand_id 
_pdbx_poly_seq_scheme.pdb_ins_code 
_pdbx_poly_seq_scheme.hetero 
A 1 1   MET 1   -11 ?   ?   ?   A . n 
A 1 2   GLY 2   -10 ?   ?   ?   A . n 
A 1 3   SER 3   -9  ?   ?   ?   A . n 
A 1 4   ASP 4   -8  ?   ?   ?   A . n 
A 1 5   LYS 5   -7  ?   ?   ?   A . n 
A 1 6   ILE 6   -6  ?   ?   ?   A . n 
A 1 7   HIS 7   -5  ?   ?   ?   A . n 
A 1 8   HIS 8   -4  ?   ?   ?   A . n 
A 1 9   HIS 9   -3  ?   ?   ?   A . n 
A 1 10  HIS 10  -2  ?   ?   ?   A . n 
A 1 11  HIS 11  -1  ?   ?   ?   A . n 
A 1 12  HIS 12  0   0   HIS HIS A . n 
A 1 13  MET 13  1   1   MET MET A . n 
A 1 14  SER 14  2   2   SER SER A . n 
A 1 15  PHE 15  3   3   PHE PHE A . n 
A 1 16  PHE 16  4   4   PHE PHE A . n 
A 1 17  ASN 17  5   5   ASN ASN A . n 
A 1 18  LYS 18  6   6   LYS LYS A . n 
A 1 19  ILE 19  7   7   ILE ILE A . n 
A 1 20  ILE 20  8   8   ILE ILE A . n 
A 1 21  LEU 21  9   9   LEU LEU A . n 
A 1 22  ILE 22  10  10  ILE ILE A . n 
A 1 23  GLY 23  11  11  GLY GLY A . n 
A 1 24  ARG 24  12  12  ARG ARG A . n 
A 1 25  LEU 25  13  13  LEU LEU A . n 
A 1 26  VAL 26  14  14  VAL VAL A . n 
A 1 27  ARG 27  15  15  ARG ARG A . n 
A 1 28  ASP 28  16  16  ASP ASP A . n 
A 1 29  PRO 29  17  17  PRO PRO A . n 
A 1 30  GLU 30  18  18  GLU GLU A . n 
A 1 31  GLU 31  19  19  GLU GLU A . n 
A 1 32  ARG 32  20  20  ARG ARG A . n 
A 1 33  TYR 33  21  21  TYR TYR A . n 
A 1 34  THR 34  22  22  THR THR A . n 
A 1 35  LEU 35  23  23  LEU LEU A . n 
A 1 36  SER 36  24  ?   ?   ?   A . n 
A 1 37  GLY 37  25  ?   ?   ?   A . n 
A 1 38  THR 38  26  26  THR THR A . n 
A 1 39  PRO 39  27  27  PRO PRO A . n 
A 1 40  VAL 40  28  28  VAL VAL A . n 
A 1 41  THR 41  29  29  THR THR A . n 
A 1 42  THR 42  30  30  THR THR A . n 
A 1 43  PHE 43  31  31  PHE PHE A . n 
A 1 44  THR 44  32  32  THR THR A . n 
A 1 45  ILE 45  33  33  ILE ILE A . n 
A 1 46  ALA 46  34  34  ALA ALA A . n 
A 1 47  VAL 47  35  35  VAL VAL A . n 
A 1 48  ASP 48  36  36  ASP ASP A . n 
A 1 49  ARG 49  37  37  ARG ARG A . n 
A 1 50  VAL 50  38  ?   ?   ?   A . n 
A 1 51  PRO 51  39  ?   ?   ?   A . n 
A 1 52  ARG 52  40  ?   ?   ?   A . n 
A 1 53  LYS 53  41  ?   ?   ?   A . n 
A 1 54  ASN 54  42  ?   ?   ?   A . n 
A 1 55  ALA 55  43  ?   ?   ?   A . n 
A 1 56  PRO 56  44  ?   ?   ?   A . n 
A 1 57  ASP 57  45  ?   ?   ?   A . n 
A 1 58  ASP 58  46  ?   ?   ?   A . n 
A 1 59  ALA 59  47  ?   ?   ?   A . n 
A 1 60  GLN 60  48  ?   ?   ?   A . n 
A 1 61  THR 61  49  49  THR THR A . n 
A 1 62  THR 62  50  50  THR THR A . n 
A 1 63  ASP 63  51  51  ASP ASP A . n 
A 1 64  PHE 64  52  52  PHE PHE A . n 
A 1 65  PHE 65  53  53  PHE PHE A . n 
A 1 66  ARG 66  54  54  ARG ARG A . n 
A 1 67  ILE 67  55  55  ILE ILE A . n 
A 1 68  VAL 68  56  56  VAL VAL A . n 
A 1 69  THR 69  57  57  THR THR A . n 
A 1 70  PHE 70  58  58  PHE PHE A . n 
A 1 71  GLY 71  59  59  GLY GLY A . n 
A 1 72  ARG 72  60  60  ARG ARG A . n 
A 1 73  LEU 73  61  61  LEU LEU A . n 
A 1 74  ALA 74  62  62  ALA ALA A . n 
A 1 75  GLU 75  63  63  GLU GLU A . n 
A 1 76  PHE 76  64  64  PHE PHE A . n 
A 1 77  ALA 77  65  65  ALA ALA A . n 
A 1 78  ARG 78  66  66  ARG ARG A . n 
A 1 79  THR 79  67  67  THR THR A . n 
A 1 80  TYR 80  68  68  TYR TYR A . n 
A 1 81  LEU 81  69  69  LEU LEU A . n 
A 1 82  THR 82  70  70  THR THR A . n 
A 1 83  LYS 83  71  71  LYS LYS A . n 
A 1 84  GLY 84  72  72  GLY GLY A . n 
A 1 85  ARG 85  73  73  ARG ARG A . n 
A 1 86  LEU 86  74  74  LEU LEU A . n 
A 1 87  VAL 87  75  75  VAL VAL A . n 
A 1 88  LEU 88  76  76  LEU LEU A . n 
A 1 89  VAL 89  77  77  VAL VAL A . n 
A 1 90  GLU 90  78  78  GLU GLU A . n 
A 1 91  GLY 91  79  79  GLY GLY A . n 
A 1 92  GLU 92  80  80  GLU GLU A . n 
A 1 93  MET 93  81  81  MET MET A . n 
A 1 94  ARG 94  82  82  ARG ARG A . n 
A 1 95  MET 95  83  83  MET MET A . n 
A 1 96  ARG 96  84  84  ARG ARG A . n 
A 1 97  ARG 97  85  85  ARG ARG A . n 
A 1 98  TRP 98  86  ?   ?   ?   A . n 
A 1 99  GLU 99  87  ?   ?   ?   A . n 
A 1 100 THR 100 88  ?   ?   ?   A . n 
A 1 101 PRO 101 89  ?   ?   ?   A . n 
A 1 102 THR 102 90  ?   ?   ?   A . n 
A 1 103 GLY 103 91  ?   ?   ?   A . n 
A 1 104 GLU 104 92  ?   ?   ?   A . n 
A 1 105 LYS 105 93  93  LYS LYS A . n 
A 1 106 ARG 106 94  94  ARG ARG A . n 
A 1 107 VAL 107 95  95  VAL VAL A . n 
A 1 108 SER 108 96  96  SER SER A . n 
A 1 109 PRO 109 97  97  PRO PRO A . n 
A 1 110 GLU 110 98  98  GLU GLU A . n 
A 1 111 VAL 111 99  99  VAL VAL A . n 
A 1 112 VAL 112 100 100 VAL VAL A . n 
A 1 113 ALA 113 101 101 ALA ALA A . n 
A 1 114 ASN 114 102 102 ASN ASN A . n 
A 1 115 VAL 115 103 103 VAL VAL A . n 
A 1 116 VAL 116 104 104 VAL VAL A . n 
A 1 117 ARG 117 105 105 ARG ARG A . n 
A 1 118 PHE 118 106 106 PHE PHE A . n 
A 1 119 MET 119 107 107 MET MET A . n 
A 1 120 ASP 120 108 108 ASP ASP A . n 
A 1 121 ARG 121 109 ?   ?   ?   A . n 
A 1 122 LYS 122 110 ?   ?   ?   A . n 
A 1 123 PRO 123 111 ?   ?   ?   A . n 
A 1 124 ALA 124 112 ?   ?   ?   A . n 
A 1 125 GLU 125 113 ?   ?   ?   A . n 
A 1 126 THR 126 114 ?   ?   ?   A . n 
A 1 127 VAL 127 115 ?   ?   ?   A . n 
A 1 128 SER 128 116 ?   ?   ?   A . n 
A 1 129 GLU 129 117 ?   ?   ?   A . n 
A 1 130 THR 130 118 ?   ?   ?   A . n 
A 1 131 GLU 131 119 ?   ?   ?   A . n 
A 1 132 GLU 132 120 ?   ?   ?   A . n 
A 1 133 GLU 133 121 ?   ?   ?   A . n 
A 1 134 LEU 134 122 ?   ?   ?   A . n 
A 1 135 GLU 135 123 ?   ?   ?   A . n 
A 1 136 ILE 136 124 ?   ?   ?   A . n 
A 1 137 PRO 137 125 ?   ?   ?   A . n 
A 1 138 GLU 138 126 ?   ?   ?   A . n 
A 1 139 GLU 139 127 ?   ?   ?   A . n 
A 1 140 ASP 140 128 ?   ?   ?   A . n 
A 1 141 PHE 141 129 ?   ?   ?   A . n 
A 1 142 SER 142 130 ?   ?   ?   A . n 
A 1 143 SER 143 131 ?   ?   ?   A . n 
A 1 144 ASP 144 132 ?   ?   ?   A . n 
A 1 145 THR 145 133 ?   ?   ?   A . n 
A 1 146 PHE 146 134 ?   ?   ?   A . n 
A 1 147 SER 147 135 ?   ?   ?   A . n 
A 1 148 GLU 148 136 ?   ?   ?   A . n 
A 1 149 ASP 149 137 ?   ?   ?   A . n 
A 1 150 GLU 150 138 ?   ?   ?   A . n 
A 1 151 PRO 151 139 ?   ?   ?   A . n 
A 1 152 PRO 152 140 ?   ?   ?   A . n 
A 1 153 PHE 153 141 ?   ?   ?   A . n 
# 
_pdbx_SG_project.id                    1 
_pdbx_SG_project.project_name          'PSI, Protein Structure Initiative' 
_pdbx_SG_project.full_name_of_center   'Joint Center for Structural Genomics' 
_pdbx_SG_project.initial_of_center     JCSG 
# 
loop_
_pdbx_nonpoly_scheme.asym_id 
_pdbx_nonpoly_scheme.entity_id 
_pdbx_nonpoly_scheme.mon_id 
_pdbx_nonpoly_scheme.ndb_seq_num 
_pdbx_nonpoly_scheme.pdb_seq_num 
_pdbx_nonpoly_scheme.auth_seq_num 
_pdbx_nonpoly_scheme.pdb_mon_id 
_pdbx_nonpoly_scheme.auth_mon_id 
_pdbx_nonpoly_scheme.pdb_strand_id 
_pdbx_nonpoly_scheme.pdb_ins_code 
B 2 HOH 1  142 1  HOH HOH A . 
B 2 HOH 2  143 2  HOH HOH A . 
B 2 HOH 3  144 3  HOH HOH A . 
B 2 HOH 4  145 4  HOH HOH A . 
B 2 HOH 5  146 5  HOH HOH A . 
B 2 HOH 6  147 6  HOH HOH A . 
B 2 HOH 7  148 7  HOH HOH A . 
B 2 HOH 8  149 8  HOH HOH A . 
B 2 HOH 9  150 9  HOH HOH A . 
B 2 HOH 10 151 10 HOH HOH A . 
B 2 HOH 11 152 11 HOH HOH A . 
B 2 HOH 12 153 12 HOH HOH A . 
B 2 HOH 13 154 13 HOH HOH A . 
B 2 HOH 14 155 14 HOH HOH A . 
# 
loop_
_pdbx_struct_assembly.id 
_pdbx_struct_assembly.details 
_pdbx_struct_assembly.method_details 
_pdbx_struct_assembly.oligomeric_details 
_pdbx_struct_assembly.oligomeric_count 
1 author_and_software_defined_assembly PISA     dimeric    2 
2 software_defined_assembly            PISA,PQS tetrameric 4 
# 
loop_
_pdbx_struct_assembly_gen.assembly_id 
_pdbx_struct_assembly_gen.oper_expression 
_pdbx_struct_assembly_gen.asym_id_list 
1 1,2     A,B 
2 1,2,3,4 A,B 
# 
loop_
_pdbx_struct_assembly_prop.biol_id 
_pdbx_struct_assembly_prop.type 
_pdbx_struct_assembly_prop.value 
_pdbx_struct_assembly_prop.details 
1 'ABSA (A^2)' 2520  ? 
1 MORE         -13   ? 
1 'SSA (A^2)'  10150 ? 
2 'ABSA (A^2)' 8090  ? 
2 MORE         -53   ? 
2 'SSA (A^2)'  17240 ? 
# 
loop_
_pdbx_struct_oper_list.id 
_pdbx_struct_oper_list.type 
_pdbx_struct_oper_list.name 
_pdbx_struct_oper_list.symmetry_operation 
_pdbx_struct_oper_list.matrix[1][1] 
_pdbx_struct_oper_list.matrix[1][2] 
_pdbx_struct_oper_list.matrix[1][3] 
_pdbx_struct_oper_list.vector[1] 
_pdbx_struct_oper_list.matrix[2][1] 
_pdbx_struct_oper_list.matrix[2][2] 
_pdbx_struct_oper_list.matrix[2][3] 
_pdbx_struct_oper_list.vector[2] 
_pdbx_struct_oper_list.matrix[3][1] 
_pdbx_struct_oper_list.matrix[3][2] 
_pdbx_struct_oper_list.matrix[3][3] 
_pdbx_struct_oper_list.vector[3] 
1 'identity operation'         1_555 x,y,z     1.0000000000  0.0000000000  0.0000000000  0.0000000000  0.0000000000  1.0000000000  0.0000000000  0.0000000000  0.0000000000  0.0000000000  1.0000000000  0.0000000000  
2 'crystal symmetry operation' 2_555 -x,-y,z   -0.9072719541 0.3754132146  0.1895323711  19.7019767645 0.3754132146  0.5198754623  0.7673294091  -7.7690357278 0.1895323711  0.7673294091  -0.6126035082 5.7492705023  
3 'crystal symmetry operation' 3_554 -x,y,-z-1 -0.7438496649 -0.3505541191 0.5690338177  19.0900892202 -0.3505541191 -0.5202497379 -0.7787502936 19.6605504864 0.5690338177  -0.7787502936 0.2640994028  3.5185153199  
4 'crystal symmetry operation' 4_554 x,-y,-z-1 0.6511216189  -0.0248590955 -0.7585661888 10.4297772249 -0.0248590955 -0.9996257243 0.0114208845  12.3185340876 -0.7585661888 0.0114208845  -0.6514958946 22.2981241343 
# 
_pdbx_struct_special_symmetry.id              1 
_pdbx_struct_special_symmetry.PDB_model_num   1 
_pdbx_struct_special_symmetry.auth_asym_id    A 
_pdbx_struct_special_symmetry.auth_comp_id    HOH 
_pdbx_struct_special_symmetry.auth_seq_id     152 
_pdbx_struct_special_symmetry.PDB_ins_code    ? 
_pdbx_struct_special_symmetry.label_asym_id   B 
_pdbx_struct_special_symmetry.label_comp_id   HOH 
_pdbx_struct_special_symmetry.label_seq_id    . 
# 
loop_
_pdbx_audit_revision_history.ordinal 
_pdbx_audit_revision_history.data_content_type 
_pdbx_audit_revision_history.major_revision 
_pdbx_audit_revision_history.minor_revision 
_pdbx_audit_revision_history.revision_date 
1 'Structure model' 1 0 2005-04-12 
2 'Structure model' 1 1 2008-04-30 
3 'Structure model' 1 2 2011-07-13 
4 'Structure model' 1 3 2023-01-25 
5 'Structure model' 1 4 2023-09-20 
# 
_pdbx_audit_revision_details.ordinal             1 
_pdbx_audit_revision_details.revision_ordinal    1 
_pdbx_audit_revision_details.data_content_type   'Structure model' 
_pdbx_audit_revision_details.provider            repository 
_pdbx_audit_revision_details.type                'Initial release' 
_pdbx_audit_revision_details.description         ? 
_pdbx_audit_revision_details.details             ? 
# 
loop_
_pdbx_audit_revision_group.ordinal 
_pdbx_audit_revision_group.revision_ordinal 
_pdbx_audit_revision_group.data_content_type 
_pdbx_audit_revision_group.group 
1 2 'Structure model' 'Version format compliance' 
2 3 'Structure model' Advisory                    
3 3 'Structure model' 'Derived calculations'      
4 3 'Structure model' 'Version format compliance' 
5 4 'Structure model' 'Database references'       
6 5 'Structure model' 'Data collection'           
7 5 'Structure model' 'Refinement description'    
# 
loop_
_pdbx_audit_revision_category.ordinal 
_pdbx_audit_revision_category.revision_ordinal 
_pdbx_audit_revision_category.data_content_type 
_pdbx_audit_revision_category.category 
1 4 'Structure model' database_2                    
2 4 'Structure model' struct_ref_seq_dif            
3 5 'Structure model' chem_comp_atom                
4 5 'Structure model' chem_comp_bond                
5 5 'Structure model' pdbx_initial_refinement_model 
# 
loop_
_pdbx_audit_revision_item.ordinal 
_pdbx_audit_revision_item.revision_ordinal 
_pdbx_audit_revision_item.data_content_type 
_pdbx_audit_revision_item.item 
1 4 'Structure model' '_database_2.pdbx_DOI'                
2 4 'Structure model' '_database_2.pdbx_database_accession' 
3 4 'Structure model' '_struct_ref_seq_dif.details'         
# 
_pdbx_refine_tls.id               1 
_pdbx_refine_tls.details          ? 
_pdbx_refine_tls.method           refined 
_pdbx_refine_tls.origin_x         0.0842 
_pdbx_refine_tls.origin_y         -0.3608 
_pdbx_refine_tls.origin_z         0.0296 
_pdbx_refine_tls.T[1][1]          -0.4505 
_pdbx_refine_tls.T[2][2]          -0.0560 
_pdbx_refine_tls.T[3][3]          0.0188 
_pdbx_refine_tls.T[1][2]          -0.1876 
_pdbx_refine_tls.T[1][3]          -0.0247 
_pdbx_refine_tls.T[2][3]          -0.3521 
_pdbx_refine_tls.L[1][1]          15.6197 
_pdbx_refine_tls.L[2][2]          7.2902 
_pdbx_refine_tls.L[3][3]          9.8489 
_pdbx_refine_tls.L[1][2]          -1.1877 
_pdbx_refine_tls.L[1][3]          -0.1094 
_pdbx_refine_tls.L[2][3]          0.0863 
_pdbx_refine_tls.S[1][1]          -0.3087 
_pdbx_refine_tls.S[2][2]          0.1407 
_pdbx_refine_tls.S[3][3]          0.1681 
_pdbx_refine_tls.S[1][2]          1.4430 
_pdbx_refine_tls.S[1][3]          -0.6883 
_pdbx_refine_tls.S[2][3]          1.3985 
_pdbx_refine_tls.S[2][1]          -0.5936 
_pdbx_refine_tls.S[3][1]          0.5786 
_pdbx_refine_tls.S[3][2]          -1.3259 
_pdbx_refine_tls.pdbx_refine_id   'X-RAY DIFFRACTION' 
# 
_pdbx_refine_tls_group.id                  1 
_pdbx_refine_tls_group.refine_tls_id       1 
_pdbx_refine_tls_group.beg_label_asym_id   A 
_pdbx_refine_tls_group.beg_label_seq_id    13 
_pdbx_refine_tls_group.end_label_asym_id   A 
_pdbx_refine_tls_group.end_label_seq_id    120 
_pdbx_refine_tls_group.selection           ALL 
_pdbx_refine_tls_group.beg_auth_asym_id    A 
_pdbx_refine_tls_group.beg_auth_seq_id     1 
_pdbx_refine_tls_group.end_auth_asym_id    A 
_pdbx_refine_tls_group.end_auth_seq_id     108 
_pdbx_refine_tls_group.pdbx_refine_id      'X-RAY DIFFRACTION' 
_pdbx_refine_tls_group.selection_details   ? 
# 
_phasing.method   MR 
# 
loop_
_software.name 
_software.version 
_software.date 
_software.type 
_software.contact_author 
_software.contact_author_email 
_software.classification 
_software.location 
_software.language 
_software.citation_id 
_software.pdbx_ordinal 
REFMAC      5.2.0005  ?               program 'Murshudov, G.N.' ccp4@dl.ac.uk            refinement        
http://www.ccp4.ac.uk/main.html  Fortran ? 1 
PDB_EXTRACT 1.600     'Jan. 30, 2005' package PDB               sw-help@rcsb.rutgers.edu 'data extraction' 
http://pdb.rutgers.edu/software/ C++     ? 2 
MOSFLM      .         ?               ?       ?                 ?                        'data reduction'  ? ?       ? 3 
CCP4        '(SCALA)' ?               ?       ?                 ?                        'data scaling'    ? ?       ? 4 
MOLREP      .         ?               ?       ?                 ?                        phasing           ? ?       ? 5 
# 
loop_
_pdbx_validate_torsion.id 
_pdbx_validate_torsion.PDB_model_num 
_pdbx_validate_torsion.auth_comp_id 
_pdbx_validate_torsion.auth_asym_id 
_pdbx_validate_torsion.auth_seq_id 
_pdbx_validate_torsion.PDB_ins_code 
_pdbx_validate_torsion.label_alt_id 
_pdbx_validate_torsion.phi 
_pdbx_validate_torsion.psi 
1 1 MET A 1  ? ? 172.37  -57.81  
2 1 SER A 2  ? ? 104.66  19.88   
3 1 ARG A 20 ? ? -166.68 85.22   
4 1 THR A 22 ? ? -76.31  -166.55 
5 1 MET A 83 ? ? -111.20 70.74   
# 
_pdbx_validate_peptide_omega.id               1 
_pdbx_validate_peptide_omega.PDB_model_num    1 
_pdbx_validate_peptide_omega.auth_comp_id_1   THR 
_pdbx_validate_peptide_omega.auth_asym_id_1   A 
_pdbx_validate_peptide_omega.auth_seq_id_1    22 
_pdbx_validate_peptide_omega.PDB_ins_code_1   ? 
_pdbx_validate_peptide_omega.label_alt_id_1   ? 
_pdbx_validate_peptide_omega.auth_comp_id_2   LEU 
_pdbx_validate_peptide_omega.auth_asym_id_2   A 
_pdbx_validate_peptide_omega.auth_seq_id_2    23 
_pdbx_validate_peptide_omega.PDB_ins_code_2   ? 
_pdbx_validate_peptide_omega.label_alt_id_2   ? 
_pdbx_validate_peptide_omega.omega            146.73 
# 
loop_
_pdbx_unobs_or_zero_occ_atoms.id 
_pdbx_unobs_or_zero_occ_atoms.PDB_model_num 
_pdbx_unobs_or_zero_occ_atoms.polymer_flag 
_pdbx_unobs_or_zero_occ_atoms.occupancy_flag 
_pdbx_unobs_or_zero_occ_atoms.auth_asym_id 
_pdbx_unobs_or_zero_occ_atoms.auth_comp_id 
_pdbx_unobs_or_zero_occ_atoms.auth_seq_id 
_pdbx_unobs_or_zero_occ_atoms.PDB_ins_code 
_pdbx_unobs_or_zero_occ_atoms.auth_atom_id 
_pdbx_unobs_or_zero_occ_atoms.label_alt_id 
_pdbx_unobs_or_zero_occ_atoms.label_asym_id 
_pdbx_unobs_or_zero_occ_atoms.label_comp_id 
_pdbx_unobs_or_zero_occ_atoms.label_seq_id 
_pdbx_unobs_or_zero_occ_atoms.label_atom_id 
1  1 Y 1 A ARG 54 ? NE  ? A ARG 66 NE  
2  1 Y 1 A ARG 54 ? CZ  ? A ARG 66 CZ  
3  1 Y 1 A ARG 54 ? NH1 ? A ARG 66 NH1 
4  1 Y 1 A ARG 54 ? NH2 ? A ARG 66 NH2 
5  1 Y 1 A ARG 60 ? CG  ? A ARG 72 CG  
6  1 Y 1 A ARG 60 ? CD  ? A ARG 72 CD  
7  1 Y 1 A ARG 60 ? NE  ? A ARG 72 NE  
8  1 Y 1 A ARG 60 ? CZ  ? A ARG 72 CZ  
9  1 Y 1 A ARG 60 ? NH1 ? A ARG 72 NH1 
10 1 Y 1 A ARG 60 ? NH2 ? A ARG 72 NH2 
11 1 Y 1 A LYS 71 ? CG  ? A LYS 83 CG  
12 1 Y 1 A LYS 71 ? CD  ? A LYS 83 CD  
13 1 Y 1 A LYS 71 ? CE  ? A LYS 83 CE  
14 1 Y 1 A LYS 71 ? NZ  ? A LYS 83 NZ  
# 
loop_
_pdbx_unobs_or_zero_occ_residues.id 
_pdbx_unobs_or_zero_occ_residues.PDB_model_num 
_pdbx_unobs_or_zero_occ_residues.polymer_flag 
_pdbx_unobs_or_zero_occ_residues.occupancy_flag 
_pdbx_unobs_or_zero_occ_residues.auth_asym_id 
_pdbx_unobs_or_zero_occ_residues.auth_comp_id 
_pdbx_unobs_or_zero_occ_residues.auth_seq_id 
_pdbx_unobs_or_zero_occ_residues.PDB_ins_code 
_pdbx_unobs_or_zero_occ_residues.label_asym_id 
_pdbx_unobs_or_zero_occ_residues.label_comp_id 
_pdbx_unobs_or_zero_occ_residues.label_seq_id 
1  1 Y 1 A MET -11 ? A MET 1   
2  1 Y 1 A GLY -10 ? A GLY 2   
3  1 Y 1 A SER -9  ? A SER 3   
4  1 Y 1 A ASP -8  ? A ASP 4   
5  1 Y 1 A LYS -7  ? A LYS 5   
6  1 Y 1 A ILE -6  ? A ILE 6   
7  1 Y 1 A HIS -5  ? A HIS 7   
8  1 Y 1 A HIS -4  ? A HIS 8   
9  1 Y 1 A HIS -3  ? A HIS 9   
10 1 Y 1 A HIS -2  ? A HIS 10  
11 1 Y 1 A HIS -1  ? A HIS 11  
12 1 Y 1 A SER 24  ? A SER 36  
13 1 Y 1 A GLY 25  ? A GLY 37  
14 1 Y 1 A VAL 38  ? A VAL 50  
15 1 Y 1 A PRO 39  ? A PRO 51  
16 1 Y 1 A ARG 40  ? A ARG 52  
17 1 Y 1 A LYS 41  ? A LYS 53  
18 1 Y 1 A ASN 42  ? A ASN 54  
19 1 Y 1 A ALA 43  ? A ALA 55  
20 1 Y 1 A PRO 44  ? A PRO 56  
21 1 Y 1 A ASP 45  ? A ASP 57  
22 1 Y 1 A ASP 46  ? A ASP 58  
23 1 Y 1 A ALA 47  ? A ALA 59  
24 1 Y 1 A GLN 48  ? A GLN 60  
25 1 Y 1 A TRP 86  ? A TRP 98  
26 1 Y 1 A GLU 87  ? A GLU 99  
27 1 Y 1 A THR 88  ? A THR 100 
28 1 Y 1 A PRO 89  ? A PRO 101 
29 1 Y 1 A THR 90  ? A THR 102 
30 1 Y 1 A GLY 91  ? A GLY 103 
31 1 Y 1 A GLU 92  ? A GLU 104 
32 1 Y 1 A ARG 109 ? A ARG 121 
33 1 Y 1 A LYS 110 ? A LYS 122 
34 1 Y 1 A PRO 111 ? A PRO 123 
35 1 Y 1 A ALA 112 ? A ALA 124 
36 1 Y 1 A GLU 113 ? A GLU 125 
37 1 Y 1 A THR 114 ? A THR 126 
38 1 Y 1 A VAL 115 ? A VAL 127 
39 1 Y 1 A SER 116 ? A SER 128 
40 1 Y 1 A GLU 117 ? A GLU 129 
41 1 Y 1 A THR 118 ? A THR 130 
42 1 Y 1 A GLU 119 ? A GLU 131 
43 1 Y 1 A GLU 120 ? A GLU 132 
44 1 Y 1 A GLU 121 ? A GLU 133 
45 1 Y 1 A LEU 122 ? A LEU 134 
46 1 Y 1 A GLU 123 ? A GLU 135 
47 1 Y 1 A ILE 124 ? A ILE 136 
48 1 Y 1 A PRO 125 ? A PRO 137 
49 1 Y 1 A GLU 126 ? A GLU 138 
50 1 Y 1 A GLU 127 ? A GLU 139 
51 1 Y 1 A ASP 128 ? A ASP 140 
52 1 Y 1 A PHE 129 ? A PHE 141 
53 1 Y 1 A SER 130 ? A SER 142 
54 1 Y 1 A SER 131 ? A SER 143 
55 1 Y 1 A ASP 132 ? A ASP 144 
56 1 Y 1 A THR 133 ? A THR 145 
57 1 Y 1 A PHE 134 ? A PHE 146 
58 1 Y 1 A SER 135 ? A SER 147 
59 1 Y 1 A GLU 136 ? A GLU 148 
60 1 Y 1 A ASP 137 ? A ASP 149 
61 1 Y 1 A GLU 138 ? A GLU 150 
62 1 Y 1 A PRO 139 ? A PRO 151 
63 1 Y 1 A PRO 140 ? A PRO 152 
64 1 Y 1 A PHE 141 ? A PHE 153 
# 
loop_
_chem_comp_atom.comp_id 
_chem_comp_atom.atom_id 
_chem_comp_atom.type_symbol 
_chem_comp_atom.pdbx_aromatic_flag 
_chem_comp_atom.pdbx_stereo_config 
_chem_comp_atom.pdbx_ordinal 
ALA N    N N N 1   
ALA CA   C N S 2   
ALA C    C N N 3   
ALA O    O N N 4   
ALA CB   C N N 5   
ALA OXT  O N N 6   
ALA H    H N N 7   
ALA H2   H N N 8   
ALA HA   H N N 9   
ALA HB1  H N N 10  
ALA HB2  H N N 11  
ALA HB3  H N N 12  
ALA HXT  H N N 13  
ARG N    N N N 14  
ARG CA   C N S 15  
ARG C    C N N 16  
ARG O    O N N 17  
ARG CB   C N N 18  
ARG CG   C N N 19  
ARG CD   C N N 20  
ARG NE   N N N 21  
ARG CZ   C N N 22  
ARG NH1  N N N 23  
ARG NH2  N N N 24  
ARG OXT  O N N 25  
ARG H    H N N 26  
ARG H2   H N N 27  
ARG HA   H N N 28  
ARG HB2  H N N 29  
ARG HB3  H N N 30  
ARG HG2  H N N 31  
ARG HG3  H N N 32  
ARG HD2  H N N 33  
ARG HD3  H N N 34  
ARG HE   H N N 35  
ARG HH11 H N N 36  
ARG HH12 H N N 37  
ARG HH21 H N N 38  
ARG HH22 H N N 39  
ARG HXT  H N N 40  
ASN N    N N N 41  
ASN CA   C N S 42  
ASN C    C N N 43  
ASN O    O N N 44  
ASN CB   C N N 45  
ASN CG   C N N 46  
ASN OD1  O N N 47  
ASN ND2  N N N 48  
ASN OXT  O N N 49  
ASN H    H N N 50  
ASN H2   H N N 51  
ASN HA   H N N 52  
ASN HB2  H N N 53  
ASN HB3  H N N 54  
ASN HD21 H N N 55  
ASN HD22 H N N 56  
ASN HXT  H N N 57  
ASP N    N N N 58  
ASP CA   C N S 59  
ASP C    C N N 60  
ASP O    O N N 61  
ASP CB   C N N 62  
ASP CG   C N N 63  
ASP OD1  O N N 64  
ASP OD2  O N N 65  
ASP OXT  O N N 66  
ASP H    H N N 67  
ASP H2   H N N 68  
ASP HA   H N N 69  
ASP HB2  H N N 70  
ASP HB3  H N N 71  
ASP HD2  H N N 72  
ASP HXT  H N N 73  
GLN N    N N N 74  
GLN CA   C N S 75  
GLN C    C N N 76  
GLN O    O N N 77  
GLN CB   C N N 78  
GLN CG   C N N 79  
GLN CD   C N N 80  
GLN OE1  O N N 81  
GLN NE2  N N N 82  
GLN OXT  O N N 83  
GLN H    H N N 84  
GLN H2   H N N 85  
GLN HA   H N N 86  
GLN HB2  H N N 87  
GLN HB3  H N N 88  
GLN HG2  H N N 89  
GLN HG3  H N N 90  
GLN HE21 H N N 91  
GLN HE22 H N N 92  
GLN HXT  H N N 93  
GLU N    N N N 94  
GLU CA   C N S 95  
GLU C    C N N 96  
GLU O    O N N 97  
GLU CB   C N N 98  
GLU CG   C N N 99  
GLU CD   C N N 100 
GLU OE1  O N N 101 
GLU OE2  O N N 102 
GLU OXT  O N N 103 
GLU H    H N N 104 
GLU H2   H N N 105 
GLU HA   H N N 106 
GLU HB2  H N N 107 
GLU HB3  H N N 108 
GLU HG2  H N N 109 
GLU HG3  H N N 110 
GLU HE2  H N N 111 
GLU HXT  H N N 112 
GLY N    N N N 113 
GLY CA   C N N 114 
GLY C    C N N 115 
GLY O    O N N 116 
GLY OXT  O N N 117 
GLY H    H N N 118 
GLY H2   H N N 119 
GLY HA2  H N N 120 
GLY HA3  H N N 121 
GLY HXT  H N N 122 
HIS N    N N N 123 
HIS CA   C N S 124 
HIS C    C N N 125 
HIS O    O N N 126 
HIS CB   C N N 127 
HIS CG   C Y N 128 
HIS ND1  N Y N 129 
HIS CD2  C Y N 130 
HIS CE1  C Y N 131 
HIS NE2  N Y N 132 
HIS OXT  O N N 133 
HIS H    H N N 134 
HIS H2   H N N 135 
HIS HA   H N N 136 
HIS HB2  H N N 137 
HIS HB3  H N N 138 
HIS HD1  H N N 139 
HIS HD2  H N N 140 
HIS HE1  H N N 141 
HIS HE2  H N N 142 
HIS HXT  H N N 143 
HOH O    O N N 144 
HOH H1   H N N 145 
HOH H2   H N N 146 
ILE N    N N N 147 
ILE CA   C N S 148 
ILE C    C N N 149 
ILE O    O N N 150 
ILE CB   C N S 151 
ILE CG1  C N N 152 
ILE CG2  C N N 153 
ILE CD1  C N N 154 
ILE OXT  O N N 155 
ILE H    H N N 156 
ILE H2   H N N 157 
ILE HA   H N N 158 
ILE HB   H N N 159 
ILE HG12 H N N 160 
ILE HG13 H N N 161 
ILE HG21 H N N 162 
ILE HG22 H N N 163 
ILE HG23 H N N 164 
ILE HD11 H N N 165 
ILE HD12 H N N 166 
ILE HD13 H N N 167 
ILE HXT  H N N 168 
LEU N    N N N 169 
LEU CA   C N S 170 
LEU C    C N N 171 
LEU O    O N N 172 
LEU CB   C N N 173 
LEU CG   C N N 174 
LEU CD1  C N N 175 
LEU CD2  C N N 176 
LEU OXT  O N N 177 
LEU H    H N N 178 
LEU H2   H N N 179 
LEU HA   H N N 180 
LEU HB2  H N N 181 
LEU HB3  H N N 182 
LEU HG   H N N 183 
LEU HD11 H N N 184 
LEU HD12 H N N 185 
LEU HD13 H N N 186 
LEU HD21 H N N 187 
LEU HD22 H N N 188 
LEU HD23 H N N 189 
LEU HXT  H N N 190 
LYS N    N N N 191 
LYS CA   C N S 192 
LYS C    C N N 193 
LYS O    O N N 194 
LYS CB   C N N 195 
LYS CG   C N N 196 
LYS CD   C N N 197 
LYS CE   C N N 198 
LYS NZ   N N N 199 
LYS OXT  O N N 200 
LYS H    H N N 201 
LYS H2   H N N 202 
LYS HA   H N N 203 
LYS HB2  H N N 204 
LYS HB3  H N N 205 
LYS HG2  H N N 206 
LYS HG3  H N N 207 
LYS HD2  H N N 208 
LYS HD3  H N N 209 
LYS HE2  H N N 210 
LYS HE3  H N N 211 
LYS HZ1  H N N 212 
LYS HZ2  H N N 213 
LYS HZ3  H N N 214 
LYS HXT  H N N 215 
MET N    N N N 216 
MET CA   C N S 217 
MET C    C N N 218 
MET O    O N N 219 
MET CB   C N N 220 
MET CG   C N N 221 
MET SD   S N N 222 
MET CE   C N N 223 
MET OXT  O N N 224 
MET H    H N N 225 
MET H2   H N N 226 
MET HA   H N N 227 
MET HB2  H N N 228 
MET HB3  H N N 229 
MET HG2  H N N 230 
MET HG3  H N N 231 
MET HE1  H N N 232 
MET HE2  H N N 233 
MET HE3  H N N 234 
MET HXT  H N N 235 
PHE N    N N N 236 
PHE CA   C N S 237 
PHE C    C N N 238 
PHE O    O N N 239 
PHE CB   C N N 240 
PHE CG   C Y N 241 
PHE CD1  C Y N 242 
PHE CD2  C Y N 243 
PHE CE1  C Y N 244 
PHE CE2  C Y N 245 
PHE CZ   C Y N 246 
PHE OXT  O N N 247 
PHE H    H N N 248 
PHE H2   H N N 249 
PHE HA   H N N 250 
PHE HB2  H N N 251 
PHE HB3  H N N 252 
PHE HD1  H N N 253 
PHE HD2  H N N 254 
PHE HE1  H N N 255 
PHE HE2  H N N 256 
PHE HZ   H N N 257 
PHE HXT  H N N 258 
PRO N    N N N 259 
PRO CA   C N S 260 
PRO C    C N N 261 
PRO O    O N N 262 
PRO CB   C N N 263 
PRO CG   C N N 264 
PRO CD   C N N 265 
PRO OXT  O N N 266 
PRO H    H N N 267 
PRO HA   H N N 268 
PRO HB2  H N N 269 
PRO HB3  H N N 270 
PRO HG2  H N N 271 
PRO HG3  H N N 272 
PRO HD2  H N N 273 
PRO HD3  H N N 274 
PRO HXT  H N N 275 
SER N    N N N 276 
SER CA   C N S 277 
SER C    C N N 278 
SER O    O N N 279 
SER CB   C N N 280 
SER OG   O N N 281 
SER OXT  O N N 282 
SER H    H N N 283 
SER H2   H N N 284 
SER HA   H N N 285 
SER HB2  H N N 286 
SER HB3  H N N 287 
SER HG   H N N 288 
SER HXT  H N N 289 
THR N    N N N 290 
THR CA   C N S 291 
THR C    C N N 292 
THR O    O N N 293 
THR CB   C N R 294 
THR OG1  O N N 295 
THR CG2  C N N 296 
THR OXT  O N N 297 
THR H    H N N 298 
THR H2   H N N 299 
THR HA   H N N 300 
THR HB   H N N 301 
THR HG1  H N N 302 
THR HG21 H N N 303 
THR HG22 H N N 304 
THR HG23 H N N 305 
THR HXT  H N N 306 
TRP N    N N N 307 
TRP CA   C N S 308 
TRP C    C N N 309 
TRP O    O N N 310 
TRP CB   C N N 311 
TRP CG   C Y N 312 
TRP CD1  C Y N 313 
TRP CD2  C Y N 314 
TRP NE1  N Y N 315 
TRP CE2  C Y N 316 
TRP CE3  C Y N 317 
TRP CZ2  C Y N 318 
TRP CZ3  C Y N 319 
TRP CH2  C Y N 320 
TRP OXT  O N N 321 
TRP H    H N N 322 
TRP H2   H N N 323 
TRP HA   H N N 324 
TRP HB2  H N N 325 
TRP HB3  H N N 326 
TRP HD1  H N N 327 
TRP HE1  H N N 328 
TRP HE3  H N N 329 
TRP HZ2  H N N 330 
TRP HZ3  H N N 331 
TRP HH2  H N N 332 
TRP HXT  H N N 333 
TYR N    N N N 334 
TYR CA   C N S 335 
TYR C    C N N 336 
TYR O    O N N 337 
TYR CB   C N N 338 
TYR CG   C Y N 339 
TYR CD1  C Y N 340 
TYR CD2  C Y N 341 
TYR CE1  C Y N 342 
TYR CE2  C Y N 343 
TYR CZ   C Y N 344 
TYR OH   O N N 345 
TYR OXT  O N N 346 
TYR H    H N N 347 
TYR H2   H N N 348 
TYR HA   H N N 349 
TYR HB2  H N N 350 
TYR HB3  H N N 351 
TYR HD1  H N N 352 
TYR HD2  H N N 353 
TYR HE1  H N N 354 
TYR HE2  H N N 355 
TYR HH   H N N 356 
TYR HXT  H N N 357 
VAL N    N N N 358 
VAL CA   C N S 359 
VAL C    C N N 360 
VAL O    O N N 361 
VAL CB   C N N 362 
VAL CG1  C N N 363 
VAL CG2  C N N 364 
VAL OXT  O N N 365 
VAL H    H N N 366 
VAL H2   H N N 367 
VAL HA   H N N 368 
VAL HB   H N N 369 
VAL HG11 H N N 370 
VAL HG12 H N N 371 
VAL HG13 H N N 372 
VAL HG21 H N N 373 
VAL HG22 H N N 374 
VAL HG23 H N N 375 
VAL HXT  H N N 376 
# 
loop_
_chem_comp_bond.comp_id 
_chem_comp_bond.atom_id_1 
_chem_comp_bond.atom_id_2 
_chem_comp_bond.value_order 
_chem_comp_bond.pdbx_aromatic_flag 
_chem_comp_bond.pdbx_stereo_config 
_chem_comp_bond.pdbx_ordinal 
ALA N   CA   sing N N 1   
ALA N   H    sing N N 2   
ALA N   H2   sing N N 3   
ALA CA  C    sing N N 4   
ALA CA  CB   sing N N 5   
ALA CA  HA   sing N N 6   
ALA C   O    doub N N 7   
ALA C   OXT  sing N N 8   
ALA CB  HB1  sing N N 9   
ALA CB  HB2  sing N N 10  
ALA CB  HB3  sing N N 11  
ALA OXT HXT  sing N N 12  
ARG N   CA   sing N N 13  
ARG N   H    sing N N 14  
ARG N   H2   sing N N 15  
ARG CA  C    sing N N 16  
ARG CA  CB   sing N N 17  
ARG CA  HA   sing N N 18  
ARG C   O    doub N N 19  
ARG C   OXT  sing N N 20  
ARG CB  CG   sing N N 21  
ARG CB  HB2  sing N N 22  
ARG CB  HB3  sing N N 23  
ARG CG  CD   sing N N 24  
ARG CG  HG2  sing N N 25  
ARG CG  HG3  sing N N 26  
ARG CD  NE   sing N N 27  
ARG CD  HD2  sing N N 28  
ARG CD  HD3  sing N N 29  
ARG NE  CZ   sing N N 30  
ARG NE  HE   sing N N 31  
ARG CZ  NH1  sing N N 32  
ARG CZ  NH2  doub N N 33  
ARG NH1 HH11 sing N N 34  
ARG NH1 HH12 sing N N 35  
ARG NH2 HH21 sing N N 36  
ARG NH2 HH22 sing N N 37  
ARG OXT HXT  sing N N 38  
ASN N   CA   sing N N 39  
ASN N   H    sing N N 40  
ASN N   H2   sing N N 41  
ASN CA  C    sing N N 42  
ASN CA  CB   sing N N 43  
ASN CA  HA   sing N N 44  
ASN C   O    doub N N 45  
ASN C   OXT  sing N N 46  
ASN CB  CG   sing N N 47  
ASN CB  HB2  sing N N 48  
ASN CB  HB3  sing N N 49  
ASN CG  OD1  doub N N 50  
ASN CG  ND2  sing N N 51  
ASN ND2 HD21 sing N N 52  
ASN ND2 HD22 sing N N 53  
ASN OXT HXT  sing N N 54  
ASP N   CA   sing N N 55  
ASP N   H    sing N N 56  
ASP N   H2   sing N N 57  
ASP CA  C    sing N N 58  
ASP CA  CB   sing N N 59  
ASP CA  HA   sing N N 60  
ASP C   O    doub N N 61  
ASP C   OXT  sing N N 62  
ASP CB  CG   sing N N 63  
ASP CB  HB2  sing N N 64  
ASP CB  HB3  sing N N 65  
ASP CG  OD1  doub N N 66  
ASP CG  OD2  sing N N 67  
ASP OD2 HD2  sing N N 68  
ASP OXT HXT  sing N N 69  
GLN N   CA   sing N N 70  
GLN N   H    sing N N 71  
GLN N   H2   sing N N 72  
GLN CA  C    sing N N 73  
GLN CA  CB   sing N N 74  
GLN CA  HA   sing N N 75  
GLN C   O    doub N N 76  
GLN C   OXT  sing N N 77  
GLN CB  CG   sing N N 78  
GLN CB  HB2  sing N N 79  
GLN CB  HB3  sing N N 80  
GLN CG  CD   sing N N 81  
GLN CG  HG2  sing N N 82  
GLN CG  HG3  sing N N 83  
GLN CD  OE1  doub N N 84  
GLN CD  NE2  sing N N 85  
GLN NE2 HE21 sing N N 86  
GLN NE2 HE22 sing N N 87  
GLN OXT HXT  sing N N 88  
GLU N   CA   sing N N 89  
GLU N   H    sing N N 90  
GLU N   H2   sing N N 91  
GLU CA  C    sing N N 92  
GLU CA  CB   sing N N 93  
GLU CA  HA   sing N N 94  
GLU C   O    doub N N 95  
GLU C   OXT  sing N N 96  
GLU CB  CG   sing N N 97  
GLU CB  HB2  sing N N 98  
GLU CB  HB3  sing N N 99  
GLU CG  CD   sing N N 100 
GLU CG  HG2  sing N N 101 
GLU CG  HG3  sing N N 102 
GLU CD  OE1  doub N N 103 
GLU CD  OE2  sing N N 104 
GLU OE2 HE2  sing N N 105 
GLU OXT HXT  sing N N 106 
GLY N   CA   sing N N 107 
GLY N   H    sing N N 108 
GLY N   H2   sing N N 109 
GLY CA  C    sing N N 110 
GLY CA  HA2  sing N N 111 
GLY CA  HA3  sing N N 112 
GLY C   O    doub N N 113 
GLY C   OXT  sing N N 114 
GLY OXT HXT  sing N N 115 
HIS N   CA   sing N N 116 
HIS N   H    sing N N 117 
HIS N   H2   sing N N 118 
HIS CA  C    sing N N 119 
HIS CA  CB   sing N N 120 
HIS CA  HA   sing N N 121 
HIS C   O    doub N N 122 
HIS C   OXT  sing N N 123 
HIS CB  CG   sing N N 124 
HIS CB  HB2  sing N N 125 
HIS CB  HB3  sing N N 126 
HIS CG  ND1  sing Y N 127 
HIS CG  CD2  doub Y N 128 
HIS ND1 CE1  doub Y N 129 
HIS ND1 HD1  sing N N 130 
HIS CD2 NE2  sing Y N 131 
HIS CD2 HD2  sing N N 132 
HIS CE1 NE2  sing Y N 133 
HIS CE1 HE1  sing N N 134 
HIS NE2 HE2  sing N N 135 
HIS OXT HXT  sing N N 136 
HOH O   H1   sing N N 137 
HOH O   H2   sing N N 138 
ILE N   CA   sing N N 139 
ILE N   H    sing N N 140 
ILE N   H2   sing N N 141 
ILE CA  C    sing N N 142 
ILE CA  CB   sing N N 143 
ILE CA  HA   sing N N 144 
ILE C   O    doub N N 145 
ILE C   OXT  sing N N 146 
ILE CB  CG1  sing N N 147 
ILE CB  CG2  sing N N 148 
ILE CB  HB   sing N N 149 
ILE CG1 CD1  sing N N 150 
ILE CG1 HG12 sing N N 151 
ILE CG1 HG13 sing N N 152 
ILE CG2 HG21 sing N N 153 
ILE CG2 HG22 sing N N 154 
ILE CG2 HG23 sing N N 155 
ILE CD1 HD11 sing N N 156 
ILE CD1 HD12 sing N N 157 
ILE CD1 HD13 sing N N 158 
ILE OXT HXT  sing N N 159 
LEU N   CA   sing N N 160 
LEU N   H    sing N N 161 
LEU N   H2   sing N N 162 
LEU CA  C    sing N N 163 
LEU CA  CB   sing N N 164 
LEU CA  HA   sing N N 165 
LEU C   O    doub N N 166 
LEU C   OXT  sing N N 167 
LEU CB  CG   sing N N 168 
LEU CB  HB2  sing N N 169 
LEU CB  HB3  sing N N 170 
LEU CG  CD1  sing N N 171 
LEU CG  CD2  sing N N 172 
LEU CG  HG   sing N N 173 
LEU CD1 HD11 sing N N 174 
LEU CD1 HD12 sing N N 175 
LEU CD1 HD13 sing N N 176 
LEU CD2 HD21 sing N N 177 
LEU CD2 HD22 sing N N 178 
LEU CD2 HD23 sing N N 179 
LEU OXT HXT  sing N N 180 
LYS N   CA   sing N N 181 
LYS N   H    sing N N 182 
LYS N   H2   sing N N 183 
LYS CA  C    sing N N 184 
LYS CA  CB   sing N N 185 
LYS CA  HA   sing N N 186 
LYS C   O    doub N N 187 
LYS C   OXT  sing N N 188 
LYS CB  CG   sing N N 189 
LYS CB  HB2  sing N N 190 
LYS CB  HB3  sing N N 191 
LYS CG  CD   sing N N 192 
LYS CG  HG2  sing N N 193 
LYS CG  HG3  sing N N 194 
LYS CD  CE   sing N N 195 
LYS CD  HD2  sing N N 196 
LYS CD  HD3  sing N N 197 
LYS CE  NZ   sing N N 198 
LYS CE  HE2  sing N N 199 
LYS CE  HE3  sing N N 200 
LYS NZ  HZ1  sing N N 201 
LYS NZ  HZ2  sing N N 202 
LYS NZ  HZ3  sing N N 203 
LYS OXT HXT  sing N N 204 
MET N   CA   sing N N 205 
MET N   H    sing N N 206 
MET N   H2   sing N N 207 
MET CA  C    sing N N 208 
MET CA  CB   sing N N 209 
MET CA  HA   sing N N 210 
MET C   O    doub N N 211 
MET C   OXT  sing N N 212 
MET CB  CG   sing N N 213 
MET CB  HB2  sing N N 214 
MET CB  HB3  sing N N 215 
MET CG  SD   sing N N 216 
MET CG  HG2  sing N N 217 
MET CG  HG3  sing N N 218 
MET SD  CE   sing N N 219 
MET CE  HE1  sing N N 220 
MET CE  HE2  sing N N 221 
MET CE  HE3  sing N N 222 
MET OXT HXT  sing N N 223 
PHE N   CA   sing N N 224 
PHE N   H    sing N N 225 
PHE N   H2   sing N N 226 
PHE CA  C    sing N N 227 
PHE CA  CB   sing N N 228 
PHE CA  HA   sing N N 229 
PHE C   O    doub N N 230 
PHE C   OXT  sing N N 231 
PHE CB  CG   sing N N 232 
PHE CB  HB2  sing N N 233 
PHE CB  HB3  sing N N 234 
PHE CG  CD1  doub Y N 235 
PHE CG  CD2  sing Y N 236 
PHE CD1 CE1  sing Y N 237 
PHE CD1 HD1  sing N N 238 
PHE CD2 CE2  doub Y N 239 
PHE CD2 HD2  sing N N 240 
PHE CE1 CZ   doub Y N 241 
PHE CE1 HE1  sing N N 242 
PHE CE2 CZ   sing Y N 243 
PHE CE2 HE2  sing N N 244 
PHE CZ  HZ   sing N N 245 
PHE OXT HXT  sing N N 246 
PRO N   CA   sing N N 247 
PRO N   CD   sing N N 248 
PRO N   H    sing N N 249 
PRO CA  C    sing N N 250 
PRO CA  CB   sing N N 251 
PRO CA  HA   sing N N 252 
PRO C   O    doub N N 253 
PRO C   OXT  sing N N 254 
PRO CB  CG   sing N N 255 
PRO CB  HB2  sing N N 256 
PRO CB  HB3  sing N N 257 
PRO CG  CD   sing N N 258 
PRO CG  HG2  sing N N 259 
PRO CG  HG3  sing N N 260 
PRO CD  HD2  sing N N 261 
PRO CD  HD3  sing N N 262 
PRO OXT HXT  sing N N 263 
SER N   CA   sing N N 264 
SER N   H    sing N N 265 
SER N   H2   sing N N 266 
SER CA  C    sing N N 267 
SER CA  CB   sing N N 268 
SER CA  HA   sing N N 269 
SER C   O    doub N N 270 
SER C   OXT  sing N N 271 
SER CB  OG   sing N N 272 
SER CB  HB2  sing N N 273 
SER CB  HB3  sing N N 274 
SER OG  HG   sing N N 275 
SER OXT HXT  sing N N 276 
THR N   CA   sing N N 277 
THR N   H    sing N N 278 
THR N   H2   sing N N 279 
THR CA  C    sing N N 280 
THR CA  CB   sing N N 281 
THR CA  HA   sing N N 282 
THR C   O    doub N N 283 
THR C   OXT  sing N N 284 
THR CB  OG1  sing N N 285 
THR CB  CG2  sing N N 286 
THR CB  HB   sing N N 287 
THR OG1 HG1  sing N N 288 
THR CG2 HG21 sing N N 289 
THR CG2 HG22 sing N N 290 
THR CG2 HG23 sing N N 291 
THR OXT HXT  sing N N 292 
TRP N   CA   sing N N 293 
TRP N   H    sing N N 294 
TRP N   H2   sing N N 295 
TRP CA  C    sing N N 296 
TRP CA  CB   sing N N 297 
TRP CA  HA   sing N N 298 
TRP C   O    doub N N 299 
TRP C   OXT  sing N N 300 
TRP CB  CG   sing N N 301 
TRP CB  HB2  sing N N 302 
TRP CB  HB3  sing N N 303 
TRP CG  CD1  doub Y N 304 
TRP CG  CD2  sing Y N 305 
TRP CD1 NE1  sing Y N 306 
TRP CD1 HD1  sing N N 307 
TRP CD2 CE2  doub Y N 308 
TRP CD2 CE3  sing Y N 309 
TRP NE1 CE2  sing Y N 310 
TRP NE1 HE1  sing N N 311 
TRP CE2 CZ2  sing Y N 312 
TRP CE3 CZ3  doub Y N 313 
TRP CE3 HE3  sing N N 314 
TRP CZ2 CH2  doub Y N 315 
TRP CZ2 HZ2  sing N N 316 
TRP CZ3 CH2  sing Y N 317 
TRP CZ3 HZ3  sing N N 318 
TRP CH2 HH2  sing N N 319 
TRP OXT HXT  sing N N 320 
TYR N   CA   sing N N 321 
TYR N   H    sing N N 322 
TYR N   H2   sing N N 323 
TYR CA  C    sing N N 324 
TYR CA  CB   sing N N 325 
TYR CA  HA   sing N N 326 
TYR C   O    doub N N 327 
TYR C   OXT  sing N N 328 
TYR CB  CG   sing N N 329 
TYR CB  HB2  sing N N 330 
TYR CB  HB3  sing N N 331 
TYR CG  CD1  doub Y N 332 
TYR CG  CD2  sing Y N 333 
TYR CD1 CE1  sing Y N 334 
TYR CD1 HD1  sing N N 335 
TYR CD2 CE2  doub Y N 336 
TYR CD2 HD2  sing N N 337 
TYR CE1 CZ   doub Y N 338 
TYR CE1 HE1  sing N N 339 
TYR CE2 CZ   sing Y N 340 
TYR CE2 HE2  sing N N 341 
TYR CZ  OH   sing N N 342 
TYR OH  HH   sing N N 343 
TYR OXT HXT  sing N N 344 
VAL N   CA   sing N N 345 
VAL N   H    sing N N 346 
VAL N   H2   sing N N 347 
VAL CA  C    sing N N 348 
VAL CA  CB   sing N N 349 
VAL CA  HA   sing N N 350 
VAL C   O    doub N N 351 
VAL C   OXT  sing N N 352 
VAL CB  CG1  sing N N 353 
VAL CB  CG2  sing N N 354 
VAL CB  HB   sing N N 355 
VAL CG1 HG11 sing N N 356 
VAL CG1 HG12 sing N N 357 
VAL CG1 HG13 sing N N 358 
VAL CG2 HG21 sing N N 359 
VAL CG2 HG22 sing N N 360 
VAL CG2 HG23 sing N N 361 
VAL OXT HXT  sing N N 362 
# 
_pdbx_entity_nonpoly.entity_id   2 
_pdbx_entity_nonpoly.name        water 
_pdbx_entity_nonpoly.comp_id     HOH 
# 
_pdbx_initial_refinement_model.id               1 
_pdbx_initial_refinement_model.entity_id_list   ? 
_pdbx_initial_refinement_model.type             'experimental model' 
_pdbx_initial_refinement_model.source_name      PDB 
_pdbx_initial_refinement_model.accession_code   1SRU 
_pdbx_initial_refinement_model.details          ? 
# 
